data_3DDS
#
_entry.id   3DDS
#
_cell.length_a   124.403
_cell.length_b   124.403
_cell.length_c   123.614
_cell.angle_alpha   90.00
_cell.angle_beta   90.00
_cell.angle_gamma   120.00
#
_symmetry.space_group_name_H-M   'P 31'
#
loop_
_entity.id
_entity.type
_entity.pdbx_description
1 polymer 'Glycogen phosphorylase, liver form'
2 non-polymer N-acetyl-beta-D-glucopyranosylamine
3 non-polymer 'PHOSPHATE ION'
4 non-polymer "PYRIDOXAL-5'-PHOSPHATE"
5 non-polymer CAFFEINE
6 non-polymer O-tert-butyl-N-[(3-{[(2,4,6-trimethylphenyl)carbamoyl]amino}naphthalen-2-yl)carbonyl]-L-threonine
7 non-polymer (4S)-2-METHYL-2,4-PENTANEDIOL
8 non-polymer '2-(N-MORPHOLINO)-ETHANESULFONIC ACID'
9 water water
#
_entity_poly.entity_id   1
_entity_poly.type   'polypeptide(L)'
_entity_poly.pdbx_seq_one_letter_code
;GGAKPLTDQEKRRQI(SEP)IRGIVGVENVAELKKSFNRHLHFTLVKDRNVATTRDYYFALAHTVRDHLVGRWIRTQQHY
YDKCPKRVYYLSLEFYMGRTLQNTMINLGLQNACDEAIYQLGLDIEELEEIEEDAGLGNGGLGRLAACFLDSMATLGLAA
YGYGIRYEYGIFNQKIRDGWQVEEADDWLRYGNPWEKSRPEFMLPVHFYGKVEHTNTGTKWIDTQVVLALPYDTPVPGYM
NNTVNTMRLWSARAPNDFNLRDFNVGDYIQAVLDRNLAENISRVLYPNDNFFEGKELRLKQEYFVVAATLQDIIRRFKAS
KFGSTRGAGTVFDAFPDQVAIQLNDTHPALAIPELMRIFVDIEKLPWSKAWELTQKTFAYTNHTVLPEALERWPVDLVEK
LLPRHLEIIYEINQKHLDRIVALFPKDVDRLRRMSLIEEEGSKRINMAHLCIVGSHAVNGVAKIHSDIVKTKVFKDFSEL
EPDKFQNKTNGITPRRWLLLCNPGLAELIAEKIGEDYVKDLSQLTKLHSFLGDDVFLRELAKVKQENKLKFSQFLETEYK
VKINPSSMFDVQVKRIHEYKRQLLNCLHVITMYNRIKKDPKKLFVPRTVIIGGKAAPGYHMAKMIIKLITSVADVVNNDP
MVGSKLKVIFLENYRVSLAEKVIPATDLSEQISTAGTEASGTGNMKFMLNGALTIGTMDGANVEMAEEAGEENLFIFGMR
IDDVAALDKKGYEAKEYYEALPELKLVIDQIDNGFFSPKQPDLFKDIINMLFYHDRFKVFADYEAYVKCQDKVSQLYMNP
KAWNTMVLKNIAASGKFSSDRTIKEYAQNIWNVEPSDLKISLSNESNKVNGN
;
_entity_poly.pdbx_strand_id   A,B
#
loop_
_chem_comp.id
_chem_comp.type
_chem_comp.name
_chem_comp.formula
CFF non-polymer CAFFEINE 'C8 H10 N4 O2'
MES non-polymer '2-(N-MORPHOLINO)-ETHANESULFONIC ACID' 'C6 H13 N O4 S'
MPD non-polymer (4S)-2-METHYL-2,4-PENTANEDIOL 'C6 H14 O2'
NBG D-saccharide N-acetyl-beta-D-glucopyranosylamine 'C8 H15 N O6'
PLP non-polymer PYRIDOXAL-5'-PHOSPHATE 'C8 H10 N O6 P'
PO4 non-polymer 'PHOSPHATE ION' 'O4 P -3'
#
# COMPACT_ATOMS: atom_id res chain seq x y z
N GLN A 14 21.04 -24.18 21.32
CA GLN A 14 20.45 -23.89 19.98
C GLN A 14 20.47 -25.11 19.06
N ILE A 15 19.80 -25.00 17.91
CA ILE A 15 19.61 -26.12 17.00
C ILE A 15 20.94 -26.60 16.38
N SEP A 16 21.14 -27.92 16.41
CA SEP A 16 22.41 -28.52 16.03
CB SEP A 16 22.55 -29.91 16.67
OG SEP A 16 22.65 -29.78 18.08
C SEP A 16 22.59 -28.63 14.52
O SEP A 16 21.60 -28.74 13.79
P SEP A 16 22.39 -31.17 18.87
O1P SEP A 16 23.34 -32.33 18.27
O2P SEP A 16 22.71 -30.94 20.42
O3P SEP A 16 20.85 -31.61 18.68
N ILE A 17 23.83 -28.57 14.07
CA ILE A 17 24.16 -28.65 12.64
C ILE A 17 24.93 -29.92 12.23
N ARG A 18 25.52 -30.63 13.20
CA ARG A 18 26.25 -31.85 12.90
C ARG A 18 25.65 -33.08 13.59
N GLY A 19 25.90 -34.24 13.00
CA GLY A 19 25.20 -35.47 13.38
C GLY A 19 24.01 -35.71 12.46
N ILE A 20 23.36 -36.87 12.63
CA ILE A 20 22.24 -37.27 11.77
C ILE A 20 21.14 -36.22 11.75
N VAL A 21 20.66 -35.85 12.93
CA VAL A 21 19.57 -34.88 13.07
C VAL A 21 20.02 -33.48 12.64
N GLY A 22 21.24 -33.10 13.02
CA GLY A 22 21.79 -31.77 12.69
C GLY A 22 21.95 -31.55 11.19
N VAL A 23 22.39 -32.59 10.48
CA VAL A 23 22.48 -32.53 9.03
C VAL A 23 21.08 -32.34 8.41
N GLU A 24 20.07 -32.99 9.00
CA GLU A 24 18.70 -32.88 8.50
C GLU A 24 18.09 -31.50 8.79
N ASN A 25 18.45 -30.90 9.92
CA ASN A 25 18.01 -29.53 10.25
C ASN A 25 18.43 -28.54 9.18
N VAL A 26 19.72 -28.57 8.84
CA VAL A 26 20.28 -27.71 7.80
C VAL A 26 19.66 -28.04 6.45
N ALA A 27 19.52 -29.34 6.16
CA ALA A 27 18.89 -29.81 4.92
C ALA A 27 17.47 -29.24 4.74
N GLU A 28 16.66 -29.29 5.80
CA GLU A 28 15.30 -28.73 5.77
C GLU A 28 15.29 -27.23 5.52
N LEU A 29 16.19 -26.51 6.21
CA LEU A 29 16.30 -25.06 6.04
C LEU A 29 16.65 -24.70 4.59
N LYS A 30 17.62 -25.42 4.01
CA LYS A 30 17.97 -25.22 2.60
C LYS A 30 16.78 -25.52 1.68
N LYS A 31 16.08 -26.62 1.95
CA LYS A 31 14.88 -26.95 1.17
C LYS A 31 13.81 -25.85 1.25
N SER A 32 13.59 -25.32 2.45
CA SER A 32 12.58 -24.28 2.67
C SER A 32 12.96 -22.97 1.97
N PHE A 33 14.25 -22.62 2.05
CA PHE A 33 14.80 -21.46 1.37
C PHE A 33 14.50 -21.54 -0.13
N ASN A 34 14.84 -22.67 -0.74
CA ASN A 34 14.62 -22.87 -2.16
C ASN A 34 13.14 -22.88 -2.54
N ARG A 35 12.31 -23.43 -1.66
CA ARG A 35 10.87 -23.40 -1.89
C ARG A 35 10.33 -21.97 -1.87
N HIS A 36 10.76 -21.16 -0.91
CA HIS A 36 10.35 -19.74 -0.89
C HIS A 36 10.83 -18.94 -2.11
N LEU A 37 12.08 -19.14 -2.53
CA LEU A 37 12.59 -18.45 -3.72
C LEU A 37 11.70 -18.78 -4.92
N HIS A 38 11.36 -20.05 -5.05
CA HIS A 38 10.56 -20.55 -6.18
C HIS A 38 9.10 -20.11 -6.09
N PHE A 39 8.41 -20.54 -5.04
CA PHE A 39 6.95 -20.35 -4.91
C PHE A 39 6.49 -18.98 -4.38
N THR A 40 7.29 -18.38 -3.48
CA THR A 40 6.90 -17.12 -2.85
C THR A 40 7.44 -15.93 -3.64
N LEU A 41 8.69 -16.01 -4.07
CA LEU A 41 9.32 -14.92 -4.81
C LEU A 41 9.16 -15.09 -6.33
N VAL A 42 8.91 -16.32 -6.78
CA VAL A 42 8.66 -16.61 -8.20
C VAL A 42 9.87 -16.18 -9.04
N LYS A 43 11.04 -16.70 -8.64
CA LYS A 43 12.29 -16.46 -9.36
C LYS A 43 13.12 -17.72 -9.50
N ASP A 44 13.68 -17.91 -10.69
CA ASP A 44 14.70 -18.91 -10.92
C ASP A 44 16.00 -18.40 -10.30
N ARG A 45 16.83 -19.33 -9.82
CA ARG A 45 18.12 -18.97 -9.24
C ARG A 45 18.95 -18.13 -10.22
N ASN A 46 18.78 -18.37 -11.52
CA ASN A 46 19.54 -17.62 -12.55
C ASN A 46 19.23 -16.13 -12.64
N VAL A 47 18.10 -15.69 -12.11
CA VAL A 47 17.75 -14.27 -12.12
C VAL A 47 17.58 -13.69 -10.71
N ALA A 48 17.81 -14.49 -9.67
CA ALA A 48 17.64 -14.04 -8.28
C ALA A 48 18.77 -13.07 -7.88
N THR A 49 18.44 -12.17 -6.97
CA THR A 49 19.39 -11.18 -6.45
C THR A 49 19.55 -11.41 -4.96
N THR A 50 20.52 -10.70 -4.37
CA THR A 50 20.75 -10.74 -2.93
C THR A 50 19.47 -10.44 -2.14
N ARG A 51 18.71 -9.43 -2.60
CA ARG A 51 17.46 -9.08 -1.95
C ARG A 51 16.47 -10.24 -1.95
N ASP A 52 16.37 -10.95 -3.07
CA ASP A 52 15.50 -12.13 -3.14
C ASP A 52 15.93 -13.19 -2.14
N TYR A 53 17.24 -13.43 -2.04
CA TYR A 53 17.75 -14.35 -1.04
C TYR A 53 17.44 -13.89 0.39
N TYR A 54 17.56 -12.60 0.67
CA TYR A 54 17.17 -12.08 1.98
C TYR A 54 15.71 -12.48 2.28
N PHE A 55 14.81 -12.22 1.33
CA PHE A 55 13.39 -12.47 1.54
C PHE A 55 13.08 -13.96 1.67
N ALA A 56 13.76 -14.79 0.91
CA ALA A 56 13.59 -16.24 1.00
C ALA A 56 13.99 -16.74 2.39
N LEU A 57 15.12 -16.25 2.90
CA LEU A 57 15.55 -16.62 4.26
C LEU A 57 14.58 -16.08 5.31
N ALA A 58 14.15 -14.82 5.16
CA ALA A 58 13.22 -14.22 6.12
C ALA A 58 11.93 -15.03 6.24
N HIS A 59 11.37 -15.43 5.10
CA HIS A 59 10.16 -16.27 5.12
C HIS A 59 10.42 -17.63 5.77
N THR A 60 11.58 -18.21 5.50
CA THR A 60 11.96 -19.49 6.10
C THR A 60 12.03 -19.39 7.63
N VAL A 61 12.67 -18.33 8.12
CA VAL A 61 12.78 -18.09 9.56
C VAL A 61 11.42 -17.81 10.20
N ARG A 62 10.60 -16.97 9.57
CA ARG A 62 9.26 -16.67 10.11
C ARG A 62 8.43 -17.93 10.23
N ASP A 63 8.49 -18.78 9.20
CA ASP A 63 7.76 -20.06 9.24
C ASP A 63 8.11 -20.84 10.52
N HIS A 64 9.35 -20.75 10.97
CA HIS A 64 9.81 -21.49 12.15
C HIS A 64 9.25 -21.03 13.50
N LEU A 65 8.62 -19.86 13.54
CA LEU A 65 8.00 -19.40 14.79
C LEU A 65 6.46 -19.43 14.76
N VAL A 66 5.89 -19.78 13.61
CA VAL A 66 4.42 -19.76 13.47
C VAL A 66 3.75 -20.70 14.50
N GLY A 67 4.29 -21.90 14.67
CA GLY A 67 3.73 -22.86 15.63
C GLY A 67 3.66 -22.29 17.03
N ARG A 68 4.76 -21.71 17.50
CA ARG A 68 4.79 -21.09 18.82
C ARG A 68 3.93 -19.83 18.92
N TRP A 69 3.83 -19.09 17.82
CA TRP A 69 3.00 -17.87 17.80
C TRP A 69 1.54 -18.24 18.02
N ILE A 70 1.05 -19.22 17.26
CA ILE A 70 -0.30 -19.74 17.40
C ILE A 70 -0.52 -20.35 18.79
N ARG A 71 0.43 -21.16 19.24
CA ARG A 71 0.29 -21.82 20.55
C ARG A 71 0.34 -20.84 21.72
N THR A 72 1.11 -19.76 21.57
CA THR A 72 1.13 -18.69 22.57
C THR A 72 -0.25 -18.05 22.69
N GLN A 73 -0.88 -17.75 21.56
CA GLN A 73 -2.25 -17.18 21.58
C GLN A 73 -3.24 -18.15 22.23
N GLN A 74 -3.13 -19.43 21.90
CA GLN A 74 -4.00 -20.45 22.47
C GLN A 74 -3.81 -20.54 23.99
N HIS A 75 -2.55 -20.50 24.42
CA HIS A 75 -2.21 -20.56 25.84
C HIS A 75 -2.81 -19.40 26.63
N TYR A 76 -2.71 -18.19 26.08
CA TYR A 76 -3.26 -17.03 26.78
C TYR A 76 -4.77 -17.14 26.87
N TYR A 77 -5.41 -17.63 25.80
CA TYR A 77 -6.85 -17.91 25.84
C TYR A 77 -7.21 -19.00 26.85
N ASP A 78 -6.45 -20.09 26.88
CA ASP A 78 -6.76 -21.23 27.75
C ASP A 78 -6.58 -20.93 29.25
N LYS A 79 -5.46 -20.28 29.61
CA LYS A 79 -5.10 -20.07 31.02
C LYS A 79 -5.40 -18.67 31.59
N CYS A 80 -5.78 -17.72 30.74
N CYS A 80 -5.82 -17.77 30.70
CA CYS A 80 -6.21 -16.39 31.19
CA CYS A 80 -6.15 -16.38 31.03
C CYS A 80 -5.22 -15.65 32.10
C CYS A 80 -5.23 -15.73 32.07
N PRO A 81 -3.93 -15.65 31.76
CA PRO A 81 -3.04 -14.85 32.58
C PRO A 81 -3.42 -13.37 32.39
N LYS A 82 -3.15 -12.52 33.38
CA LYS A 82 -3.39 -11.10 33.21
C LYS A 82 -2.49 -10.59 32.09
N ARG A 83 -3.05 -9.79 31.20
CA ARG A 83 -2.35 -9.32 30.02
C ARG A 83 -1.76 -7.93 30.22
N VAL A 84 -0.59 -7.70 29.63
CA VAL A 84 0.06 -6.40 29.69
C VAL A 84 0.04 -5.81 28.29
N TYR A 85 -0.49 -4.60 28.17
CA TYR A 85 -0.58 -3.92 26.91
C TYR A 85 0.28 -2.66 26.95
N TYR A 86 1.35 -2.66 26.15
CA TYR A 86 2.30 -1.56 26.13
C TYR A 86 1.94 -0.61 25.00
N LEU A 87 1.34 0.51 25.37
CA LEU A 87 0.74 1.44 24.41
C LEU A 87 1.70 2.61 24.15
N SER A 88 2.18 2.69 22.91
CA SER A 88 3.23 3.63 22.56
C SER A 88 3.05 4.15 21.14
N LEU A 89 3.36 5.43 20.94
CA LEU A 89 3.35 6.01 19.58
C LEU A 89 4.58 5.56 18.78
N GLU A 90 5.54 4.96 19.47
CA GLU A 90 6.82 4.59 18.87
C GLU A 90 7.34 3.19 19.26
N PHE A 91 7.81 2.44 18.26
CA PHE A 91 8.56 1.20 18.47
C PHE A 91 9.77 1.22 17.54
N TYR A 92 10.96 1.37 18.11
CA TYR A 92 12.18 1.61 17.35
C TYR A 92 12.89 0.26 17.25
N MET A 93 12.38 -0.58 16.35
CA MET A 93 12.69 -2.02 16.36
C MET A 93 13.99 -2.40 15.65
N GLY A 94 14.47 -1.58 14.72
CA GLY A 94 15.65 -1.94 13.92
C GLY A 94 15.33 -3.09 12.98
N ARG A 95 16.33 -3.91 12.65
CA ARG A 95 16.18 -5.06 11.76
C ARG A 95 15.77 -6.32 12.56
N THR A 96 15.05 -7.22 11.91
CA THR A 96 14.45 -8.36 12.60
C THR A 96 15.08 -9.73 12.32
N LEU A 97 15.71 -9.92 11.16
CA LEU A 97 16.19 -11.26 10.78
C LEU A 97 17.14 -11.90 11.80
N GLN A 98 18.24 -11.24 12.11
CA GLN A 98 19.23 -11.86 12.98
C GLN A 98 18.70 -12.02 14.40
N ASN A 99 17.98 -11.02 14.90
CA ASN A 99 17.39 -11.10 16.23
C ASN A 99 16.49 -12.31 16.39
N THR A 100 15.69 -12.57 15.35
CA THR A 100 14.76 -13.69 15.35
C THR A 100 15.51 -15.03 15.30
N MET A 101 16.49 -15.13 14.42
CA MET A 101 17.30 -16.36 14.33
C MET A 101 17.94 -16.68 15.68
N ILE A 102 18.54 -15.68 16.31
CA ILE A 102 19.19 -15.84 17.61
C ILE A 102 18.18 -16.29 18.67
N ASN A 103 17.06 -15.58 18.80
CA ASN A 103 16.08 -15.92 19.84
C ASN A 103 15.45 -17.29 19.67
N LEU A 104 15.32 -17.74 18.41
CA LEU A 104 14.78 -19.07 18.10
C LEU A 104 15.82 -20.20 18.19
N GLY A 105 17.09 -19.84 18.43
CA GLY A 105 18.17 -20.83 18.45
C GLY A 105 18.52 -21.36 17.07
N LEU A 106 18.24 -20.56 16.04
CA LEU A 106 18.37 -21.00 14.64
C LEU A 106 19.55 -20.38 13.90
N GLN A 107 20.32 -19.50 14.54
CA GLN A 107 21.36 -18.78 13.80
C GLN A 107 22.44 -19.69 13.22
N ASN A 108 22.95 -20.63 14.02
CA ASN A 108 23.99 -21.56 13.54
C ASN A 108 23.51 -22.38 12.33
N ALA A 109 22.30 -22.92 12.44
CA ALA A 109 21.71 -23.73 11.35
C ALA A 109 21.48 -22.92 10.08
N CYS A 110 20.87 -21.74 10.22
CA CYS A 110 20.66 -20.84 9.08
C CYS A 110 21.99 -20.39 8.46
N ASP A 111 22.95 -20.00 9.29
CA ASP A 111 24.29 -19.67 8.81
C ASP A 111 24.83 -20.80 7.94
N GLU A 112 24.68 -22.04 8.41
CA GLU A 112 25.23 -23.20 7.68
C GLU A 112 24.48 -23.43 6.38
N ALA A 113 23.16 -23.34 6.43
CA ALA A 113 22.34 -23.51 5.22
C ALA A 113 22.75 -22.51 4.14
N ILE A 114 22.89 -21.24 4.53
CA ILE A 114 23.20 -20.16 3.61
C ILE A 114 24.61 -20.32 3.04
N TYR A 115 25.55 -20.69 3.89
CA TYR A 115 26.92 -20.98 3.45
C TYR A 115 26.95 -22.10 2.40
N GLN A 116 26.25 -23.19 2.68
CA GLN A 116 26.20 -24.35 1.75
C GLN A 116 25.55 -24.00 0.42
N LEU A 117 24.63 -23.03 0.43
CA LEU A 117 24.02 -22.53 -0.80
C LEU A 117 24.93 -21.61 -1.62
N GLY A 118 26.12 -21.29 -1.09
CA GLY A 118 27.10 -20.46 -1.80
C GLY A 118 26.90 -18.97 -1.62
N LEU A 119 26.21 -18.59 -0.54
CA LEU A 119 25.83 -17.20 -0.30
C LEU A 119 26.53 -16.66 0.93
N ASP A 120 26.55 -15.34 1.03
CA ASP A 120 27.18 -14.60 2.13
C ASP A 120 26.11 -14.08 3.09
N ILE A 121 26.02 -14.67 4.27
CA ILE A 121 24.96 -14.33 5.25
C ILE A 121 24.97 -12.86 5.66
N GLU A 122 26.15 -12.27 5.82
CA GLU A 122 26.27 -10.86 6.16
C GLU A 122 25.59 -9.99 5.09
N GLU A 123 25.86 -10.31 3.83
CA GLU A 123 25.30 -9.57 2.71
C GLU A 123 23.75 -9.63 2.72
N LEU A 124 23.20 -10.82 2.95
CA LEU A 124 21.75 -10.97 3.07
C LEU A 124 21.20 -10.12 4.22
N GLU A 125 21.85 -10.20 5.38
CA GLU A 125 21.38 -9.48 6.57
C GLU A 125 21.40 -7.97 6.36
N GLU A 126 22.36 -7.48 5.59
CA GLU A 126 22.52 -6.04 5.34
C GLU A 126 21.48 -5.46 4.40
N ILE A 127 20.76 -6.31 3.67
CA ILE A 127 19.68 -5.90 2.77
C ILE A 127 18.47 -5.36 3.53
N GLU A 128 18.26 -5.84 4.77
CA GLU A 128 17.02 -5.51 5.49
C GLU A 128 16.96 -4.04 5.92
N GLU A 129 15.81 -3.41 5.69
CA GLU A 129 15.56 -2.04 6.16
C GLU A 129 15.28 -2.07 7.67
N ASP A 130 15.72 -1.04 8.39
CA ASP A 130 15.27 -0.86 9.78
C ASP A 130 13.77 -0.58 9.81
N ALA A 131 13.08 -1.13 10.80
CA ALA A 131 11.77 -0.60 11.19
C ALA A 131 12.06 0.56 12.11
N GLY A 132 12.18 1.75 11.53
CA GLY A 132 12.57 2.95 12.27
C GLY A 132 11.37 3.72 12.77
N LEU A 133 10.50 3.04 13.50
CA LEU A 133 9.22 3.64 13.90
C LEU A 133 9.36 4.36 15.25
N GLY A 134 10.49 5.02 15.43
CA GLY A 134 10.75 5.80 16.64
C GLY A 134 11.84 6.83 16.43
N ASN A 135 12.00 7.71 17.40
CA ASN A 135 12.93 8.85 17.31
C ASN A 135 14.25 8.60 18.01
N GLY A 136 14.18 7.89 19.14
CA GLY A 136 15.37 7.66 19.94
C GLY A 136 15.08 6.77 21.13
N GLY A 137 15.45 7.22 22.32
CA GLY A 137 15.41 6.38 23.52
C GLY A 137 14.05 5.86 23.96
N LEU A 138 13.03 6.69 23.81
CA LEU A 138 11.66 6.33 24.19
C LEU A 138 11.17 5.15 23.33
N GLY A 139 11.32 5.27 22.03
CA GLY A 139 10.91 4.23 21.10
C GLY A 139 11.74 2.97 21.22
N ARG A 140 13.03 3.14 21.49
CA ARG A 140 13.91 2.00 21.62
C ARG A 140 13.67 1.25 22.93
N LEU A 141 13.28 1.97 23.98
CA LEU A 141 12.91 1.34 25.26
C LEU A 141 11.72 0.40 25.03
N ALA A 142 10.71 0.86 24.28
CA ALA A 142 9.58 0.00 23.95
C ALA A 142 10.03 -1.28 23.26
N ALA A 143 10.98 -1.16 22.33
CA ALA A 143 11.50 -2.32 21.60
C ALA A 143 12.25 -3.31 22.50
N CYS A 144 13.15 -2.81 23.34
CA CYS A 144 13.82 -3.65 24.34
C CYS A 144 12.81 -4.33 25.26
N PHE A 145 11.82 -3.57 25.71
CA PHE A 145 10.77 -4.11 26.60
C PHE A 145 10.02 -5.27 25.95
N LEU A 146 9.66 -5.13 24.68
CA LEU A 146 8.99 -6.24 23.97
C LEU A 146 9.83 -7.52 24.01
N ASP A 147 11.13 -7.39 23.75
CA ASP A 147 12.04 -8.54 23.78
C ASP A 147 12.08 -9.18 25.18
N SER A 148 12.26 -8.34 26.20
CA SER A 148 12.33 -8.80 27.59
C SER A 148 11.00 -9.42 28.04
N MET A 149 9.88 -8.79 27.72
CA MET A 149 8.57 -9.34 28.13
C MET A 149 8.33 -10.72 27.51
N ALA A 150 8.75 -10.90 26.26
CA ALA A 150 8.61 -12.21 25.59
C ALA A 150 9.55 -13.25 26.23
N THR A 151 10.77 -12.82 26.51
CA THR A 151 11.78 -13.69 27.13
C THR A 151 11.38 -14.14 28.54
N LEU A 152 10.63 -13.30 29.25
CA LEU A 152 10.13 -13.62 30.60
C LEU A 152 8.74 -14.30 30.59
N GLY A 153 8.19 -14.56 29.41
CA GLY A 153 6.91 -15.27 29.29
C GLY A 153 5.67 -14.48 29.71
N LEU A 154 5.75 -13.15 29.71
CA LEU A 154 4.60 -12.34 30.06
C LEU A 154 3.62 -12.29 28.89
N ALA A 155 2.32 -12.26 29.20
CA ALA A 155 1.28 -12.16 28.17
C ALA A 155 1.12 -10.71 27.70
N ALA A 156 2.10 -10.25 26.92
CA ALA A 156 2.26 -8.84 26.62
C ALA A 156 2.18 -8.57 25.12
N TYR A 157 1.40 -7.56 24.75
CA TYR A 157 1.38 -7.06 23.38
C TYR A 157 1.81 -5.59 23.37
N GLY A 158 2.56 -5.22 22.33
CA GLY A 158 2.81 -3.82 22.05
C GLY A 158 1.77 -3.33 21.05
N TYR A 159 1.24 -2.15 21.30
CA TYR A 159 0.29 -1.50 20.40
C TYR A 159 0.81 -0.13 19.96
N GLY A 160 0.85 0.09 18.66
CA GLY A 160 1.35 1.34 18.10
C GLY A 160 0.76 1.63 16.73
N ILE A 161 1.46 2.49 15.98
CA ILE A 161 1.04 2.89 14.64
C ILE A 161 2.03 2.36 13.62
N ARG A 162 1.52 1.80 12.53
CA ARG A 162 2.34 1.37 11.41
C ARG A 162 2.55 2.55 10.47
N TYR A 163 3.55 3.37 10.77
CA TYR A 163 3.85 4.51 9.92
C TYR A 163 4.35 4.02 8.58
N GLU A 164 3.82 4.58 7.50
CA GLU A 164 4.34 4.28 6.16
C GLU A 164 5.78 4.77 6.04
N TYR A 165 6.08 5.89 6.71
CA TYR A 165 7.44 6.44 6.75
C TYR A 165 7.87 6.61 8.21
N GLY A 166 8.98 5.98 8.58
CA GLY A 166 9.54 6.11 9.93
C GLY A 166 10.40 7.35 10.02
N ILE A 167 11.35 7.34 10.96
CA ILE A 167 12.28 8.47 11.12
C ILE A 167 13.05 8.66 9.80
N PHE A 168 13.08 9.90 9.31
CA PHE A 168 13.69 10.22 8.02
C PHE A 168 15.12 9.68 7.91
N ASN A 169 15.51 9.35 6.68
CA ASN A 169 16.89 9.01 6.38
C ASN A 169 17.68 10.31 6.25
N GLN A 170 18.82 10.37 6.94
CA GLN A 170 19.62 11.61 7.01
C GLN A 170 20.80 11.50 6.08
N LYS A 171 20.97 12.52 5.25
CA LYS A 171 22.20 12.69 4.49
C LYS A 171 22.80 14.05 4.82
N ILE A 172 24.06 14.22 4.49
CA ILE A 172 24.77 15.49 4.69
C ILE A 172 25.11 16.04 3.31
N ARG A 173 24.72 17.28 3.06
CA ARG A 173 25.02 17.97 1.80
C ARG A 173 25.58 19.35 2.12
N ASP A 174 26.75 19.62 1.54
CA ASP A 174 27.55 20.82 1.86
C ASP A 174 27.63 21.02 3.38
N GLY A 175 27.82 19.93 4.11
CA GLY A 175 27.97 19.97 5.57
C GLY A 175 26.70 20.09 6.41
N TRP A 176 25.54 20.21 5.76
CA TRP A 176 24.26 20.36 6.45
C TRP A 176 23.43 19.07 6.37
N GLN A 177 22.63 18.82 7.40
CA GLN A 177 21.63 17.76 7.34
C GLN A 177 20.60 18.03 6.24
N VAL A 178 20.31 17.00 5.45
CA VAL A 178 19.13 16.99 4.59
C VAL A 178 18.33 15.72 4.92
N GLU A 179 17.01 15.78 4.72
CA GLU A 179 16.12 14.65 5.03
C GLU A 179 15.59 13.99 3.77
N GLU A 180 15.58 12.66 3.76
CA GLU A 180 14.86 11.90 2.74
C GLU A 180 13.79 11.04 3.40
N ALA A 181 12.70 10.81 2.69
CA ALA A 181 11.61 9.96 3.20
C ALA A 181 12.13 8.54 3.46
N ASP A 182 11.78 8.01 4.63
CA ASP A 182 12.17 6.66 5.04
C ASP A 182 11.16 5.65 4.49
N ASP A 183 11.32 5.31 3.22
CA ASP A 183 10.40 4.44 2.50
C ASP A 183 10.67 2.95 2.81
N TRP A 184 10.54 2.60 4.08
CA TRP A 184 10.96 1.28 4.56
C TRP A 184 10.13 0.11 4.04
N LEU A 185 8.95 0.38 3.51
CA LEU A 185 8.06 -0.68 3.02
C LEU A 185 8.13 -0.87 1.50
N ARG A 186 9.07 -0.19 0.84
CA ARG A 186 9.14 -0.22 -0.63
C ARG A 186 9.17 -1.64 -1.19
N TYR A 187 9.98 -2.50 -0.59
CA TYR A 187 10.13 -3.89 -1.03
C TYR A 187 9.29 -4.87 -0.20
N GLY A 188 8.38 -4.34 0.63
CA GLY A 188 7.56 -5.17 1.49
C GLY A 188 8.22 -5.46 2.83
N ASN A 189 7.47 -6.07 3.72
CA ASN A 189 7.93 -6.38 5.07
C ASN A 189 7.52 -7.83 5.36
N PRO A 190 8.49 -8.76 5.35
CA PRO A 190 8.18 -10.17 5.56
C PRO A 190 7.86 -10.51 7.02
N TRP A 191 8.06 -9.56 7.93
CA TRP A 191 7.87 -9.77 9.37
C TRP A 191 6.56 -9.22 9.92
N GLU A 192 5.63 -8.86 9.04
CA GLU A 192 4.30 -8.46 9.49
C GLU A 192 3.26 -9.31 8.78
N LYS A 193 2.11 -9.50 9.43
CA LYS A 193 0.96 -10.12 8.79
C LYS A 193 -0.20 -9.14 8.87
N SER A 194 -0.63 -8.66 7.71
N SER A 194 -0.66 -8.69 7.70
CA SER A 194 -1.81 -7.81 7.62
CA SER A 194 -1.80 -7.78 7.60
C SER A 194 -3.01 -8.62 8.09
C SER A 194 -3.09 -8.53 7.94
N ARG A 195 -3.88 -7.99 8.87
CA ARG A 195 -5.10 -8.65 9.33
C ARG A 195 -6.32 -7.73 9.21
N PRO A 196 -6.74 -7.39 7.97
CA PRO A 196 -7.86 -6.44 7.81
C PRO A 196 -9.23 -6.90 8.38
N GLU A 197 -9.42 -8.19 8.59
N GLU A 197 -9.39 -8.20 8.55
CA GLU A 197 -10.67 -8.66 9.19
CA GLU A 197 -10.58 -8.76 9.21
C GLU A 197 -10.88 -8.08 10.60
C GLU A 197 -10.83 -8.22 10.62
N PHE A 198 -9.78 -7.74 11.27
CA PHE A 198 -9.86 -7.18 12.63
C PHE A 198 -9.91 -5.65 12.66
N MET A 199 -10.26 -5.04 11.54
N MET A 199 -10.30 -5.07 11.53
CA MET A 199 -10.31 -3.58 11.47
CA MET A 199 -10.43 -3.62 11.38
C MET A 199 -11.40 -3.05 12.39
C MET A 199 -11.44 -3.04 12.37
N LEU A 200 -11.15 -1.85 12.90
CA LEU A 200 -12.04 -1.18 13.84
C LEU A 200 -12.22 0.28 13.45
N PRO A 201 -13.40 0.85 13.72
CA PRO A 201 -13.68 2.24 13.40
C PRO A 201 -13.16 3.20 14.46
N VAL A 202 -12.65 4.34 14.01
CA VAL A 202 -12.23 5.44 14.87
C VAL A 202 -12.97 6.70 14.42
N HIS A 203 -13.50 7.46 15.39
CA HIS A 203 -14.36 8.61 15.10
C HIS A 203 -13.64 9.92 15.38
N PHE A 204 -13.92 10.93 14.55
CA PHE A 204 -13.36 12.28 14.70
C PHE A 204 -14.41 13.37 14.44
N TYR A 205 -14.16 14.55 15.00
CA TYR A 205 -15.01 15.74 14.81
C TYR A 205 -16.43 15.52 15.36
N GLY A 206 -17.46 15.87 14.60
CA GLY A 206 -18.83 15.72 15.08
C GLY A 206 -19.15 16.64 16.24
N LYS A 207 -20.17 16.27 17.02
CA LYS A 207 -20.59 17.09 18.16
C LYS A 207 -21.29 16.23 19.21
N VAL A 208 -21.44 16.80 20.41
CA VAL A 208 -22.09 16.11 21.51
C VAL A 208 -23.56 16.55 21.62
N GLU A 209 -24.43 15.57 21.81
CA GLU A 209 -25.85 15.81 22.00
C GLU A 209 -26.24 15.28 23.37
N HIS A 210 -26.91 16.12 24.16
CA HIS A 210 -27.38 15.73 25.49
C HIS A 210 -28.90 15.61 25.45
N THR A 211 -29.39 14.38 25.40
CA THR A 211 -30.82 14.08 25.18
C THR A 211 -31.38 13.17 26.27
N ASN A 212 -32.67 12.85 26.17
CA ASN A 212 -33.36 11.95 27.10
C ASN A 212 -32.70 10.57 27.24
N THR A 213 -32.10 10.08 26.16
CA THR A 213 -31.37 8.81 26.19
C THR A 213 -29.93 8.95 26.71
N GLY A 214 -29.48 10.18 26.95
CA GLY A 214 -28.13 10.43 27.50
C GLY A 214 -27.20 11.15 26.54
N THR A 215 -25.89 11.03 26.79
CA THR A 215 -24.87 11.73 26.00
C THR A 215 -24.45 10.92 24.78
N LYS A 216 -24.63 11.50 23.60
CA LYS A 216 -24.29 10.87 22.34
C LYS A 216 -23.25 11.71 21.63
N TRP A 217 -22.26 11.06 21.02
CA TRP A 217 -21.28 11.73 20.17
C TRP A 217 -21.69 11.45 18.73
N ILE A 218 -22.16 12.49 18.03
CA ILE A 218 -22.85 12.33 16.74
C ILE A 218 -22.20 13.09 15.60
N ASP A 219 -22.61 12.76 14.38
CA ASP A 219 -22.16 13.44 13.15
C ASP A 219 -20.65 13.37 12.95
N THR A 220 -20.03 12.29 13.43
CA THR A 220 -18.58 12.14 13.35
C THR A 220 -18.13 11.66 11.98
N GLN A 221 -16.85 11.89 11.67
CA GLN A 221 -16.20 11.31 10.50
C GLN A 221 -15.53 10.03 10.96
N VAL A 222 -15.52 9.01 10.11
CA VAL A 222 -14.98 7.71 10.48
C VAL A 222 -13.68 7.41 9.69
N VAL A 223 -12.69 6.87 10.40
CA VAL A 223 -11.48 6.33 9.82
C VAL A 223 -11.31 4.91 10.35
N LEU A 224 -10.92 3.99 9.48
CA LEU A 224 -10.73 2.60 9.87
C LEU A 224 -9.29 2.35 10.30
N ALA A 225 -9.12 1.52 11.31
CA ALA A 225 -7.81 1.12 11.80
C ALA A 225 -7.59 -0.34 11.42
N LEU A 226 -6.60 -0.60 10.57
N LEU A 226 -6.57 -0.59 10.58
CA LEU A 226 -6.30 -1.97 10.12
CA LEU A 226 -6.23 -1.93 10.08
C LEU A 226 -5.00 -2.42 10.78
C LEU A 226 -4.97 -2.40 10.80
N PRO A 227 -5.05 -3.53 11.54
CA PRO A 227 -3.86 -4.01 12.25
C PRO A 227 -2.91 -4.87 11.40
N TYR A 228 -1.61 -4.71 11.69
CA TYR A 228 -0.55 -5.53 11.15
C TYR A 228 0.21 -6.11 12.34
N ASP A 229 0.37 -7.43 12.35
CA ASP A 229 0.97 -8.13 13.48
C ASP A 229 2.38 -8.59 13.17
N THR A 230 3.31 -8.25 14.06
CA THR A 230 4.70 -8.69 13.96
C THR A 230 4.99 -9.59 15.15
N PRO A 231 5.65 -10.75 14.91
CA PRO A 231 5.96 -11.67 16.00
C PRO A 231 7.11 -11.15 16.86
N VAL A 232 7.01 -11.39 18.17
CA VAL A 232 8.02 -10.99 19.14
C VAL A 232 8.52 -12.25 19.88
N PRO A 233 9.59 -12.88 19.37
CA PRO A 233 10.06 -14.14 19.93
C PRO A 233 10.83 -13.94 21.23
N GLY A 234 10.50 -14.73 22.25
CA GLY A 234 11.29 -14.74 23.47
C GLY A 234 12.64 -15.39 23.18
N TYR A 235 13.66 -15.06 23.97
CA TYR A 235 14.97 -15.71 23.82
C TYR A 235 14.92 -17.13 24.40
N MET A 236 15.09 -18.13 23.53
CA MET A 236 15.20 -19.54 23.95
C MET A 236 14.08 -19.99 24.88
N ASN A 237 12.84 -19.71 24.47
CA ASN A 237 11.67 -20.26 25.15
C ASN A 237 10.55 -20.54 24.14
N ASN A 238 9.35 -20.83 24.62
CA ASN A 238 8.23 -21.17 23.72
C ASN A 238 7.30 -19.99 23.47
N THR A 239 7.69 -18.81 23.90
CA THR A 239 6.82 -17.65 23.80
C THR A 239 7.09 -16.85 22.53
N VAL A 240 6.02 -16.60 21.76
CA VAL A 240 6.05 -15.62 20.69
C VAL A 240 4.88 -14.65 20.91
N ASN A 241 5.21 -13.45 21.40
CA ASN A 241 4.25 -12.39 21.61
C ASN A 241 4.04 -11.58 20.34
N THR A 242 3.24 -10.51 20.43
CA THR A 242 2.82 -9.76 19.25
C THR A 242 3.07 -8.26 19.41
N MET A 243 3.48 -7.63 18.32
CA MET A 243 3.43 -6.18 18.18
C MET A 243 2.36 -5.89 17.14
N ARG A 244 1.27 -5.25 17.56
CA ARG A 244 0.17 -4.94 16.68
C ARG A 244 0.16 -3.45 16.37
N LEU A 245 0.37 -3.12 15.09
CA LEU A 245 0.49 -1.75 14.64
C LEU A 245 -0.66 -1.41 13.71
N TRP A 246 -1.30 -0.27 13.96
CA TRP A 246 -2.50 0.13 13.23
C TRP A 246 -2.16 1.02 12.06
N SER A 247 -2.83 0.78 10.94
CA SER A 247 -2.73 1.59 9.74
C SER A 247 -4.10 2.17 9.37
N ALA A 248 -4.14 3.44 8.98
CA ALA A 248 -5.40 4.16 8.75
C ALA A 248 -5.93 3.95 7.33
N ARG A 249 -7.24 3.71 7.21
CA ARG A 249 -7.88 3.53 5.90
C ARG A 249 -9.21 4.28 5.84
N ALA A 250 -9.59 4.74 4.65
CA ALA A 250 -10.87 5.41 4.47
C ALA A 250 -11.99 4.36 4.46
N PRO A 251 -13.16 4.69 5.03
CA PRO A 251 -14.28 3.75 4.95
C PRO A 251 -14.86 3.70 3.54
N ASN A 252 -15.47 2.56 3.18
CA ASN A 252 -16.02 2.39 1.83
C ASN A 252 -17.46 2.87 1.71
N ASP A 253 -18.06 3.25 2.85
CA ASP A 253 -19.41 3.83 2.91
C ASP A 253 -20.45 2.79 2.52
N GLY A 262 -20.46 15.82 -6.00
CA GLY A 262 -19.16 16.35 -6.39
C GLY A 262 -18.46 15.47 -7.41
N ASP A 263 -17.17 15.72 -7.63
CA ASP A 263 -16.38 14.96 -8.56
C ASP A 263 -16.07 13.59 -7.95
N TYR A 264 -16.52 12.54 -8.63
CA TYR A 264 -16.22 11.16 -8.26
C TYR A 264 -14.71 10.93 -8.10
N ILE A 265 -13.94 11.38 -9.09
CA ILE A 265 -12.48 11.18 -9.06
C ILE A 265 -11.86 11.84 -7.83
N GLN A 266 -12.22 13.10 -7.58
CA GLN A 266 -11.68 13.81 -6.42
C GLN A 266 -12.10 13.15 -5.11
N ALA A 267 -13.33 12.64 -5.04
CA ALA A 267 -13.80 11.92 -3.87
C ALA A 267 -12.92 10.69 -3.57
N VAL A 268 -12.54 9.97 -4.62
CA VAL A 268 -11.66 8.80 -4.45
C VAL A 268 -10.25 9.22 -4.01
N LEU A 269 -9.71 10.28 -4.64
CA LEU A 269 -8.39 10.79 -4.26
C LEU A 269 -8.37 11.28 -2.81
N ASP A 270 -9.47 11.86 -2.35
CA ASP A 270 -9.57 12.39 -1.00
C ASP A 270 -9.57 11.33 0.09
N ARG A 271 -9.69 10.06 -0.28
CA ARG A 271 -9.43 8.97 0.68
C ARG A 271 -8.02 9.07 1.27
N ASN A 272 -7.10 9.75 0.56
CA ASN A 272 -5.75 10.00 1.06
C ASN A 272 -5.71 10.72 2.41
N LEU A 273 -6.72 11.56 2.66
CA LEU A 273 -6.76 12.38 3.87
C LEU A 273 -6.90 11.54 5.15
N ALA A 274 -7.75 10.53 5.11
CA ALA A 274 -7.89 9.58 6.21
C ALA A 274 -6.61 8.77 6.38
N GLU A 275 -6.09 8.30 5.25
CA GLU A 275 -4.91 7.46 5.25
C GLU A 275 -3.65 8.24 5.69
N ASN A 276 -3.69 9.58 5.60
CA ASN A 276 -2.58 10.41 6.11
C ASN A 276 -2.34 10.30 7.61
N ILE A 277 -3.34 9.85 8.38
CA ILE A 277 -3.16 9.73 9.82
C ILE A 277 -1.96 8.86 10.18
N SER A 278 -1.77 7.75 9.47
CA SER A 278 -0.64 6.84 9.74
C SER A 278 0.52 6.99 8.75
N ARG A 279 0.59 8.11 8.04
CA ARG A 279 1.58 8.26 6.98
C ARG A 279 3.00 8.37 7.48
N VAL A 280 3.23 9.18 8.50
CA VAL A 280 4.61 9.51 8.89
C VAL A 280 4.79 9.79 10.38
N LEU A 281 5.87 9.24 10.92
CA LEU A 281 6.27 9.51 12.31
C LEU A 281 6.68 10.96 12.48
N TYR A 282 6.13 11.64 13.49
CA TYR A 282 6.62 12.99 13.83
C TYR A 282 8.05 12.87 14.34
N PRO A 283 9.01 13.53 13.66
CA PRO A 283 10.43 13.30 13.88
C PRO A 283 11.05 14.13 15.01
N ASN A 284 10.26 14.45 16.03
CA ASN A 284 10.71 15.24 17.19
C ASN A 284 11.08 14.33 18.36
N ASP A 285 12.25 14.60 18.93
CA ASP A 285 12.71 13.90 20.12
C ASP A 285 12.68 14.90 21.26
N ASN A 286 11.96 14.60 22.33
CA ASN A 286 11.87 15.52 23.48
C ASN A 286 11.41 16.92 23.09
N PHE A 287 10.35 16.99 22.28
CA PHE A 287 9.82 18.28 21.88
C PHE A 287 8.37 18.16 21.45
N PHE A 288 7.52 18.99 22.04
CA PHE A 288 6.09 18.98 21.75
C PHE A 288 5.74 19.93 20.62
N GLU A 289 5.10 19.39 19.58
CA GLU A 289 4.55 20.15 18.47
C GLU A 289 3.03 19.89 18.45
N GLY A 290 2.25 20.92 18.78
CA GLY A 290 0.81 20.78 18.90
C GLY A 290 0.03 20.80 17.59
N LYS A 291 0.39 19.92 16.66
CA LYS A 291 -0.27 19.85 15.36
C LYS A 291 -1.51 18.95 15.43
N GLU A 292 -2.55 19.36 14.72
CA GLU A 292 -3.79 18.57 14.62
C GLU A 292 -3.56 17.13 14.15
N LEU A 293 -2.69 16.93 13.17
CA LEU A 293 -2.46 15.59 12.63
C LEU A 293 -1.83 14.67 13.70
N ARG A 294 -0.95 15.23 14.52
CA ARG A 294 -0.37 14.50 15.65
C ARG A 294 -1.44 14.12 16.68
N LEU A 295 -2.36 15.03 16.98
CA LEU A 295 -3.47 14.71 17.90
C LEU A 295 -4.33 13.57 17.33
N LYS A 296 -4.60 13.62 16.02
CA LYS A 296 -5.33 12.54 15.36
C LYS A 296 -4.63 11.19 15.50
N GLN A 297 -3.30 11.17 15.33
CA GLN A 297 -2.50 9.95 15.54
C GLN A 297 -2.66 9.40 16.96
N GLU A 298 -2.57 10.28 17.94
CA GLU A 298 -2.71 9.90 19.33
C GLU A 298 -4.09 9.29 19.62
N TYR A 299 -5.16 9.93 19.14
CA TYR A 299 -6.50 9.36 19.38
C TYR A 299 -6.69 8.06 18.58
N PHE A 300 -6.18 8.03 17.35
CA PHE A 300 -6.28 6.86 16.47
C PHE A 300 -5.74 5.57 17.12
N VAL A 301 -4.50 5.62 17.61
CA VAL A 301 -3.88 4.46 18.23
C VAL A 301 -4.61 4.04 19.52
N VAL A 302 -5.02 5.03 20.32
CA VAL A 302 -5.76 4.79 21.56
C VAL A 302 -7.14 4.15 21.32
N ALA A 303 -7.92 4.71 20.39
CA ALA A 303 -9.29 4.22 20.13
C ALA A 303 -9.29 2.80 19.58
N ALA A 304 -8.46 2.55 18.57
CA ALA A 304 -8.34 1.20 18.00
C ALA A 304 -7.84 0.19 19.02
N THR A 305 -6.83 0.58 19.79
CA THR A 305 -6.23 -0.32 20.77
C THR A 305 -7.23 -0.71 21.88
N LEU A 306 -7.93 0.28 22.45
CA LEU A 306 -8.89 -0.01 23.55
C LEU A 306 -10.05 -0.88 23.06
N GLN A 307 -10.56 -0.61 21.85
CA GLN A 307 -11.60 -1.49 21.27
C GLN A 307 -11.12 -2.93 21.14
N ASP A 308 -9.88 -3.11 20.68
CA ASP A 308 -9.30 -4.45 20.52
C ASP A 308 -9.15 -5.18 21.85
N ILE A 309 -8.68 -4.46 22.86
CA ILE A 309 -8.46 -5.01 24.21
C ILE A 309 -9.79 -5.48 24.83
N ILE A 310 -10.82 -4.66 24.67
CA ILE A 310 -12.16 -4.95 25.21
C ILE A 310 -12.81 -6.13 24.48
N ARG A 311 -12.66 -6.14 23.16
CA ARG A 311 -13.12 -7.25 22.33
C ARG A 311 -12.49 -8.58 22.79
N ARG A 312 -11.18 -8.58 23.01
CA ARG A 312 -10.49 -9.77 23.48
C ARG A 312 -10.97 -10.20 24.87
N PHE A 313 -11.15 -9.22 25.76
CA PHE A 313 -11.70 -9.48 27.11
C PHE A 313 -13.09 -10.14 27.04
N LYS A 314 -13.98 -9.59 26.23
CA LYS A 314 -15.35 -10.10 26.08
C LYS A 314 -15.38 -11.53 25.52
N ALA A 315 -14.45 -11.84 24.63
CA ALA A 315 -14.33 -13.19 24.06
C ALA A 315 -13.68 -14.18 25.02
N SER A 316 -13.01 -13.67 26.06
CA SER A 316 -12.22 -14.49 26.97
C SER A 316 -13.11 -15.27 27.93
N LYS A 317 -12.50 -16.16 28.70
CA LYS A 317 -13.23 -16.92 29.73
C LYS A 317 -13.74 -16.03 30.86
N PHE A 318 -13.20 -14.82 30.98
CA PHE A 318 -13.68 -13.80 31.93
C PHE A 318 -14.83 -12.96 31.37
N GLY A 319 -15.16 -13.16 30.10
CA GLY A 319 -16.30 -12.48 29.50
C GLY A 319 -17.59 -13.05 30.05
N SER A 320 -18.45 -12.19 30.56
CA SER A 320 -19.79 -12.61 31.00
C SER A 320 -20.74 -11.42 31.00
N THR A 321 -22.03 -11.73 30.94
CA THR A 321 -23.06 -10.72 30.81
C THR A 321 -24.09 -10.86 31.93
N ARG A 322 -24.49 -9.72 32.49
CA ARG A 322 -25.63 -9.64 33.43
C ARG A 322 -26.70 -8.74 32.80
N GLY A 323 -27.78 -8.51 33.54
CA GLY A 323 -28.84 -7.61 33.10
C GLY A 323 -28.28 -6.27 32.65
N ALA A 324 -27.31 -5.77 33.41
CA ALA A 324 -26.69 -4.48 33.11
C ALA A 324 -25.65 -4.53 31.98
N GLY A 325 -25.51 -5.67 31.31
CA GLY A 325 -24.61 -5.82 30.16
C GLY A 325 -23.35 -6.61 30.53
N THR A 326 -22.28 -6.41 29.75
CA THR A 326 -21.00 -7.06 30.02
C THR A 326 -20.48 -6.62 31.38
N VAL A 327 -19.94 -7.58 32.14
CA VAL A 327 -19.41 -7.31 33.48
C VAL A 327 -17.92 -6.96 33.40
N PHE A 328 -17.55 -5.76 33.85
CA PHE A 328 -16.19 -5.27 33.76
C PHE A 328 -15.45 -5.26 35.10
N ASP A 329 -16.10 -5.80 36.15
CA ASP A 329 -15.50 -5.86 37.49
C ASP A 329 -14.09 -6.43 37.48
N ALA A 330 -13.88 -7.48 36.69
CA ALA A 330 -12.58 -8.18 36.64
C ALA A 330 -11.63 -7.64 35.57
N PHE A 331 -12.04 -6.59 34.85
CA PHE A 331 -11.25 -6.02 33.76
C PHE A 331 -9.82 -5.68 34.21
N PRO A 332 -9.65 -4.91 35.30
CA PRO A 332 -8.28 -4.61 35.73
C PRO A 332 -7.53 -5.78 36.37
N ASP A 333 -8.23 -6.88 36.66
CA ASP A 333 -7.56 -8.14 37.05
C ASP A 333 -7.03 -8.89 35.83
N GLN A 334 -7.52 -8.52 34.65
CA GLN A 334 -7.14 -9.20 33.40
C GLN A 334 -6.36 -8.31 32.42
N VAL A 335 -6.32 -7.01 32.70
CA VAL A 335 -5.77 -6.00 31.79
C VAL A 335 -4.96 -4.95 32.53
N ALA A 336 -3.70 -4.78 32.13
CA ALA A 336 -2.87 -3.64 32.50
C ALA A 336 -2.51 -2.92 31.21
N ILE A 337 -2.63 -1.58 31.20
CA ILE A 337 -2.22 -0.78 30.03
C ILE A 337 -1.17 0.23 30.50
N GLN A 338 0.04 0.14 29.93
CA GLN A 338 1.09 1.08 30.27
C GLN A 338 1.14 2.20 29.25
N LEU A 339 1.07 3.44 29.74
CA LEU A 339 1.15 4.61 28.89
C LEU A 339 2.61 5.04 28.76
N ASN A 340 3.16 4.89 27.55
CA ASN A 340 4.53 5.28 27.27
C ASN A 340 4.59 6.79 27.03
N ASP A 341 4.90 7.54 28.09
CA ASP A 341 4.82 9.02 28.10
C ASP A 341 3.35 9.42 28.02
N THR A 342 3.07 10.70 27.80
CA THR A 342 1.68 11.20 27.77
C THR A 342 1.07 11.10 26.36
N HIS A 343 1.84 10.60 25.39
CA HIS A 343 1.38 10.59 24.01
C HIS A 343 0.05 9.83 23.83
N PRO A 344 -0.14 8.69 24.54
CA PRO A 344 -1.44 8.01 24.53
C PRO A 344 -2.35 8.34 25.74
N ALA A 345 -2.16 9.51 26.33
CA ALA A 345 -2.96 9.96 27.47
C ALA A 345 -4.47 9.93 27.21
N LEU A 346 -4.89 10.16 25.98
CA LEU A 346 -6.30 10.09 25.61
C LEU A 346 -6.94 8.72 25.90
N ALA A 347 -6.14 7.67 26.11
CA ALA A 347 -6.67 6.36 26.54
C ALA A 347 -7.55 6.45 27.78
N ILE A 348 -7.18 7.34 28.69
CA ILE A 348 -7.93 7.52 29.94
C ILE A 348 -9.38 8.01 29.69
N PRO A 349 -9.55 9.19 29.05
CA PRO A 349 -10.92 9.59 28.72
C PRO A 349 -11.65 8.69 27.71
N GLU A 350 -10.91 8.03 26.82
CA GLU A 350 -11.54 7.09 25.88
C GLU A 350 -12.12 5.87 26.62
N LEU A 351 -11.38 5.31 27.58
CA LEU A 351 -11.90 4.18 28.34
C LEU A 351 -13.14 4.61 29.12
N MET A 352 -13.10 5.81 29.70
CA MET A 352 -14.25 6.35 30.40
C MET A 352 -15.44 6.53 29.46
N ARG A 353 -15.18 7.05 28.26
CA ARG A 353 -16.22 7.21 27.24
C ARG A 353 -16.89 5.87 26.92
N ILE A 354 -16.07 4.85 26.70
CA ILE A 354 -16.61 3.52 26.39
C ILE A 354 -17.42 2.99 27.59
N PHE A 355 -16.83 3.04 28.79
CA PHE A 355 -17.51 2.55 30.00
C PHE A 355 -18.84 3.29 30.26
N VAL A 356 -18.81 4.62 30.19
CA VAL A 356 -19.97 5.44 30.55
C VAL A 356 -20.98 5.64 29.40
N ASP A 357 -20.51 6.05 28.22
CA ASP A 357 -21.45 6.33 27.10
C ASP A 357 -21.98 5.08 26.40
N ILE A 358 -21.14 4.06 26.27
CA ILE A 358 -21.48 2.87 25.50
C ILE A 358 -21.94 1.71 26.38
N GLU A 359 -21.17 1.42 27.44
CA GLU A 359 -21.51 0.32 28.35
C GLU A 359 -22.46 0.74 29.49
N LYS A 360 -22.67 2.05 29.64
CA LYS A 360 -23.60 2.62 30.62
C LYS A 360 -23.23 2.33 32.09
N LEU A 361 -21.95 2.15 32.39
CA LEU A 361 -21.53 2.03 33.79
C LEU A 361 -21.70 3.37 34.48
N PRO A 362 -22.00 3.35 35.80
CA PRO A 362 -21.98 4.58 36.58
C PRO A 362 -20.58 5.17 36.60
N TRP A 363 -20.49 6.50 36.53
CA TRP A 363 -19.21 7.21 36.47
C TRP A 363 -18.22 6.76 37.55
N SER A 364 -18.67 6.69 38.80
CA SER A 364 -17.80 6.33 39.91
C SER A 364 -17.12 4.96 39.73
N LYS A 365 -17.91 3.98 39.30
CA LYS A 365 -17.40 2.61 39.09
C LYS A 365 -16.41 2.61 37.92
N ALA A 366 -16.81 3.24 36.82
CA ALA A 366 -15.97 3.36 35.63
C ALA A 366 -14.62 4.02 35.93
N TRP A 367 -14.63 5.08 36.74
CA TRP A 367 -13.40 5.79 37.10
C TRP A 367 -12.48 4.92 37.96
N GLU A 368 -13.07 4.16 38.88
CA GLU A 368 -12.32 3.22 39.71
C GLU A 368 -11.63 2.14 38.84
N LEU A 369 -12.38 1.57 37.89
CA LEU A 369 -11.83 0.56 36.98
C LEU A 369 -10.72 1.16 36.10
N THR A 370 -10.93 2.39 35.64
CA THR A 370 -9.96 3.09 34.81
C THR A 370 -8.61 3.26 35.53
N GLN A 371 -8.65 3.79 36.75
CA GLN A 371 -7.41 3.96 37.51
C GLN A 371 -6.66 2.65 37.73
N LYS A 372 -7.39 1.56 37.97
CA LYS A 372 -6.77 0.26 38.22
C LYS A 372 -6.16 -0.35 36.95
N THR A 373 -6.66 0.08 35.78
CA THR A 373 -6.20 -0.42 34.48
C THR A 373 -4.89 0.25 34.04
N PHE A 374 -4.79 1.56 34.24
CA PHE A 374 -3.70 2.37 33.66
C PHE A 374 -2.54 2.65 34.62
N ALA A 375 -1.33 2.63 34.06
CA ALA A 375 -0.14 3.16 34.71
C ALA A 375 0.63 4.02 33.69
N TYR A 376 1.34 5.02 34.20
CA TYR A 376 1.94 6.06 33.37
C TYR A 376 3.45 6.16 33.62
N THR A 377 4.22 6.13 32.54
CA THR A 377 5.67 6.33 32.62
C THR A 377 6.00 7.71 32.11
N ASN A 378 6.61 8.50 32.97
CA ASN A 378 7.09 9.83 32.63
C ASN A 378 8.53 9.70 32.13
N HIS A 379 8.84 10.33 30.99
CA HIS A 379 10.16 10.18 30.37
C HIS A 379 10.99 11.47 30.26
N THR A 380 10.48 12.59 30.74
CA THR A 380 11.27 13.83 30.69
C THR A 380 10.68 14.94 31.56
N VAL A 381 11.53 15.81 32.08
CA VAL A 381 11.08 17.02 32.77
C VAL A 381 11.41 18.31 31.99
N LEU A 382 11.92 18.18 30.77
CA LEU A 382 12.19 19.35 29.93
C LEU A 382 10.87 19.98 29.51
N PRO A 383 10.65 21.27 29.84
CA PRO A 383 9.39 21.97 29.57
C PRO A 383 8.93 21.94 28.11
N GLU A 384 9.87 22.06 27.18
CA GLU A 384 9.56 22.07 25.75
C GLU A 384 9.03 20.72 25.23
N ALA A 385 9.22 19.66 26.00
CA ALA A 385 8.74 18.33 25.64
C ALA A 385 7.32 18.05 26.13
N LEU A 386 6.81 18.89 27.03
CA LEU A 386 5.55 18.63 27.71
C LEU A 386 4.35 18.86 26.79
N GLU A 387 3.44 17.88 26.74
CA GLU A 387 2.23 17.99 25.94
C GLU A 387 1.17 18.81 26.65
N ARG A 388 0.85 19.95 26.06
CA ARG A 388 -0.18 20.86 26.54
C ARG A 388 -1.08 21.22 25.36
N TRP A 389 -2.16 20.47 25.17
CA TRP A 389 -3.01 20.65 24.00
C TRP A 389 -4.01 21.80 24.20
N PRO A 390 -4.09 22.73 23.23
CA PRO A 390 -5.11 23.78 23.32
C PRO A 390 -6.53 23.20 23.40
N VAL A 391 -7.35 23.73 24.28
CA VAL A 391 -8.70 23.19 24.48
C VAL A 391 -9.55 23.34 23.22
N ASP A 392 -9.34 24.41 22.46
CA ASP A 392 -10.15 24.67 21.28
C ASP A 392 -9.89 23.62 20.19
N LEU A 393 -8.65 23.15 20.09
CA LEU A 393 -8.32 22.06 19.16
C LEU A 393 -8.99 20.76 19.57
N VAL A 394 -8.93 20.45 20.86
CA VAL A 394 -9.55 19.23 21.39
C VAL A 394 -11.08 19.31 21.25
N GLU A 395 -11.65 20.50 21.50
CA GLU A 395 -13.09 20.69 21.33
C GLU A 395 -13.54 20.39 19.90
N LYS A 396 -12.78 20.88 18.93
CA LYS A 396 -13.07 20.67 17.52
C LYS A 396 -12.99 19.19 17.12
N LEU A 397 -11.89 18.53 17.51
CA LEU A 397 -11.59 17.18 17.06
C LEU A 397 -12.28 16.11 17.89
N LEU A 398 -12.29 16.31 19.22
CA LEU A 398 -12.75 15.31 20.18
C LEU A 398 -13.64 15.95 21.26
N PRO A 399 -14.81 16.46 20.85
CA PRO A 399 -15.66 17.23 21.76
C PRO A 399 -16.08 16.47 23.03
N ARG A 400 -16.38 15.17 22.90
CA ARG A 400 -16.81 14.37 24.04
C ARG A 400 -15.65 14.11 25.00
N HIS A 401 -14.45 13.95 24.45
CA HIS A 401 -13.27 13.78 25.30
C HIS A 401 -12.97 15.04 26.09
N LEU A 402 -13.20 16.21 25.49
CA LEU A 402 -13.05 17.45 26.27
C LEU A 402 -14.04 17.49 27.44
N GLU A 403 -15.30 17.15 27.19
CA GLU A 403 -16.31 17.09 28.26
C GLU A 403 -15.87 16.16 29.38
N ILE A 404 -15.43 14.97 29.00
CA ILE A 404 -15.00 13.98 29.96
C ILE A 404 -13.79 14.46 30.77
N ILE A 405 -12.82 15.07 30.09
CA ILE A 405 -11.66 15.64 30.76
C ILE A 405 -12.07 16.75 31.77
N TYR A 406 -12.99 17.62 31.36
CA TYR A 406 -13.51 18.66 32.27
C TYR A 406 -14.18 18.04 33.51
N GLU A 407 -14.93 16.96 33.31
CA GLU A 407 -15.60 16.29 34.42
C GLU A 407 -14.60 15.62 35.36
N ILE A 408 -13.59 14.96 34.80
CA ILE A 408 -12.51 14.39 35.60
C ILE A 408 -11.85 15.48 36.46
N ASN A 409 -11.54 16.61 35.83
CA ASN A 409 -10.91 17.73 36.51
C ASN A 409 -11.80 18.31 37.62
N GLN A 410 -13.10 18.42 37.35
CA GLN A 410 -14.03 18.98 38.33
C GLN A 410 -14.07 18.12 39.59
N LYS A 411 -14.22 16.82 39.43
CA LYS A 411 -14.28 15.89 40.56
C LYS A 411 -12.92 15.78 41.26
N HIS A 412 -11.84 15.94 40.50
CA HIS A 412 -10.47 16.00 41.02
C HIS A 412 -10.30 17.23 41.92
N LEU A 413 -10.69 18.40 41.42
CA LEU A 413 -10.54 19.65 42.17
C LEU A 413 -11.50 19.74 43.38
N ASP A 414 -12.69 19.15 43.26
CA ASP A 414 -13.63 19.10 44.39
C ASP A 414 -13.02 18.37 45.59
N ARG A 415 -12.28 17.30 45.31
CA ARG A 415 -11.57 16.55 46.35
C ARG A 415 -10.46 17.40 46.98
N ILE A 416 -9.75 18.16 46.15
CA ILE A 416 -8.66 19.02 46.62
C ILE A 416 -9.19 20.17 47.49
N VAL A 417 -10.33 20.73 47.11
CA VAL A 417 -10.98 21.78 47.89
C VAL A 417 -11.41 21.25 49.27
N ALA A 418 -11.96 20.04 49.29
CA ALA A 418 -12.36 19.40 50.54
C ALA A 418 -11.17 19.18 51.47
N LEU A 419 -10.02 18.77 50.91
CA LEU A 419 -8.81 18.55 51.71
C LEU A 419 -8.10 19.83 52.11
N PHE A 420 -8.17 20.86 51.26
CA PHE A 420 -7.42 22.10 51.48
C PHE A 420 -8.27 23.34 51.18
N PRO A 421 -9.27 23.61 52.04
CA PRO A 421 -10.25 24.68 51.81
C PRO A 421 -9.68 26.06 51.50
N LYS A 422 -8.56 26.42 52.13
CA LYS A 422 -8.01 27.78 52.02
C LYS A 422 -6.97 27.95 50.92
N ASP A 423 -6.49 26.85 50.34
CA ASP A 423 -5.37 26.89 49.39
C ASP A 423 -5.85 27.04 47.95
N VAL A 424 -6.03 28.28 47.51
CA VAL A 424 -6.52 28.59 46.17
C VAL A 424 -5.48 28.30 45.08
N ASP A 425 -4.21 28.55 45.38
CA ASP A 425 -3.13 28.36 44.40
C ASP A 425 -2.94 26.87 44.09
N ARG A 426 -3.14 26.03 45.09
CA ARG A 426 -3.02 24.58 44.91
C ARG A 426 -4.00 24.04 43.86
N LEU A 427 -5.21 24.58 43.83
CA LEU A 427 -6.16 24.23 42.78
C LEU A 427 -5.61 24.57 41.40
N ARG A 428 -5.00 25.75 41.29
CA ARG A 428 -4.38 26.19 40.04
C ARG A 428 -3.22 25.28 39.63
N ARG A 429 -2.38 24.92 40.59
CA ARG A 429 -1.22 24.06 40.32
C ARG A 429 -1.63 22.64 39.93
N MET A 430 -2.70 22.12 40.53
CA MET A 430 -3.10 20.73 40.34
C MET A 430 -4.16 20.53 39.25
N SER A 431 -4.69 21.61 38.69
CA SER A 431 -5.73 21.49 37.66
C SER A 431 -5.17 20.79 36.43
N LEU A 432 -6.02 20.04 35.73
CA LEU A 432 -5.64 19.47 34.43
C LEU A 432 -5.66 20.55 33.35
N ILE A 433 -6.23 21.71 33.66
CA ILE A 433 -6.39 22.81 32.70
C ILE A 433 -5.50 24.00 33.10
N GLU A 434 -4.65 24.43 32.17
CA GLU A 434 -3.87 25.66 32.31
C GLU A 434 -4.69 26.79 31.72
N GLU A 435 -5.07 27.74 32.57
CA GLU A 435 -6.14 28.69 32.24
C GLU A 435 -5.67 29.98 31.58
N GLU A 436 -4.37 30.28 31.70
CA GLU A 436 -3.83 31.55 31.20
C GLU A 436 -3.85 31.67 29.67
N GLY A 437 -4.25 32.85 29.19
CA GLY A 437 -4.30 33.14 27.75
C GLY A 437 -5.14 32.14 26.99
N SER A 438 -4.48 31.34 26.16
CA SER A 438 -5.12 30.20 25.52
C SER A 438 -5.16 29.07 26.56
N LYS A 439 -6.33 28.51 26.80
CA LYS A 439 -6.44 27.41 27.76
C LYS A 439 -5.87 26.14 27.12
N ARG A 440 -5.12 25.37 27.91
CA ARG A 440 -4.51 24.13 27.43
C ARG A 440 -4.71 23.00 28.44
N ILE A 441 -4.72 21.77 27.94
CA ILE A 441 -4.83 20.59 28.79
C ILE A 441 -3.44 20.04 29.13
N ASN A 442 -3.16 19.95 30.42
CA ASN A 442 -1.90 19.37 30.91
C ASN A 442 -2.03 17.85 30.90
N MET A 443 -1.50 17.20 29.86
CA MET A 443 -1.71 15.76 29.69
C MET A 443 -1.03 14.95 30.79
N ALA A 444 0.08 15.43 31.33
CA ALA A 444 0.74 14.73 32.45
C ALA A 444 -0.18 14.64 33.68
N HIS A 445 -0.86 15.74 33.99
CA HIS A 445 -1.82 15.74 35.11
C HIS A 445 -2.95 14.76 34.87
N LEU A 446 -3.46 14.71 33.63
CA LEU A 446 -4.48 13.74 33.25
C LEU A 446 -4.00 12.30 33.50
N CYS A 447 -2.77 12.01 33.07
CA CYS A 447 -2.18 10.69 33.27
C CYS A 447 -2.00 10.33 34.74
N ILE A 448 -1.63 11.30 35.57
CA ILE A 448 -1.42 11.04 37.00
C ILE A 448 -2.73 10.67 37.71
N VAL A 449 -3.79 11.43 37.47
CA VAL A 449 -5.07 11.21 38.16
C VAL A 449 -5.78 9.96 37.64
N GLY A 450 -5.58 9.64 36.36
CA GLY A 450 -6.24 8.48 35.75
C GLY A 450 -5.50 7.15 35.88
N SER A 451 -4.34 7.14 36.54
CA SER A 451 -3.50 5.94 36.68
C SER A 451 -3.29 5.58 38.14
N HIS A 452 -3.05 4.31 38.43
CA HIS A 452 -2.74 3.88 39.81
C HIS A 452 -1.25 3.94 40.15
N ALA A 453 -0.41 4.06 39.13
CA ALA A 453 1.02 4.12 39.33
C ALA A 453 1.64 5.06 38.31
N VAL A 454 2.64 5.82 38.76
CA VAL A 454 3.40 6.75 37.94
C VAL A 454 4.87 6.47 38.20
N ASN A 455 5.66 6.26 37.16
CA ASN A 455 7.08 6.03 37.35
C ASN A 455 7.96 6.88 36.46
N GLY A 456 9.13 7.25 36.99
CA GLY A 456 10.21 7.81 36.19
C GLY A 456 11.18 6.70 35.82
N VAL A 457 12.24 7.07 35.10
CA VAL A 457 13.07 6.08 34.39
C VAL A 457 14.51 5.94 34.90
N ALA A 458 14.83 6.65 35.99
CA ALA A 458 16.08 6.49 36.72
C ALA A 458 15.90 7.15 38.09
N LYS A 459 16.64 6.69 39.09
CA LYS A 459 16.46 7.19 40.47
C LYS A 459 16.43 8.71 40.56
N ILE A 460 17.40 9.36 39.93
CA ILE A 460 17.50 10.82 39.97
C ILE A 460 16.26 11.48 39.38
N HIS A 461 15.79 10.94 38.26
CA HIS A 461 14.66 11.50 37.54
C HIS A 461 13.34 11.24 38.29
N SER A 462 13.15 10.01 38.73
CA SER A 462 11.93 9.63 39.47
C SER A 462 11.75 10.48 40.74
N ASP A 463 12.86 10.80 41.39
CA ASP A 463 12.84 11.69 42.56
C ASP A 463 12.39 13.12 42.22
N ILE A 464 12.91 13.64 41.12
CA ILE A 464 12.52 14.97 40.64
C ILE A 464 11.03 15.01 40.30
N VAL A 465 10.58 13.98 39.58
CA VAL A 465 9.17 13.82 39.24
C VAL A 465 8.29 13.81 40.47
N LYS A 466 8.65 12.99 41.46
CA LYS A 466 7.83 12.81 42.66
C LYS A 466 7.87 14.04 43.57
N THR A 467 9.08 14.49 43.91
CA THR A 467 9.26 15.49 44.98
C THR A 467 9.29 16.94 44.51
N LYS A 468 9.48 17.19 43.22
CA LYS A 468 9.49 18.56 42.70
C LYS A 468 8.34 18.81 41.71
N VAL A 469 8.38 18.15 40.56
CA VAL A 469 7.44 18.45 39.48
C VAL A 469 5.99 18.16 39.86
N PHE A 470 5.74 17.01 40.49
CA PHE A 470 4.39 16.61 40.88
C PHE A 470 4.26 16.46 42.40
N LYS A 471 4.96 17.34 43.11
CA LYS A 471 4.97 17.39 44.58
C LYS A 471 3.55 17.39 45.19
N ASP A 472 2.69 18.23 44.65
CA ASP A 472 1.30 18.34 45.12
C ASP A 472 0.54 17.02 44.99
N PHE A 473 0.82 16.25 43.94
CA PHE A 473 0.16 14.96 43.71
C PHE A 473 0.75 13.86 44.60
N SER A 474 2.08 13.80 44.69
CA SER A 474 2.75 12.77 45.49
C SER A 474 2.46 12.91 46.99
N GLU A 475 2.26 14.14 47.46
CA GLU A 475 1.91 14.37 48.86
C GLU A 475 0.56 13.74 49.21
N LEU A 476 -0.40 13.83 48.30
CA LEU A 476 -1.73 13.26 48.53
C LEU A 476 -1.79 11.76 48.28
N GLU A 477 -0.92 11.26 47.41
CA GLU A 477 -0.86 9.85 47.08
C GLU A 477 0.60 9.41 47.07
N PRO A 478 1.19 9.23 48.26
CA PRO A 478 2.61 8.90 48.35
C PRO A 478 2.99 7.69 47.49
N ASP A 479 2.29 6.58 47.72
CA ASP A 479 2.64 5.29 47.11
C ASP A 479 2.33 5.15 45.61
N LYS A 480 1.71 6.16 45.01
CA LYS A 480 1.48 6.16 43.56
C LYS A 480 2.80 6.23 42.78
N PHE A 481 3.74 7.04 43.27
CA PHE A 481 4.95 7.35 42.51
C PHE A 481 6.07 6.35 42.77
N GLN A 482 6.67 5.87 41.68
CA GLN A 482 7.71 4.85 41.74
C GLN A 482 8.90 5.22 40.86
N ASN A 483 9.99 4.45 41.02
CA ASN A 483 11.08 4.45 40.06
C ASN A 483 11.17 3.09 39.35
N LYS A 484 11.46 3.12 38.06
CA LYS A 484 11.84 1.90 37.33
C LYS A 484 13.01 2.27 36.42
N THR A 485 14.22 1.99 36.88
CA THR A 485 15.38 2.39 36.09
C THR A 485 15.39 1.65 34.77
N ASN A 486 15.65 2.39 33.69
CA ASN A 486 15.64 1.82 32.34
C ASN A 486 16.64 0.67 32.19
N GLY A 487 16.49 -0.07 31.11
CA GLY A 487 17.38 -1.14 30.77
C GLY A 487 17.42 -1.33 29.27
N ILE A 488 18.31 -2.21 28.82
CA ILE A 488 18.47 -2.58 27.41
C ILE A 488 18.47 -4.10 27.29
N THR A 489 18.04 -4.65 26.17
CA THR A 489 18.09 -6.11 26.05
C THR A 489 19.49 -6.59 25.66
N PRO A 490 20.03 -7.58 26.39
CA PRO A 490 21.36 -8.11 26.09
C PRO A 490 21.36 -9.07 24.90
N ARG A 491 20.18 -9.36 24.34
CA ARG A 491 20.12 -10.08 23.07
C ARG A 491 20.62 -9.14 21.96
N ARG A 492 19.83 -8.14 21.57
CA ARG A 492 20.26 -7.23 20.51
C ARG A 492 21.58 -6.55 20.85
N TRP A 493 21.74 -6.13 22.11
CA TRP A 493 22.84 -5.22 22.49
C TRP A 493 24.10 -5.89 23.05
N LEU A 494 24.17 -7.22 22.93
CA LEU A 494 25.42 -7.96 23.17
C LEU A 494 25.55 -9.18 22.26
N LEU A 495 24.63 -10.14 22.39
CA LEU A 495 24.73 -11.39 21.60
C LEU A 495 24.71 -11.09 20.10
N LEU A 496 23.83 -10.19 19.68
CA LEU A 496 23.67 -9.89 18.26
C LEU A 496 24.77 -8.93 17.77
N CYS A 497 24.90 -7.77 18.42
CA CYS A 497 25.78 -6.72 17.91
C CYS A 497 27.28 -6.95 18.18
N ASN A 498 27.60 -7.79 19.16
CA ASN A 498 29.00 -8.01 19.57
C ASN A 498 29.26 -9.50 19.87
N PRO A 499 29.18 -10.34 18.81
CA PRO A 499 29.33 -11.78 18.99
C PRO A 499 30.71 -12.14 19.55
N GLY A 500 31.72 -11.35 19.21
CA GLY A 500 33.09 -11.56 19.74
C GLY A 500 33.16 -11.46 21.25
N LEU A 501 32.56 -10.40 21.80
CA LEU A 501 32.51 -10.22 23.24
C LEU A 501 31.62 -11.25 23.91
N ALA A 502 30.44 -11.50 23.34
CA ALA A 502 29.55 -12.54 23.84
C ALA A 502 30.25 -13.89 23.95
N GLU A 503 31.06 -14.21 22.96
CA GLU A 503 31.80 -15.48 22.90
C GLU A 503 32.88 -15.53 23.98
N LEU A 504 33.67 -14.46 24.09
CA LEU A 504 34.69 -14.36 25.14
C LEU A 504 34.07 -14.53 26.52
N ILE A 505 33.01 -13.79 26.79
CA ILE A 505 32.33 -13.89 28.09
C ILE A 505 31.86 -15.32 28.35
N ALA A 506 31.24 -15.95 27.35
CA ALA A 506 30.75 -17.33 27.49
C ALA A 506 31.86 -18.34 27.76
N GLU A 507 33.00 -18.16 27.09
CA GLU A 507 34.16 -19.04 27.31
C GLU A 507 34.62 -19.01 28.76
N LYS A 508 34.51 -17.84 29.40
CA LYS A 508 35.05 -17.63 30.74
C LYS A 508 34.05 -17.92 31.87
N ILE A 509 32.76 -17.64 31.66
CA ILE A 509 31.76 -17.78 32.74
C ILE A 509 30.47 -18.55 32.38
N GLY A 510 30.42 -19.17 31.20
CA GLY A 510 29.23 -19.92 30.76
C GLY A 510 28.20 -19.02 30.10
N GLU A 511 27.10 -19.60 29.61
CA GLU A 511 26.13 -18.83 28.80
C GLU A 511 24.84 -18.44 29.54
N ASP A 512 24.79 -18.68 30.84
CA ASP A 512 23.61 -18.33 31.65
C ASP A 512 23.45 -16.83 31.89
N TYR A 513 24.47 -16.04 31.59
CA TYR A 513 24.38 -14.59 31.74
C TYR A 513 23.33 -13.94 30.81
N VAL A 514 23.03 -14.58 29.68
CA VAL A 514 22.12 -13.98 28.71
C VAL A 514 20.74 -13.76 29.31
N LYS A 515 20.26 -14.73 30.08
CA LYS A 515 18.97 -14.64 30.78
C LYS A 515 19.08 -14.05 32.19
N ASP A 516 20.27 -14.08 32.79
CA ASP A 516 20.50 -13.40 34.08
C ASP A 516 21.79 -12.62 34.01
N LEU A 517 21.68 -11.36 33.59
CA LEU A 517 22.85 -10.56 33.27
C LEU A 517 23.72 -10.22 34.49
N SER A 518 23.14 -10.35 35.69
CA SER A 518 23.90 -10.11 36.92
C SER A 518 25.05 -11.12 37.09
N GLN A 519 25.00 -12.23 36.35
CA GLN A 519 26.11 -13.17 36.31
C GLN A 519 27.39 -12.60 35.69
N LEU A 520 27.30 -11.44 35.03
CA LEU A 520 28.51 -10.76 34.55
C LEU A 520 29.51 -10.43 35.68
N THR A 521 29.04 -10.35 36.93
CA THR A 521 29.93 -10.09 38.07
C THR A 521 30.95 -11.21 38.28
N LYS A 522 30.70 -12.38 37.69
CA LYS A 522 31.66 -13.49 37.70
C LYS A 522 32.96 -13.16 36.95
N LEU A 523 32.90 -12.20 36.03
CA LEU A 523 34.10 -11.75 35.32
C LEU A 523 35.17 -11.13 36.25
N HIS A 524 34.77 -10.76 37.46
CA HIS A 524 35.71 -10.26 38.45
C HIS A 524 36.81 -11.27 38.85
N SER A 525 36.58 -12.55 38.54
CA SER A 525 37.60 -13.59 38.74
C SER A 525 38.83 -13.41 37.85
N PHE A 526 38.71 -12.56 36.84
CA PHE A 526 39.79 -12.33 35.88
C PHE A 526 40.47 -10.97 36.07
N LEU A 527 40.18 -10.30 37.19
CA LEU A 527 40.95 -9.12 37.57
C LEU A 527 42.42 -9.51 37.67
N GLY A 528 43.29 -8.74 37.04
CA GLY A 528 44.73 -9.01 37.03
C GLY A 528 45.20 -10.15 36.15
N ASP A 529 44.30 -10.76 35.38
CA ASP A 529 44.65 -11.85 34.46
C ASP A 529 45.07 -11.25 33.12
N ASP A 530 46.38 -11.21 32.87
CA ASP A 530 46.90 -10.58 31.66
C ASP A 530 46.37 -11.21 30.38
N VAL A 531 46.17 -12.53 30.40
CA VAL A 531 45.64 -13.23 29.24
C VAL A 531 44.25 -12.73 28.89
N PHE A 532 43.37 -12.63 29.89
CA PHE A 532 42.00 -12.16 29.68
C PHE A 532 41.96 -10.70 29.24
N LEU A 533 42.76 -9.85 29.89
CA LEU A 533 42.82 -8.44 29.54
C LEU A 533 43.26 -8.25 28.08
N ARG A 534 44.17 -9.11 27.62
CA ARG A 534 44.60 -9.10 26.22
C ARG A 534 43.48 -9.57 25.29
N GLU A 535 42.79 -10.65 25.67
CA GLU A 535 41.66 -11.17 24.89
C GLU A 535 40.55 -10.13 24.74
N LEU A 536 40.29 -9.40 25.84
CA LEU A 536 39.28 -8.33 25.85
C LEU A 536 39.64 -7.22 24.89
N ALA A 537 40.91 -6.81 24.91
CA ALA A 537 41.42 -5.79 24.01
C ALA A 537 41.39 -6.24 22.55
N LYS A 538 41.65 -7.53 22.32
CA LYS A 538 41.60 -8.11 20.98
C LYS A 538 40.21 -8.05 20.38
N VAL A 539 39.20 -8.37 21.19
CA VAL A 539 37.80 -8.25 20.77
C VAL A 539 37.47 -6.82 20.34
N LYS A 540 37.84 -5.85 21.17
CA LYS A 540 37.61 -4.43 20.86
C LYS A 540 38.31 -4.06 19.55
N GLN A 541 39.56 -4.51 19.40
CA GLN A 541 40.32 -4.23 18.18
C GLN A 541 39.69 -4.81 16.93
N GLU A 542 39.21 -6.05 17.00
CA GLU A 542 38.51 -6.67 15.88
C GLU A 542 37.27 -5.85 15.48
N ASN A 543 36.54 -5.38 16.48
CA ASN A 543 35.35 -4.52 16.23
C ASN A 543 35.74 -3.19 15.59
N LYS A 544 36.81 -2.59 16.09
CA LYS A 544 37.33 -1.35 15.52
C LYS A 544 37.80 -1.49 14.08
N LEU A 545 38.49 -2.57 13.76
CA LEU A 545 38.95 -2.80 12.38
C LEU A 545 37.76 -2.95 11.43
N LYS A 546 36.76 -3.74 11.84
CA LYS A 546 35.57 -3.96 11.03
C LYS A 546 34.84 -2.65 10.78
N PHE A 547 34.64 -1.87 11.83
CA PHE A 547 33.93 -0.60 11.70
C PHE A 547 34.75 0.41 10.89
N SER A 548 36.07 0.35 11.01
CA SER A 548 36.95 1.24 10.26
C SER A 548 36.84 0.99 8.76
N GLN A 549 36.67 -0.27 8.37
CA GLN A 549 36.36 -0.62 6.97
C GLN A 549 35.13 0.15 6.49
N PHE A 550 34.05 0.07 7.25
CA PHE A 550 32.83 0.83 6.97
C PHE A 550 33.11 2.33 6.81
N LEU A 551 33.74 2.92 7.82
CA LEU A 551 34.03 4.37 7.80
C LEU A 551 34.78 4.82 6.54
N GLU A 552 35.78 4.04 6.14
CA GLU A 552 36.64 4.41 5.01
C GLU A 552 35.96 4.24 3.64
N THR A 553 34.88 3.48 3.59
CA THR A 553 34.09 3.34 2.36
C THR A 553 33.00 4.43 2.22
N GLU A 554 32.65 5.08 3.33
CA GLU A 554 31.59 6.08 3.35
C GLU A 554 32.14 7.49 3.42
N TYR A 555 33.33 7.65 4.01
CA TYR A 555 33.89 8.96 4.29
C TYR A 555 35.30 9.06 3.73
N LYS A 556 35.70 10.27 3.33
CA LYS A 556 37.05 10.51 2.89
C LYS A 556 37.90 10.81 4.11
N VAL A 557 38.34 9.73 4.75
CA VAL A 557 39.17 9.82 5.95
CA VAL A 557 39.18 9.83 5.94
C VAL A 557 40.01 8.56 6.04
N LYS A 558 41.25 8.73 6.50
CA LYS A 558 42.15 7.60 6.77
C LYS A 558 42.15 7.43 8.28
N ILE A 559 41.55 6.34 8.75
CA ILE A 559 41.41 6.12 10.18
C ILE A 559 42.72 5.57 10.75
N ASN A 560 43.22 6.21 11.80
CA ASN A 560 44.39 5.71 12.52
C ASN A 560 43.92 4.54 13.39
N PRO A 561 44.37 3.31 13.06
CA PRO A 561 43.89 2.14 13.79
C PRO A 561 44.31 2.07 15.27
N SER A 562 45.35 2.82 15.66
CA SER A 562 45.76 2.86 17.07
C SER A 562 45.09 3.99 17.85
N SER A 563 44.19 4.74 17.22
CA SER A 563 43.52 5.85 17.90
C SER A 563 42.38 5.36 18.80
N MET A 564 42.14 6.13 19.86
CA MET A 564 41.00 5.94 20.75
C MET A 564 39.74 6.35 20.00
N PHE A 565 38.76 5.46 19.93
CA PHE A 565 37.47 5.80 19.34
C PHE A 565 36.58 6.48 20.38
N ASP A 566 36.44 7.79 20.21
CA ASP A 566 35.73 8.69 21.11
C ASP A 566 34.40 8.97 20.42
N VAL A 567 33.29 8.50 21.01
CA VAL A 567 32.01 8.45 20.29
C VAL A 567 30.84 9.09 21.06
N GLN A 568 30.14 10.02 20.41
CA GLN A 568 28.89 10.56 20.95
C GLN A 568 27.80 10.38 19.89
N VAL A 569 26.95 9.37 20.10
CA VAL A 569 25.83 9.11 19.20
C VAL A 569 24.52 9.10 19.99
N LYS A 570 23.58 9.93 19.52
CA LYS A 570 22.30 10.20 20.17
C LYS A 570 21.70 11.34 19.37
N ARG A 571 20.42 11.62 19.56
CA ARG A 571 19.77 12.71 18.85
C ARG A 571 20.44 14.05 19.15
N ILE A 572 20.54 14.90 18.14
CA ILE A 572 21.20 16.20 18.28
C ILE A 572 20.30 17.14 19.11
N HIS A 573 20.85 17.62 20.22
CA HIS A 573 20.12 18.39 21.23
C HIS A 573 21.04 19.40 21.90
N GLU A 574 20.48 20.55 22.27
CA GLU A 574 21.22 21.47 23.14
C GLU A 574 21.47 20.81 24.50
N TYR A 575 20.48 20.11 25.05
CA TYR A 575 20.66 19.53 26.40
C TYR A 575 21.66 18.37 26.45
N LYS A 576 21.82 17.63 25.34
CA LYS A 576 22.79 16.54 25.27
C LYS A 576 24.22 17.05 25.02
N ARG A 577 24.32 18.30 24.56
CA ARG A 577 25.59 19.03 24.50
C ARG A 577 26.67 18.44 23.58
N GLN A 578 26.27 18.01 22.38
CA GLN A 578 27.25 17.76 21.32
C GLN A 578 28.16 18.99 21.12
N LEU A 579 27.62 20.16 21.41
CA LEU A 579 28.36 21.41 21.26
C LEU A 579 29.56 21.48 22.22
N LEU A 580 29.38 21.01 23.45
CA LEU A 580 30.47 20.91 24.42
C LEU A 580 31.60 20.00 23.89
N ASN A 581 31.20 18.87 23.33
CA ASN A 581 32.14 17.95 22.69
C ASN A 581 32.91 18.66 21.58
N CYS A 582 32.20 19.41 20.75
CA CYS A 582 32.82 20.14 19.64
C CYS A 582 33.86 21.15 20.16
N LEU A 583 33.55 21.83 21.26
CA LEU A 583 34.53 22.76 21.86
C LEU A 583 35.80 22.03 22.26
N HIS A 584 35.68 20.80 22.76
CA HIS A 584 36.86 20.00 23.14
C HIS A 584 37.65 19.54 21.92
N VAL A 585 36.96 19.21 20.83
CA VAL A 585 37.63 18.84 19.58
C VAL A 585 38.50 20.00 19.10
N ILE A 586 37.95 21.21 19.10
CA ILE A 586 38.69 22.39 18.65
C ILE A 586 39.88 22.66 19.59
N THR A 587 39.67 22.47 20.89
CA THR A 587 40.72 22.61 21.90
C THR A 587 41.89 21.67 21.63
N MET A 588 41.60 20.41 21.34
CA MET A 588 42.65 19.44 20.99
C MET A 588 43.39 19.90 19.73
N TYR A 589 42.63 20.33 18.72
CA TYR A 589 43.19 20.86 17.48
C TYR A 589 44.19 22.00 17.75
N ASN A 590 43.77 22.97 18.55
CA ASN A 590 44.62 24.13 18.86
C ASN A 590 45.89 23.74 19.65
N ARG A 591 45.79 22.73 20.51
CA ARG A 591 46.95 22.23 21.23
C ARG A 591 47.97 21.58 20.30
N ILE A 592 47.48 20.88 19.29
CA ILE A 592 48.36 20.24 18.32
C ILE A 592 49.08 21.31 17.49
N LYS A 593 48.33 22.30 17.00
CA LYS A 593 48.92 23.35 16.16
C LYS A 593 49.92 24.21 16.95
N LYS A 594 49.67 24.36 18.25
CA LYS A 594 50.54 25.13 19.15
C LYS A 594 51.86 24.39 19.43
N ASP A 595 51.78 23.07 19.65
CA ASP A 595 52.95 22.25 19.95
C ASP A 595 52.97 20.94 19.14
N PRO A 596 53.30 21.03 17.84
CA PRO A 596 53.34 19.89 16.92
C PRO A 596 54.12 18.66 17.40
N LYS A 597 55.20 18.90 18.14
CA LYS A 597 56.11 17.82 18.56
C LYS A 597 55.70 17.23 19.90
N LYS A 598 54.82 17.91 20.63
CA LYS A 598 54.36 17.42 21.94
C LYS A 598 53.58 16.12 21.80
N LEU A 599 53.69 15.27 22.83
CA LEU A 599 53.00 13.99 22.87
C LEU A 599 51.48 14.21 22.78
N PHE A 600 50.83 13.51 21.85
CA PHE A 600 49.37 13.54 21.74
C PHE A 600 48.83 12.12 21.59
N VAL A 601 47.88 11.78 22.45
CA VAL A 601 47.21 10.48 22.37
C VAL A 601 46.17 10.52 21.25
N PRO A 602 46.38 9.73 20.19
CA PRO A 602 45.55 9.87 19.00
C PRO A 602 44.08 9.47 19.23
N ARG A 603 43.16 10.21 18.60
CA ARG A 603 41.73 9.94 18.72
C ARG A 603 41.05 9.95 17.36
N THR A 604 40.02 9.14 17.22
CA THR A 604 39.03 9.33 16.17
C THR A 604 37.77 9.77 16.91
N VAL A 605 37.35 11.01 16.69
CA VAL A 605 36.17 11.55 17.34
C VAL A 605 34.98 11.42 16.39
N ILE A 606 34.00 10.63 16.81
CA ILE A 606 32.80 10.38 16.03
C ILE A 606 31.60 10.99 16.77
N ILE A 607 30.87 11.87 16.08
CA ILE A 607 29.65 12.44 16.60
C ILE A 607 28.56 12.15 15.57
N GLY A 608 27.43 11.64 16.03
CA GLY A 608 26.36 11.23 15.13
C GLY A 608 24.99 11.38 15.75
N GLY A 609 24.01 11.65 14.91
CA GLY A 609 22.62 11.78 15.36
C GLY A 609 21.80 12.64 14.44
N LYS A 610 20.50 12.44 14.47
CA LYS A 610 19.57 13.23 13.66
C LYS A 610 19.09 14.45 14.42
N ALA A 611 18.94 15.55 13.68
CA ALA A 611 18.28 16.73 14.20
C ALA A 611 16.83 16.71 13.75
N ALA A 612 15.90 17.05 14.64
CA ALA A 612 14.53 17.22 14.19
C ALA A 612 14.55 18.27 13.07
N PRO A 613 13.83 18.03 11.97
CA PRO A 613 13.92 18.96 10.84
C PRO A 613 13.63 20.44 11.13
N GLY A 614 12.76 20.73 12.10
CA GLY A 614 12.44 22.12 12.45
C GLY A 614 13.31 22.73 13.54
N TYR A 615 14.33 21.99 13.99
CA TYR A 615 15.16 22.40 15.13
C TYR A 615 16.39 23.15 14.62
N HIS A 616 16.27 24.48 14.53
CA HIS A 616 17.32 25.31 13.94
C HIS A 616 18.68 25.14 14.61
N MET A 617 18.71 25.23 15.94
CA MET A 617 20.00 25.20 16.64
C MET A 617 20.69 23.85 16.46
N ALA A 618 19.93 22.76 16.44
CA ALA A 618 20.53 21.43 16.20
C ALA A 618 21.15 21.37 14.82
N LYS A 619 20.46 21.91 13.82
CA LYS A 619 20.98 21.95 12.45
C LYS A 619 22.24 22.80 12.35
N MET A 620 22.30 23.89 13.10
CA MET A 620 23.52 24.73 13.16
C MET A 620 24.68 23.96 13.81
N ILE A 621 24.39 23.19 14.86
CA ILE A 621 25.40 22.38 15.55
C ILE A 621 25.98 21.30 14.63
N ILE A 622 25.13 20.63 13.84
CA ILE A 622 25.64 19.69 12.85
C ILE A 622 26.61 20.40 11.89
N LYS A 623 26.21 21.56 11.38
CA LYS A 623 27.05 22.31 10.43
C LYS A 623 28.39 22.74 11.06
N LEU A 624 28.35 23.11 12.33
CA LEU A 624 29.59 23.41 13.07
C LEU A 624 30.50 22.18 13.10
N ILE A 625 29.95 21.02 13.45
CA ILE A 625 30.74 19.80 13.54
C ILE A 625 31.39 19.43 12.21
N THR A 626 30.62 19.45 11.12
CA THR A 626 31.16 19.09 9.81
C THR A 626 32.21 20.12 9.35
N SER A 627 32.00 21.38 9.71
CA SER A 627 32.94 22.46 9.38
C SER A 627 34.26 22.30 10.13
N VAL A 628 34.18 21.96 11.42
CA VAL A 628 35.36 21.67 12.22
C VAL A 628 36.09 20.45 11.69
N ALA A 629 35.32 19.40 11.35
CA ALA A 629 35.88 18.18 10.79
C ALA A 629 36.69 18.44 9.53
N ASP A 630 36.19 19.30 8.66
CA ASP A 630 36.86 19.61 7.39
C ASP A 630 38.24 20.25 7.62
N VAL A 631 38.32 21.14 8.60
CA VAL A 631 39.57 21.78 8.95
C VAL A 631 40.54 20.79 9.61
N VAL A 632 40.05 20.07 10.62
CA VAL A 632 40.90 19.13 11.37
C VAL A 632 41.44 18.00 10.49
N ASN A 633 40.57 17.36 9.72
CA ASN A 633 40.95 16.21 8.90
C ASN A 633 41.96 16.54 7.80
N ASN A 634 41.95 17.77 7.31
CA ASN A 634 42.78 18.16 6.15
C ASN A 634 44.02 18.99 6.50
N ASP A 635 44.22 19.27 7.78
CA ASP A 635 45.41 20.01 8.23
C ASP A 635 46.58 19.02 8.31
N PRO A 636 47.63 19.22 7.49
CA PRO A 636 48.72 18.23 7.44
C PRO A 636 49.57 18.17 8.72
N MET A 637 49.53 19.25 9.51
CA MET A 637 50.20 19.31 10.81
C MET A 637 49.50 18.46 11.87
N VAL A 638 48.21 18.15 11.65
CA VAL A 638 47.47 17.26 12.54
C VAL A 638 47.69 15.81 12.13
N GLY A 639 47.38 15.51 10.86
CA GLY A 639 47.56 14.17 10.32
C GLY A 639 46.81 13.14 11.13
N SER A 640 47.49 12.03 11.44
CA SER A 640 46.87 10.88 12.10
C SER A 640 46.63 11.05 13.61
N LYS A 641 47.04 12.20 14.16
CA LYS A 641 46.80 12.49 15.57
C LYS A 641 45.30 12.61 15.88
N LEU A 642 44.54 13.21 14.96
CA LEU A 642 43.13 13.51 15.23
C LEU A 642 42.32 13.54 13.93
N LYS A 643 41.24 12.75 13.90
CA LYS A 643 40.29 12.76 12.81
C LYS A 643 38.88 12.87 13.40
N VAL A 644 38.00 13.56 12.68
CA VAL A 644 36.63 13.82 13.14
C VAL A 644 35.65 13.32 12.08
N ILE A 645 34.64 12.58 12.51
CA ILE A 645 33.62 12.04 11.62
C ILE A 645 32.24 12.42 12.12
N PHE A 646 31.45 13.08 11.27
CA PHE A 646 30.02 13.16 11.54
C PHE A 646 29.35 11.91 10.97
N LEU A 647 28.91 11.04 11.86
CA LEU A 647 28.35 9.75 11.46
C LEU A 647 26.90 9.91 11.02
N GLU A 648 26.67 9.72 9.73
CA GLU A 648 25.37 10.01 9.12
C GLU A 648 24.35 8.90 9.35
N ASN A 649 23.09 9.30 9.44
CA ASN A 649 21.96 8.40 9.49
C ASN A 649 22.04 7.43 10.68
N TYR A 650 22.42 7.96 11.84
CA TYR A 650 22.46 7.17 13.05
C TYR A 650 21.06 6.61 13.34
N ARG A 651 21.01 5.30 13.61
CA ARG A 651 19.77 4.56 13.76
C ARG A 651 20.13 3.22 14.38
N VAL A 652 19.13 2.37 14.66
CA VAL A 652 19.39 1.16 15.43
C VAL A 652 20.47 0.26 14.80
N SER A 653 20.35 -0.07 13.51
CA SER A 653 21.32 -0.98 12.87
C SER A 653 22.75 -0.41 12.87
N LEU A 654 22.89 0.91 12.72
CA LEU A 654 24.21 1.56 12.77
C LEU A 654 24.76 1.63 14.20
N ALA A 655 23.87 1.83 15.18
CA ALA A 655 24.24 1.74 16.59
C ALA A 655 24.89 0.40 16.91
N GLU A 656 24.31 -0.67 16.35
CA GLU A 656 24.83 -2.03 16.56
C GLU A 656 26.25 -2.19 16.02
N LYS A 657 26.60 -1.39 15.02
CA LYS A 657 27.96 -1.39 14.44
C LYS A 657 28.95 -0.52 15.24
N VAL A 658 28.59 0.73 15.51
CA VAL A 658 29.54 1.67 16.14
C VAL A 658 29.76 1.42 17.64
N ILE A 659 28.72 0.98 18.36
CA ILE A 659 28.84 0.84 19.81
C ILE A 659 29.92 -0.17 20.21
N PRO A 660 29.89 -1.38 19.63
CA PRO A 660 30.97 -2.34 19.92
C PRO A 660 32.38 -1.90 19.52
N ALA A 661 32.51 -0.91 18.63
CA ALA A 661 33.82 -0.40 18.21
C ALA A 661 34.34 0.76 19.08
N THR A 662 33.61 1.13 20.12
CA THR A 662 33.89 2.36 20.86
C THR A 662 34.77 2.14 22.09
N ASP A 663 35.74 3.04 22.30
CA ASP A 663 36.57 3.05 23.50
C ASP A 663 36.03 4.02 24.57
N LEU A 664 35.66 5.23 24.15
CA LEU A 664 35.12 6.25 25.05
C LEU A 664 33.70 6.67 24.64
N SER A 665 32.77 6.50 25.58
CA SER A 665 31.37 6.86 25.44
C SER A 665 31.08 8.24 26.05
N GLU A 666 30.58 9.16 25.23
CA GLU A 666 30.28 10.52 25.65
C GLU A 666 28.82 10.64 26.12
N GLN A 667 28.64 10.89 27.41
CA GLN A 667 27.32 11.01 28.03
C GLN A 667 27.32 12.27 28.89
N ILE A 668 27.20 13.42 28.22
CA ILE A 668 27.59 14.70 28.81
C ILE A 668 26.45 15.72 28.92
N SER A 669 25.23 15.23 29.11
CA SER A 669 24.07 16.10 29.32
C SER A 669 24.22 16.92 30.60
N THR A 670 23.62 18.11 30.61
CA THR A 670 23.64 18.95 31.81
C THR A 670 22.91 18.21 32.92
N ALA A 671 23.51 18.17 34.10
CA ALA A 671 22.89 17.48 35.24
C ALA A 671 21.43 17.90 35.43
N GLY A 672 20.54 16.91 35.47
CA GLY A 672 19.10 17.13 35.57
C GLY A 672 18.27 17.11 34.30
N THR A 673 18.92 16.89 33.14
CA THR A 673 18.22 17.02 31.85
C THR A 673 17.89 15.68 31.14
N GLU A 674 18.77 14.69 31.32
CA GLU A 674 18.62 13.38 30.68
C GLU A 674 17.92 12.46 31.68
N ALA A 675 16.65 12.18 31.45
CA ALA A 675 15.86 11.41 32.43
C ALA A 675 16.54 10.10 32.83
N SER A 676 17.04 9.36 31.84
CA SER A 676 17.82 8.13 32.11
C SER A 676 19.01 8.01 31.17
N GLY A 677 18.71 7.96 29.88
CA GLY A 677 19.66 7.52 28.89
C GLY A 677 19.63 6.00 28.82
N THR A 678 19.87 5.48 27.61
CA THR A 678 20.07 4.05 27.39
C THR A 678 21.30 3.76 26.51
N GLY A 679 21.68 4.70 25.64
CA GLY A 679 22.95 4.57 24.92
C GLY A 679 24.09 4.33 25.90
N ASN A 680 24.09 5.10 26.98
CA ASN A 680 25.07 4.92 28.05
C ASN A 680 25.24 3.46 28.48
N MET A 681 24.13 2.75 28.65
CA MET A 681 24.12 1.34 29.05
C MET A 681 24.67 0.43 27.95
N LYS A 682 24.32 0.75 26.71
CA LYS A 682 24.79 -0.02 25.56
C LYS A 682 26.33 0.02 25.52
N PHE A 683 26.90 1.22 25.63
CA PHE A 683 28.35 1.40 25.61
C PHE A 683 29.02 0.66 26.77
N MET A 684 28.42 0.72 27.95
CA MET A 684 28.98 0.06 29.13
C MET A 684 29.05 -1.46 28.95
N LEU A 685 27.98 -2.04 28.40
CA LEU A 685 27.91 -3.48 28.18
C LEU A 685 28.93 -3.97 27.15
N ASN A 686 29.33 -3.07 26.22
CA ASN A 686 30.15 -3.45 25.07
C ASN A 686 31.64 -3.08 25.15
N GLY A 687 32.12 -2.69 26.33
CA GLY A 687 33.57 -2.52 26.55
C GLY A 687 34.12 -1.13 26.34
N ALA A 688 33.27 -0.11 26.44
CA ALA A 688 33.72 1.28 26.40
C ALA A 688 33.71 1.86 27.82
N LEU A 689 34.62 2.80 28.07
CA LEU A 689 34.59 3.59 29.29
C LEU A 689 33.75 4.84 29.05
N THR A 690 33.19 5.38 30.13
CA THR A 690 32.24 6.49 30.05
C THR A 690 32.81 7.79 30.61
N ILE A 691 32.79 8.83 29.78
CA ILE A 691 32.96 10.20 30.28
C ILE A 691 31.59 10.85 30.34
N GLY A 692 31.22 11.30 31.54
CA GLY A 692 29.89 11.84 31.72
C GLY A 692 29.64 12.59 33.01
N THR A 693 28.51 13.27 33.03
CA THR A 693 28.01 13.97 34.21
C THR A 693 27.19 13.03 35.08
N MET A 694 26.93 13.46 36.32
CA MET A 694 26.03 12.75 37.22
C MET A 694 24.60 13.10 36.82
N ASP A 695 24.13 12.44 35.77
CA ASP A 695 22.80 12.69 35.23
C ASP A 695 22.17 11.37 34.84
N GLY A 696 20.85 11.28 34.92
CA GLY A 696 20.12 10.06 34.54
C GLY A 696 20.68 8.81 35.19
N ALA A 697 20.70 7.71 34.42
CA ALA A 697 21.29 6.46 34.86
C ALA A 697 22.82 6.46 34.92
N ASN A 698 23.48 7.53 34.46
CA ASN A 698 24.94 7.65 34.63
C ASN A 698 25.27 7.50 36.11
N VAL A 699 24.43 8.08 36.95
CA VAL A 699 24.62 8.02 38.41
C VAL A 699 24.61 6.56 38.90
N GLU A 700 23.67 5.76 38.38
CA GLU A 700 23.56 4.36 38.78
C GLU A 700 24.66 3.49 38.19
N MET A 701 25.13 3.84 36.99
CA MET A 701 26.30 3.15 36.41
C MET A 701 27.51 3.35 37.33
N ALA A 702 27.67 4.57 37.85
CA ALA A 702 28.74 4.85 38.82
C ALA A 702 28.54 4.07 40.11
N GLU A 703 27.29 3.98 40.58
CA GLU A 703 26.98 3.16 41.76
C GLU A 703 27.40 1.71 41.57
N GLU A 704 27.07 1.14 40.41
CA GLU A 704 27.32 -0.28 40.18
C GLU A 704 28.80 -0.60 39.97
N ALA A 705 29.50 0.21 39.17
CA ALA A 705 30.90 -0.07 38.81
C ALA A 705 31.90 0.55 39.78
N GLY A 706 31.44 1.50 40.57
CA GLY A 706 32.31 2.33 41.39
C GLY A 706 32.63 3.62 40.64
N GLU A 707 32.40 4.75 41.30
CA GLU A 707 32.54 6.06 40.68
C GLU A 707 33.93 6.30 40.09
N GLU A 708 34.96 5.70 40.70
CA GLU A 708 36.33 5.85 40.20
C GLU A 708 36.58 5.10 38.89
N ASN A 709 35.63 4.27 38.48
CA ASN A 709 35.74 3.51 37.23
C ASN A 709 34.95 4.13 36.08
N LEU A 710 34.39 5.31 36.33
CA LEU A 710 33.85 6.15 35.27
C LEU A 710 34.59 7.48 35.30
N PHE A 711 34.58 8.17 34.16
CA PHE A 711 35.15 9.50 34.09
C PHE A 711 34.04 10.53 34.30
N ILE A 712 33.67 10.70 35.58
CA ILE A 712 32.62 11.64 35.98
C ILE A 712 33.21 13.04 36.18
N PHE A 713 32.50 14.06 35.69
CA PHE A 713 32.93 15.45 35.80
C PHE A 713 31.75 16.40 35.89
N GLY A 714 32.05 17.66 36.22
CA GLY A 714 31.10 18.74 36.05
C GLY A 714 30.12 18.98 37.18
N MET A 715 29.24 19.97 36.95
CA MET A 715 28.19 20.34 37.90
C MET A 715 27.23 19.18 38.14
N ARG A 716 26.84 19.01 39.40
CA ARG A 716 25.79 18.07 39.75
C ARG A 716 24.51 18.87 39.90
N ILE A 717 23.40 18.19 40.12
CA ILE A 717 22.09 18.84 40.02
C ILE A 717 21.96 20.05 40.96
N ASP A 718 22.51 19.93 42.18
CA ASP A 718 22.51 21.05 43.13
C ASP A 718 23.43 22.21 42.70
N ASP A 719 24.52 21.91 42.00
CA ASP A 719 25.41 22.95 41.48
C ASP A 719 24.73 23.73 40.37
N VAL A 720 23.98 23.03 39.52
CA VAL A 720 23.18 23.70 38.49
C VAL A 720 22.14 24.61 39.13
N ALA A 721 21.49 24.13 40.19
CA ALA A 721 20.47 24.90 40.90
C ALA A 721 21.06 26.18 41.51
N ALA A 722 22.23 26.05 42.12
CA ALA A 722 22.94 27.21 42.67
C ALA A 722 23.27 28.24 41.60
N LEU A 723 23.75 27.77 40.45
CA LEU A 723 24.10 28.67 39.35
C LEU A 723 22.87 29.38 38.78
N ASP A 724 21.74 28.66 38.73
CA ASP A 724 20.45 29.24 38.35
C ASP A 724 20.03 30.33 39.33
N LYS A 725 20.21 30.08 40.62
CA LYS A 725 19.86 31.07 41.64
C LYS A 725 20.72 32.32 41.52
N LYS A 726 22.04 32.13 41.47
CA LYS A 726 22.97 33.25 41.32
C LYS A 726 22.77 33.98 40.00
N GLY A 727 22.49 33.22 38.93
CA GLY A 727 22.34 33.78 37.58
C GLY A 727 23.55 33.39 36.73
N TYR A 728 23.29 32.82 35.56
CA TYR A 728 24.36 32.29 34.72
C TYR A 728 24.92 33.35 33.76
N GLU A 729 26.20 33.66 33.92
CA GLU A 729 26.89 34.64 33.08
C GLU A 729 27.98 33.94 32.29
N ALA A 730 27.62 33.49 31.08
CA ALA A 730 28.55 32.73 30.23
C ALA A 730 29.86 33.48 29.98
N LYS A 731 29.77 34.79 29.77
CA LYS A 731 30.95 35.62 29.44
C LYS A 731 32.10 35.50 30.47
N GLU A 732 31.77 35.28 31.73
CA GLU A 732 32.78 35.18 32.79
C GLU A 732 33.72 34.00 32.56
N TYR A 733 33.16 32.87 32.12
CA TYR A 733 33.96 31.69 31.81
C TYR A 733 34.84 31.97 30.58
N TYR A 734 34.25 32.61 29.57
CA TYR A 734 34.96 33.02 28.35
C TYR A 734 36.17 33.89 28.68
N GLU A 735 35.98 34.90 29.51
CA GLU A 735 37.08 35.80 29.91
C GLU A 735 38.11 35.10 30.80
N ALA A 736 37.67 34.14 31.61
CA ALA A 736 38.54 33.47 32.58
C ALA A 736 39.39 32.32 32.02
N LEU A 737 38.96 31.73 30.91
CA LEU A 737 39.60 30.52 30.37
C LEU A 737 40.17 30.77 28.96
N PRO A 738 41.49 31.02 28.86
CA PRO A 738 42.16 31.33 27.59
C PRO A 738 41.88 30.33 26.46
N GLU A 739 41.86 29.05 26.78
CA GLU A 739 41.64 28.01 25.77
C GLU A 739 40.23 28.09 25.19
N LEU A 740 39.25 28.33 26.07
CA LEU A 740 37.88 28.55 25.64
C LEU A 740 37.80 29.79 24.75
N LYS A 741 38.43 30.88 25.18
CA LYS A 741 38.40 32.13 24.41
C LYS A 741 38.84 31.92 22.96
N LEU A 742 39.93 31.19 22.76
CA LEU A 742 40.45 30.91 21.42
C LEU A 742 39.42 30.15 20.58
N VAL A 743 38.86 29.08 21.14
CA VAL A 743 37.84 28.27 20.48
C VAL A 743 36.66 29.13 20.02
N ILE A 744 36.12 29.91 20.95
CA ILE A 744 34.95 30.74 20.67
C ILE A 744 35.25 31.84 19.64
N ASP A 745 36.42 32.47 19.74
CA ASP A 745 36.78 33.51 18.77
C ASP A 745 36.92 32.91 17.38
N GLN A 746 37.54 31.74 17.28
CA GLN A 746 37.66 31.03 15.98
C GLN A 746 36.30 30.78 15.34
N ILE A 747 35.36 30.27 16.14
CA ILE A 747 34.01 30.00 15.66
C ILE A 747 33.32 31.31 15.25
N ASP A 748 33.41 32.32 16.12
CA ASP A 748 32.73 33.61 15.90
C ASP A 748 33.32 34.41 14.73
N ASN A 749 34.63 34.32 14.53
CA ASN A 749 35.34 35.14 13.56
C ASN A 749 35.51 34.52 12.17
N GLY A 750 35.16 33.24 12.02
CA GLY A 750 35.14 32.61 10.69
C GLY A 750 36.28 31.64 10.41
N PHE A 751 37.06 31.29 11.43
CA PHE A 751 38.16 30.32 11.27
C PHE A 751 37.68 29.00 10.68
N PHE A 752 36.46 28.59 11.03
CA PHE A 752 35.88 27.34 10.54
C PHE A 752 34.87 27.53 9.40
N SER A 753 34.65 28.78 8.99
CA SER A 753 33.79 29.11 7.86
C SER A 753 34.35 30.34 7.10
N PRO A 754 35.54 30.20 6.50
CA PRO A 754 36.22 31.35 5.86
C PRO A 754 35.43 31.98 4.70
N LYS A 755 34.65 31.18 3.99
CA LYS A 755 33.79 31.71 2.92
C LYS A 755 32.52 32.37 3.47
N GLN A 756 32.20 32.11 4.74
CA GLN A 756 31.02 32.70 5.38
C GLN A 756 31.32 33.00 6.85
N PRO A 757 32.08 34.08 7.12
CA PRO A 757 32.59 34.38 8.46
C PRO A 757 31.53 34.51 9.57
N ASP A 758 30.34 34.95 9.21
CA ASP A 758 29.25 35.14 10.17
C ASP A 758 28.33 33.92 10.34
N LEU A 759 28.76 32.77 9.82
CA LEU A 759 27.87 31.61 9.71
C LEU A 759 27.30 31.16 11.05
N PHE A 760 28.14 31.18 12.09
CA PHE A 760 27.77 30.63 13.40
C PHE A 760 27.31 31.68 14.42
N LYS A 761 26.84 32.82 13.92
CA LYS A 761 26.35 33.90 14.77
C LYS A 761 25.29 33.45 15.78
N ASP A 762 24.32 32.66 15.33
CA ASP A 762 23.23 32.17 16.20
C ASP A 762 23.74 31.28 17.34
N ILE A 763 24.77 30.50 17.09
CA ILE A 763 25.35 29.62 18.12
C ILE A 763 26.05 30.48 19.18
N ILE A 764 26.87 31.42 18.72
CA ILE A 764 27.56 32.34 19.63
C ILE A 764 26.56 33.10 20.50
N ASN A 765 25.53 33.68 19.88
CA ASN A 765 24.48 34.41 20.61
C ASN A 765 23.79 33.53 21.65
N MET A 766 23.49 32.28 21.28
CA MET A 766 22.90 31.34 22.22
C MET A 766 23.84 31.06 23.39
N LEU A 767 25.11 30.78 23.08
CA LEU A 767 26.09 30.40 24.10
C LEU A 767 26.29 31.50 25.14
N PHE A 768 26.28 32.75 24.69
CA PHE A 768 26.55 33.89 25.58
C PHE A 768 25.33 34.44 26.31
N TYR A 769 24.16 34.37 25.69
CA TYR A 769 22.97 35.05 26.24
C TYR A 769 21.75 34.18 26.53
N HIS A 770 21.68 32.98 25.95
CA HIS A 770 20.48 32.14 26.07
C HIS A 770 20.77 30.65 26.25
N ASP A 771 21.89 30.31 26.90
CA ASP A 771 22.28 28.90 27.05
C ASP A 771 21.68 28.27 28.31
N ARG A 772 20.50 27.69 28.16
CA ARG A 772 19.82 27.02 29.25
C ARG A 772 20.57 25.81 29.81
N PHE A 773 21.59 25.36 29.08
CA PHE A 773 22.30 24.14 29.45
C PHE A 773 23.76 24.35 29.83
N LYS A 774 24.19 25.61 29.88
CA LYS A 774 25.42 26.01 30.58
C LYS A 774 26.66 25.29 30.08
N VAL A 775 26.89 25.34 28.77
CA VAL A 775 28.03 24.69 28.15
C VAL A 775 29.35 25.19 28.74
N PHE A 776 29.53 26.51 28.77
CA PHE A 776 30.78 27.10 29.27
C PHE A 776 31.07 26.70 30.73
N ALA A 777 30.02 26.56 31.53
CA ALA A 777 30.16 26.26 32.96
C ALA A 777 30.72 24.88 33.25
N ASP A 778 30.63 23.96 32.29
CA ASP A 778 31.21 22.62 32.44
C ASP A 778 32.47 22.41 31.59
N TYR A 779 32.87 23.42 30.81
CA TYR A 779 33.99 23.27 29.87
C TYR A 779 35.30 22.92 30.56
N GLU A 780 35.66 23.68 31.59
CA GLU A 780 36.93 23.50 32.29
C GLU A 780 37.06 22.09 32.86
N ALA A 781 36.05 21.65 33.59
CA ALA A 781 36.03 20.31 34.18
C ALA A 781 36.05 19.21 33.11
N TYR A 782 35.31 19.44 32.03
CA TYR A 782 35.23 18.49 30.91
C TYR A 782 36.60 18.27 30.27
N VAL A 783 37.28 19.36 29.92
CA VAL A 783 38.61 19.27 29.31
C VAL A 783 39.63 18.60 30.26
N LYS A 784 39.59 18.94 31.55
CA LYS A 784 40.48 18.30 32.53
C LYS A 784 40.23 16.80 32.61
N CYS A 785 38.95 16.45 32.61
CA CYS A 785 38.54 15.05 32.65
C CYS A 785 39.00 14.31 31.40
N GLN A 786 38.85 14.92 30.23
CA GLN A 786 39.34 14.33 28.98
C GLN A 786 40.85 14.05 29.03
N ASP A 787 41.60 14.95 29.66
CA ASP A 787 43.05 14.76 29.78
C ASP A 787 43.37 13.50 30.57
N LYS A 788 42.59 13.22 31.61
CA LYS A 788 42.74 11.99 32.39
C LYS A 788 42.43 10.76 31.54
N VAL A 789 41.43 10.87 30.68
CA VAL A 789 41.07 9.77 29.77
C VAL A 789 42.26 9.42 28.88
N SER A 790 42.85 10.44 28.26
CA SER A 790 44.02 10.25 27.40
C SER A 790 45.14 9.54 28.15
N GLN A 791 45.40 9.97 29.39
CA GLN A 791 46.45 9.36 30.22
C GLN A 791 46.21 7.88 30.43
N LEU A 792 44.99 7.51 30.82
CA LEU A 792 44.66 6.10 31.04
C LEU A 792 44.79 5.28 29.76
N TYR A 793 44.41 5.86 28.62
CA TYR A 793 44.44 5.12 27.35
C TYR A 793 45.87 4.67 26.96
N MET A 794 46.87 5.45 27.40
N MET A 794 46.88 5.43 27.38
CA MET A 794 48.28 5.11 27.19
CA MET A 794 48.28 5.05 27.13
C MET A 794 48.75 3.91 28.01
C MET A 794 48.79 3.94 28.06
N ASN A 795 47.94 3.49 28.98
CA ASN A 795 48.25 2.31 29.81
C ASN A 795 47.17 1.24 29.57
N PRO A 796 47.36 0.41 28.52
CA PRO A 796 46.37 -0.62 28.17
C PRO A 796 45.94 -1.53 29.31
N LYS A 797 46.87 -1.89 30.21
CA LYS A 797 46.53 -2.77 31.31
C LYS A 797 45.53 -2.12 32.25
N ALA A 798 45.81 -0.87 32.64
CA ALA A 798 44.91 -0.11 33.49
C ALA A 798 43.60 0.25 32.77
N TRP A 799 43.71 0.56 31.47
CA TRP A 799 42.50 0.86 30.69
C TRP A 799 41.56 -0.34 30.70
N ASN A 800 42.08 -1.50 30.31
CA ASN A 800 41.25 -2.69 30.16
C ASN A 800 40.79 -3.28 31.50
N THR A 801 41.56 -3.02 32.56
CA THR A 801 41.11 -3.36 33.91
C THR A 801 39.85 -2.56 34.27
N MET A 802 39.84 -1.27 33.94
CA MET A 802 38.67 -0.45 34.18
C MET A 802 37.49 -0.91 33.31
N VAL A 803 37.77 -1.30 32.06
CA VAL A 803 36.73 -1.84 31.17
C VAL A 803 36.07 -3.08 31.78
N LEU A 804 36.90 -4.03 32.20
CA LEU A 804 36.43 -5.24 32.87
C LEU A 804 35.49 -4.91 34.03
N LYS A 805 35.85 -3.91 34.83
CA LYS A 805 35.01 -3.50 35.98
C LYS A 805 33.66 -2.88 35.56
N ASN A 806 33.63 -2.25 34.39
CA ASN A 806 32.38 -1.75 33.82
C ASN A 806 31.49 -2.87 33.27
N ILE A 807 32.06 -3.73 32.42
CA ILE A 807 31.30 -4.86 31.86
C ILE A 807 30.75 -5.74 32.99
N ALA A 808 31.61 -6.06 33.94
CA ALA A 808 31.24 -6.96 35.04
C ALA A 808 30.16 -6.39 35.97
N ALA A 809 29.96 -5.07 35.94
CA ALA A 809 28.96 -4.40 36.77
C ALA A 809 27.75 -3.90 35.97
N SER A 810 27.62 -4.32 34.71
CA SER A 810 26.56 -3.80 33.85
C SER A 810 25.24 -4.59 33.98
N GLY A 811 25.23 -5.66 34.76
CA GLY A 811 24.08 -6.55 34.86
C GLY A 811 22.76 -5.90 35.25
N LYS A 812 22.82 -4.89 36.11
CA LYS A 812 21.61 -4.17 36.54
C LYS A 812 20.83 -3.60 35.35
N PHE A 813 21.54 -3.31 34.26
CA PHE A 813 20.95 -2.54 33.16
C PHE A 813 20.33 -3.41 32.08
N SER A 814 20.15 -4.70 32.37
CA SER A 814 19.34 -5.54 31.49
C SER A 814 17.90 -5.10 31.63
N SER A 815 17.21 -4.96 30.50
CA SER A 815 15.77 -4.67 30.55
C SER A 815 14.96 -5.83 31.12
N ASP A 816 15.55 -7.01 31.26
CA ASP A 816 14.89 -8.12 31.97
C ASP A 816 14.65 -7.76 33.43
N ARG A 817 15.64 -7.10 34.03
CA ARG A 817 15.53 -6.62 35.41
C ARG A 817 14.42 -5.57 35.50
N THR A 818 14.48 -4.59 34.61
CA THR A 818 13.47 -3.53 34.53
C THR A 818 12.06 -4.11 34.44
N ILE A 819 11.86 -5.05 33.51
CA ILE A 819 10.54 -5.65 33.29
C ILE A 819 10.04 -6.45 34.50
N LYS A 820 10.92 -7.21 35.14
CA LYS A 820 10.54 -7.90 36.39
C LYS A 820 9.99 -6.92 37.43
N GLU A 821 10.60 -5.74 37.53
CA GLU A 821 10.16 -4.72 38.48
C GLU A 821 8.81 -4.11 38.10
N TYR A 822 8.58 -3.80 36.81
CA TYR A 822 7.26 -3.37 36.36
C TYR A 822 6.22 -4.47 36.68
N ALA A 823 6.57 -5.73 36.39
CA ALA A 823 5.66 -6.85 36.56
C ALA A 823 5.20 -7.00 38.01
N GLN A 824 6.17 -6.94 38.93
CA GLN A 824 5.91 -7.15 40.35
C GLN A 824 5.18 -5.98 40.99
N ASN A 825 5.61 -4.75 40.68
CA ASN A 825 5.17 -3.57 41.43
C ASN A 825 4.16 -2.67 40.72
N ILE A 826 3.87 -2.92 39.44
CA ILE A 826 2.91 -2.10 38.71
C ILE A 826 1.81 -2.94 38.06
N TRP A 827 2.20 -3.93 37.26
CA TRP A 827 1.24 -4.73 36.49
C TRP A 827 0.58 -5.87 37.27
N ASN A 828 1.24 -6.34 38.31
CA ASN A 828 0.78 -7.51 39.08
C ASN A 828 0.69 -8.78 38.22
N VAL A 829 1.77 -9.07 37.49
CA VAL A 829 1.90 -10.29 36.69
C VAL A 829 3.21 -11.01 37.02
N GLU A 830 3.26 -12.30 36.68
CA GLU A 830 4.42 -13.14 37.02
C GLU A 830 5.13 -13.65 35.77
N PRO A 831 6.47 -13.56 35.75
CA PRO A 831 7.20 -14.26 34.68
C PRO A 831 6.82 -15.74 34.61
N SER A 832 6.69 -16.28 33.40
CA SER A 832 6.19 -17.64 33.19
C SER A 832 7.10 -18.45 32.25
N ASN B 25 -3.31 -36.77 -5.79
CA ASN B 25 -3.53 -35.33 -6.19
C ASN B 25 -4.41 -34.61 -5.17
N VAL B 26 -5.55 -35.19 -4.84
CA VAL B 26 -6.46 -34.61 -3.83
C VAL B 26 -5.79 -34.52 -2.45
N ALA B 27 -5.08 -35.58 -2.08
CA ALA B 27 -4.42 -35.63 -0.77
C ALA B 27 -3.40 -34.52 -0.64
N GLU B 28 -2.64 -34.25 -1.70
CA GLU B 28 -1.62 -33.22 -1.67
C GLU B 28 -2.20 -31.81 -1.71
N LEU B 29 -3.30 -31.64 -2.44
CA LEU B 29 -3.99 -30.34 -2.43
C LEU B 29 -4.45 -29.98 -1.02
N LYS B 30 -5.00 -30.96 -0.29
CA LYS B 30 -5.43 -30.75 1.09
C LYS B 30 -4.26 -30.37 1.98
N LYS B 31 -3.14 -31.09 1.83
CA LYS B 31 -1.94 -30.79 2.61
C LYS B 31 -1.43 -29.38 2.33
N SER B 32 -1.40 -29.00 1.05
CA SER B 32 -0.95 -27.67 0.64
C SER B 32 -1.87 -26.57 1.18
N PHE B 33 -3.17 -26.81 1.15
CA PHE B 33 -4.17 -25.89 1.72
C PHE B 33 -3.85 -25.66 3.19
N ASN B 34 -3.67 -26.76 3.93
CA ASN B 34 -3.39 -26.66 5.36
C ASN B 34 -2.09 -25.93 5.66
N ARG B 35 -1.06 -26.20 4.87
CA ARG B 35 0.23 -25.50 5.04
C ARG B 35 0.09 -24.00 4.81
N HIS B 36 -0.64 -23.59 3.79
CA HIS B 36 -0.86 -22.16 3.54
C HIS B 36 -1.70 -21.50 4.64
N LEU B 37 -2.75 -22.17 5.11
CA LEU B 37 -3.55 -21.62 6.20
C LEU B 37 -2.67 -21.36 7.43
N HIS B 38 -1.77 -22.31 7.70
CA HIS B 38 -0.90 -22.26 8.87
C HIS B 38 0.21 -21.23 8.70
N PHE B 39 1.07 -21.43 7.69
CA PHE B 39 2.26 -20.62 7.50
C PHE B 39 2.03 -19.27 6.78
N THR B 40 1.12 -19.24 5.80
CA THR B 40 0.91 -18.02 5.02
C THR B 40 -0.11 -17.09 5.68
N LEU B 41 -1.21 -17.65 6.18
CA LEU B 41 -2.24 -16.83 6.82
C LEU B 41 -2.02 -16.69 8.34
N VAL B 42 -1.18 -17.56 8.89
CA VAL B 42 -0.84 -17.55 10.31
C VAL B 42 -2.11 -17.65 11.16
N LYS B 43 -2.92 -18.66 10.85
CA LYS B 43 -4.17 -18.89 11.54
C LYS B 43 -4.30 -20.35 11.95
N ASP B 44 -4.71 -20.57 13.19
CA ASP B 44 -5.23 -21.87 13.61
C ASP B 44 -6.61 -22.04 12.98
N ARG B 45 -6.94 -23.26 12.58
CA ARG B 45 -8.25 -23.52 11.95
C ARG B 45 -9.41 -23.08 12.85
N ASN B 46 -9.24 -23.17 14.17
CA ASN B 46 -10.30 -22.76 15.12
C ASN B 46 -10.68 -21.28 15.11
N VAL B 47 -9.82 -20.42 14.56
CA VAL B 47 -10.16 -18.99 14.41
C VAL B 47 -10.11 -18.53 12.95
N ALA B 48 -10.04 -19.47 12.01
CA ALA B 48 -9.99 -19.12 10.58
C ALA B 48 -11.31 -18.55 10.07
N THR B 49 -11.22 -17.73 9.04
CA THR B 49 -12.38 -17.15 8.37
C THR B 49 -12.56 -17.79 7.00
N THR B 50 -13.73 -17.57 6.40
CA THR B 50 -13.98 -18.06 5.04
C THR B 50 -12.99 -17.45 4.04
N ARG B 51 -12.67 -16.17 4.25
CA ARG B 51 -11.68 -15.47 3.45
C ARG B 51 -10.30 -16.14 3.58
N ASP B 52 -9.92 -16.55 4.79
CA ASP B 52 -8.67 -17.27 5.00
C ASP B 52 -8.60 -18.52 4.13
N TYR B 53 -9.72 -19.23 4.07
CA TYR B 53 -9.79 -20.46 3.28
C TYR B 53 -9.64 -20.14 1.81
N TYR B 54 -10.33 -19.09 1.34
CA TYR B 54 -10.17 -18.66 -0.05
C TYR B 54 -8.68 -18.39 -0.36
N PHE B 55 -8.01 -17.63 0.51
CA PHE B 55 -6.59 -17.31 0.27
C PHE B 55 -5.68 -18.54 0.29
N ALA B 56 -5.93 -19.47 1.22
CA ALA B 56 -5.15 -20.70 1.32
C ALA B 56 -5.29 -21.52 0.03
N LEU B 57 -6.51 -21.61 -0.49
CA LEU B 57 -6.77 -22.27 -1.78
C LEU B 57 -6.11 -21.52 -2.94
N ALA B 58 -6.20 -20.19 -2.92
CA ALA B 58 -5.63 -19.36 -4.00
C ALA B 58 -4.11 -19.56 -4.10
N HIS B 59 -3.43 -19.52 -2.96
CA HIS B 59 -2.00 -19.80 -2.94
C HIS B 59 -1.64 -21.22 -3.39
N THR B 60 -2.47 -22.18 -2.98
CA THR B 60 -2.28 -23.59 -3.38
C THR B 60 -2.34 -23.70 -4.91
N VAL B 61 -3.34 -23.07 -5.51
CA VAL B 61 -3.50 -23.09 -6.97
C VAL B 61 -2.36 -22.33 -7.67
N ARG B 62 -2.02 -21.14 -7.19
CA ARG B 62 -0.93 -20.36 -7.79
C ARG B 62 0.37 -21.16 -7.81
N ASP B 63 0.65 -21.86 -6.72
CA ASP B 63 1.86 -22.69 -6.61
C ASP B 63 1.97 -23.66 -7.79
N HIS B 64 0.82 -24.15 -8.28
CA HIS B 64 0.80 -25.11 -9.39
C HIS B 64 1.20 -24.54 -10.73
N LEU B 65 1.24 -23.22 -10.90
CA LEU B 65 1.66 -22.67 -12.20
C LEU B 65 3.03 -21.98 -12.18
N VAL B 66 3.70 -21.94 -11.02
CA VAL B 66 4.97 -21.24 -10.90
C VAL B 66 6.07 -21.88 -11.76
N GLY B 67 6.13 -23.20 -11.77
CA GLY B 67 7.10 -23.92 -12.58
C GLY B 67 7.00 -23.56 -14.06
N ARG B 68 5.80 -23.63 -14.60
CA ARG B 68 5.56 -23.25 -15.99
C ARG B 68 5.77 -21.75 -16.24
N TRP B 69 5.49 -20.91 -15.24
CA TRP B 69 5.67 -19.46 -15.39
C TRP B 69 7.15 -19.14 -15.56
N ILE B 70 7.98 -19.70 -14.68
CA ILE B 70 9.41 -19.49 -14.74
C ILE B 70 9.98 -20.09 -16.04
N ARG B 71 9.55 -21.31 -16.37
CA ARG B 71 10.06 -22.00 -17.58
C ARG B 71 9.58 -21.33 -18.87
N THR B 72 8.42 -20.69 -18.86
CA THR B 72 7.97 -19.90 -20.01
C THR B 72 8.91 -18.70 -20.25
N GLN B 73 9.27 -18.00 -19.18
CA GLN B 73 10.22 -16.90 -19.28
C GLN B 73 11.58 -17.38 -19.84
N GLN B 74 12.05 -18.52 -19.33
CA GLN B 74 13.33 -19.07 -19.80
C GLN B 74 13.25 -19.41 -21.28
N HIS B 75 12.16 -20.04 -21.67
CA HIS B 75 11.94 -20.46 -23.06
C HIS B 75 11.96 -19.28 -24.04
N TYR B 76 11.29 -18.19 -23.68
CA TYR B 76 11.28 -17.00 -24.53
C TYR B 76 12.66 -16.37 -24.62
N TYR B 77 13.40 -16.38 -23.51
CA TYR B 77 14.80 -15.94 -23.52
C TYR B 77 15.66 -16.85 -24.41
N ASP B 78 15.51 -18.17 -24.21
CA ASP B 78 16.32 -19.15 -24.94
C ASP B 78 16.08 -19.13 -26.45
N LYS B 79 14.81 -19.14 -26.87
CA LYS B 79 14.46 -19.31 -28.28
C LYS B 79 14.12 -18.02 -29.05
N CYS B 80 14.00 -16.89 -28.36
CA CYS B 80 13.75 -15.60 -28.99
C CYS B 80 12.61 -15.57 -30.00
N PRO B 81 11.41 -16.02 -29.60
CA PRO B 81 10.28 -15.80 -30.50
C PRO B 81 9.98 -14.31 -30.56
N LYS B 82 9.39 -13.85 -31.66
CA LYS B 82 8.92 -12.47 -31.70
C LYS B 82 7.85 -12.31 -30.61
N ARG B 83 7.97 -11.24 -29.85
CA ARG B 83 7.09 -10.97 -28.72
C ARG B 83 5.97 -10.00 -29.11
N VAL B 84 4.80 -10.24 -28.54
CA VAL B 84 3.65 -9.37 -28.72
C VAL B 84 3.36 -8.68 -27.41
N TYR B 85 3.28 -7.36 -27.45
CA TYR B 85 2.98 -6.58 -26.27
C TYR B 85 1.64 -5.87 -26.47
N TYR B 86 0.66 -6.25 -25.66
CA TYR B 86 -0.69 -5.69 -25.76
C TYR B 86 -0.80 -4.57 -24.74
N LEU B 87 -0.76 -3.33 -25.24
CA LEU B 87 -0.70 -2.14 -24.40
C LEU B 87 -2.08 -1.50 -24.28
N SER B 88 -2.61 -1.46 -23.06
CA SER B 88 -3.99 -1.05 -22.82
C SER B 88 -4.09 -0.31 -21.51
N LEU B 89 -4.95 0.71 -21.44
CA LEU B 89 -5.24 1.38 -20.18
C LEU B 89 -6.16 0.54 -19.31
N GLU B 90 -6.76 -0.51 -19.90
CA GLU B 90 -7.74 -1.34 -19.20
C GLU B 90 -7.53 -2.86 -19.40
N PHE B 91 -7.64 -3.61 -18.30
CA PHE B 91 -7.75 -5.07 -18.33
C PHE B 91 -8.90 -5.49 -17.39
N TYR B 92 -10.01 -5.92 -17.99
CA TYR B 92 -11.27 -6.19 -17.26
C TYR B 92 -11.30 -7.68 -16.97
N MET B 93 -10.57 -8.08 -15.93
CA MET B 93 -10.13 -9.46 -15.78
C MET B 93 -11.10 -10.33 -14.98
N GLY B 94 -11.97 -9.70 -14.19
CA GLY B 94 -12.87 -10.44 -13.31
C GLY B 94 -12.09 -11.19 -12.23
N ARG B 95 -12.62 -12.33 -11.79
CA ARG B 95 -11.98 -13.19 -10.79
C ARG B 95 -11.03 -14.16 -11.46
N THR B 96 -10.03 -14.64 -10.70
CA THR B 96 -8.95 -15.47 -11.24
C THR B 96 -8.95 -16.93 -10.76
N LEU B 97 -9.54 -17.23 -9.61
CA LEU B 97 -9.40 -18.57 -9.01
C LEU B 97 -9.96 -19.69 -9.91
N GLN B 98 -11.25 -19.60 -10.24
CA GLN B 98 -11.87 -20.63 -11.05
C GLN B 98 -11.24 -20.72 -12.43
N ASN B 99 -10.94 -19.57 -13.02
CA ASN B 99 -10.31 -19.56 -14.34
C ASN B 99 -8.98 -20.30 -14.34
N THR B 100 -8.19 -20.10 -13.29
CA THR B 100 -6.87 -20.74 -13.17
C THR B 100 -7.01 -22.25 -12.95
N MET B 101 -7.91 -22.65 -12.07
CA MET B 101 -8.18 -24.08 -11.84
C MET B 101 -8.57 -24.78 -13.13
N ILE B 102 -9.45 -24.15 -13.92
CA ILE B 102 -9.90 -24.74 -15.18
C ILE B 102 -8.74 -24.88 -16.17
N ASN B 103 -7.98 -23.80 -16.35
CA ASN B 103 -6.89 -23.82 -17.34
C ASN B 103 -5.76 -24.78 -16.96
N LEU B 104 -5.56 -25.04 -15.67
CA LEU B 104 -4.53 -25.99 -15.21
C LEU B 104 -5.08 -27.42 -15.04
N GLY B 105 -6.38 -27.60 -15.25
CA GLY B 105 -7.00 -28.92 -15.10
C GLY B 105 -7.20 -29.39 -13.66
N LEU B 106 -7.30 -28.43 -12.73
CA LEU B 106 -7.34 -28.74 -11.30
C LEU B 106 -8.72 -28.60 -10.64
N GLN B 107 -9.73 -28.18 -11.41
CA GLN B 107 -11.00 -27.80 -10.78
C GLN B 107 -11.65 -28.95 -10.02
N ASN B 108 -11.77 -30.10 -10.68
CA ASN B 108 -12.42 -31.26 -10.06
C ASN B 108 -11.66 -31.72 -8.79
N ALA B 109 -10.34 -31.77 -8.85
CA ALA B 109 -9.55 -32.20 -7.69
C ALA B 109 -9.62 -31.19 -6.53
N CYS B 110 -9.61 -29.89 -6.85
CA CYS B 110 -9.77 -28.87 -5.82
C CYS B 110 -11.15 -28.92 -5.16
N ASP B 111 -12.20 -29.11 -5.96
CA ASP B 111 -13.56 -29.22 -5.42
C ASP B 111 -13.63 -30.34 -4.39
N GLU B 112 -13.05 -31.50 -4.75
CA GLU B 112 -13.04 -32.67 -3.86
C GLU B 112 -12.19 -32.43 -2.61
N ALA B 113 -11.00 -31.85 -2.77
CA ALA B 113 -10.14 -31.55 -1.62
C ALA B 113 -10.86 -30.64 -0.62
N ILE B 114 -11.46 -29.57 -1.13
CA ILE B 114 -12.18 -28.58 -0.31
C ILE B 114 -13.40 -29.23 0.36
N TYR B 115 -14.13 -30.05 -0.41
CA TYR B 115 -15.24 -30.84 0.15
C TYR B 115 -14.79 -31.71 1.32
N GLN B 116 -13.64 -32.39 1.17
CA GLN B 116 -13.12 -33.27 2.21
C GLN B 116 -12.69 -32.48 3.46
N LEU B 117 -12.35 -31.21 3.27
CA LEU B 117 -12.01 -30.32 4.38
C LEU B 117 -13.27 -29.72 5.04
N GLY B 118 -14.45 -30.11 4.59
CA GLY B 118 -15.71 -29.68 5.21
C GLY B 118 -16.28 -28.38 4.65
N LEU B 119 -15.73 -27.92 3.52
CA LEU B 119 -16.04 -26.63 2.95
C LEU B 119 -16.63 -26.76 1.55
N ASP B 120 -17.11 -25.65 1.01
CA ASP B 120 -17.75 -25.61 -0.30
C ASP B 120 -16.96 -24.64 -1.17
N ILE B 121 -16.31 -25.15 -2.21
CA ILE B 121 -15.43 -24.33 -3.05
C ILE B 121 -16.16 -23.13 -3.68
N GLU B 122 -17.46 -23.28 -3.93
CA GLU B 122 -18.25 -22.19 -4.54
C GLU B 122 -18.39 -21.01 -3.58
N GLU B 123 -18.53 -21.31 -2.29
CA GLU B 123 -18.53 -20.29 -1.25
C GLU B 123 -17.18 -19.56 -1.16
N LEU B 124 -16.08 -20.31 -1.25
CA LEU B 124 -14.75 -19.70 -1.25
C LEU B 124 -14.56 -18.80 -2.46
N GLU B 125 -15.05 -19.27 -3.61
CA GLU B 125 -14.93 -18.51 -4.86
C GLU B 125 -15.59 -17.13 -4.77
N GLU B 126 -16.70 -17.05 -4.05
CA GLU B 126 -17.44 -15.79 -3.91
C GLU B 126 -16.74 -14.74 -3.06
N ILE B 127 -15.68 -15.12 -2.33
CA ILE B 127 -14.89 -14.18 -1.54
C ILE B 127 -14.07 -13.25 -2.43
N GLU B 128 -13.62 -13.76 -3.58
CA GLU B 128 -12.67 -13.03 -4.41
C GLU B 128 -13.26 -11.77 -5.03
N GLU B 129 -12.54 -10.65 -4.92
CA GLU B 129 -12.92 -9.41 -5.59
C GLU B 129 -12.61 -9.54 -7.08
N ASP B 130 -13.46 -8.98 -7.93
CA ASP B 130 -13.13 -8.81 -9.35
C ASP B 130 -11.91 -7.89 -9.48
N ALA B 131 -10.98 -8.20 -10.39
CA ALA B 131 -10.03 -7.21 -10.87
C ALA B 131 -10.76 -6.41 -11.94
N GLY B 132 -11.50 -5.40 -11.49
CA GLY B 132 -12.37 -4.62 -12.36
C GLY B 132 -11.61 -3.46 -12.96
N LEU B 133 -10.50 -3.75 -13.64
CA LEU B 133 -9.63 -2.67 -14.13
C LEU B 133 -10.00 -2.26 -15.55
N GLY B 134 -11.30 -2.12 -15.77
CA GLY B 134 -11.83 -1.78 -17.06
C GLY B 134 -13.27 -1.29 -16.95
N ASN B 135 -13.77 -0.76 -18.04
CA ASN B 135 -15.10 -0.17 -18.10
C ASN B 135 -16.15 -1.06 -18.76
N GLY B 136 -15.72 -1.81 -19.78
CA GLY B 136 -16.65 -2.60 -20.57
C GLY B 136 -15.94 -3.38 -21.67
N GLY B 137 -16.45 -3.29 -22.89
CA GLY B 137 -16.00 -4.15 -23.99
C GLY B 137 -14.52 -4.06 -24.30
N LEU B 138 -14.00 -2.84 -24.32
CA LEU B 138 -12.60 -2.58 -24.65
C LEU B 138 -11.65 -3.27 -23.67
N GLY B 139 -11.92 -3.11 -22.38
CA GLY B 139 -11.11 -3.74 -21.35
C GLY B 139 -11.30 -5.25 -21.30
N ARG B 140 -12.51 -5.71 -21.58
CA ARG B 140 -12.78 -7.15 -21.57
C ARG B 140 -12.13 -7.84 -22.79
N LEU B 141 -12.03 -7.14 -23.91
CA LEU B 141 -11.33 -7.70 -25.09
C LEU B 141 -9.88 -7.98 -24.75
N ALA B 142 -9.23 -7.04 -24.08
CA ALA B 142 -7.86 -7.24 -23.63
C ALA B 142 -7.72 -8.50 -22.77
N ALA B 143 -8.67 -8.72 -21.86
CA ALA B 143 -8.66 -9.90 -20.98
C ALA B 143 -8.84 -11.22 -21.77
N CYS B 144 -9.82 -11.26 -22.67
CA CYS B 144 -10.02 -12.44 -23.51
C CYS B 144 -8.77 -12.71 -24.35
N PHE B 145 -8.18 -11.67 -24.89
CA PHE B 145 -6.97 -11.79 -25.72
C PHE B 145 -5.81 -12.40 -24.94
N LEU B 146 -5.62 -11.99 -23.68
CA LEU B 146 -4.53 -12.58 -22.89
C LEU B 146 -4.73 -14.10 -22.74
N ASP B 147 -5.95 -14.52 -22.46
CA ASP B 147 -6.25 -15.95 -22.32
C ASP B 147 -5.99 -16.69 -23.65
N SER B 148 -6.46 -16.10 -24.74
CA SER B 148 -6.26 -16.68 -26.08
C SER B 148 -4.78 -16.76 -26.48
N MET B 149 -4.05 -15.66 -26.27
CA MET B 149 -2.64 -15.64 -26.64
C MET B 149 -1.85 -16.69 -25.86
N ALA B 150 -2.16 -16.87 -24.57
CA ALA B 150 -1.50 -17.89 -23.75
C ALA B 150 -1.87 -19.31 -24.22
N THR B 151 -3.13 -19.51 -24.54
CA THR B 151 -3.64 -20.81 -25.00
C THR B 151 -3.01 -21.22 -26.35
N LEU B 152 -2.71 -20.22 -27.18
CA LEU B 152 -2.06 -20.42 -28.49
C LEU B 152 -0.54 -20.39 -28.45
N GLY B 153 0.03 -20.19 -27.26
CA GLY B 153 1.47 -20.26 -27.07
C GLY B 153 2.27 -19.10 -27.63
N LEU B 154 1.62 -17.94 -27.80
CA LEU B 154 2.32 -16.73 -28.26
C LEU B 154 3.12 -16.12 -27.12
N ALA B 155 4.27 -15.53 -27.45
CA ALA B 155 5.11 -14.88 -26.44
C ALA B 155 4.58 -13.48 -26.16
N ALA B 156 3.44 -13.41 -25.46
CA ALA B 156 2.68 -12.16 -25.32
C ALA B 156 2.58 -11.70 -23.86
N TYR B 157 2.81 -10.41 -23.64
CA TYR B 157 2.54 -9.80 -22.33
C TYR B 157 1.50 -8.69 -22.48
N GLY B 158 0.62 -8.59 -21.49
CA GLY B 158 -0.25 -7.45 -21.35
C GLY B 158 0.42 -6.41 -20.47
N TYR B 159 0.36 -5.15 -20.88
CA TYR B 159 0.90 -4.05 -20.11
C TYR B 159 -0.20 -3.03 -19.83
N GLY B 160 -0.41 -2.71 -18.55
CA GLY B 160 -1.41 -1.72 -18.14
C GLY B 160 -1.07 -1.05 -16.82
N ILE B 161 -2.10 -0.49 -16.18
CA ILE B 161 -1.94 0.19 -14.89
C ILE B 161 -2.63 -0.61 -13.79
N ARG B 162 -1.95 -0.74 -12.65
CA ARG B 162 -2.55 -1.38 -11.48
C ARG B 162 -3.30 -0.31 -10.69
N TYR B 163 -4.54 -0.06 -11.08
CA TYR B 163 -5.34 0.95 -10.40
C TYR B 163 -5.63 0.47 -8.99
N GLU B 164 -5.45 1.36 -8.01
CA GLU B 164 -5.75 1.01 -6.62
C GLU B 164 -7.27 0.80 -6.47
N TYR B 165 -8.03 1.58 -7.23
CA TYR B 165 -9.48 1.45 -7.31
C TYR B 165 -9.90 1.25 -8.77
N GLY B 166 -10.59 0.13 -9.03
CA GLY B 166 -11.10 -0.16 -10.38
C GLY B 166 -12.42 0.55 -10.63
N ILE B 167 -13.24 0.01 -11.53
CA ILE B 167 -14.54 0.60 -11.82
C ILE B 167 -15.37 0.53 -10.55
N PHE B 168 -16.00 1.65 -10.19
CA PHE B 168 -16.72 1.78 -8.91
C PHE B 168 -17.73 0.68 -8.69
N ASN B 169 -17.93 0.31 -7.42
CA ASN B 169 -19.06 -0.55 -7.06
C ASN B 169 -20.34 0.28 -7.13
N GLN B 170 -21.34 -0.28 -7.82
CA GLN B 170 -22.63 0.40 -7.99
C GLN B 170 -23.64 -0.07 -6.96
N LYS B 171 -24.18 0.86 -6.18
CA LYS B 171 -25.36 0.61 -5.35
C LYS B 171 -26.54 1.34 -5.95
N ILE B 172 -27.74 0.90 -5.60
CA ILE B 172 -28.96 1.63 -5.96
C ILE B 172 -29.61 2.13 -4.66
N ARG B 173 -29.76 3.45 -4.55
CA ARG B 173 -30.37 4.07 -3.38
C ARG B 173 -31.55 4.91 -3.83
N ASP B 174 -32.74 4.57 -3.32
CA ASP B 174 -33.97 5.23 -3.73
C ASP B 174 -34.10 5.23 -5.25
N GLY B 175 -33.72 4.11 -5.87
CA GLY B 175 -33.83 3.94 -7.31
C GLY B 175 -32.73 4.57 -8.16
N TRP B 176 -31.78 5.24 -7.53
CA TRP B 176 -30.70 5.95 -8.24
C TRP B 176 -29.37 5.23 -8.06
N GLN B 177 -28.52 5.28 -9.07
CA GLN B 177 -27.14 4.83 -8.92
C GLN B 177 -26.40 5.71 -7.89
N VAL B 178 -25.70 5.06 -6.97
CA VAL B 178 -24.69 5.71 -6.17
C VAL B 178 -23.39 4.91 -6.31
N GLU B 179 -22.27 5.61 -6.25
CA GLU B 179 -20.95 5.01 -6.47
C GLU B 179 -20.20 4.82 -5.15
N GLU B 180 -19.58 3.66 -5.00
CA GLU B 180 -18.68 3.40 -3.88
C GLU B 180 -17.31 3.00 -4.42
N ALA B 181 -16.26 3.42 -3.71
CA ALA B 181 -14.89 3.09 -4.13
C ALA B 181 -14.71 1.57 -4.18
N ASP B 182 -14.13 1.12 -5.27
CA ASP B 182 -13.82 -0.30 -5.49
C ASP B 182 -12.49 -0.65 -4.85
N ASP B 183 -12.52 -0.90 -3.55
CA ASP B 183 -11.32 -1.12 -2.74
C ASP B 183 -10.87 -2.59 -2.84
N TRP B 184 -10.56 -3.02 -4.06
CA TRP B 184 -10.35 -4.42 -4.39
C TRP B 184 -9.08 -5.04 -3.78
N LEU B 185 -8.16 -4.21 -3.33
CA LEU B 185 -6.88 -4.68 -2.78
C LEU B 185 -6.84 -4.64 -1.25
N ARG B 186 -7.96 -4.37 -0.60
CA ARG B 186 -8.01 -4.28 0.87
C ARG B 186 -7.38 -5.47 1.59
N TYR B 187 -7.74 -6.68 1.15
CA TYR B 187 -7.22 -7.91 1.80
C TYR B 187 -6.00 -8.49 1.07
N GLY B 188 -5.46 -7.75 0.09
CA GLY B 188 -4.32 -8.21 -0.70
C GLY B 188 -4.78 -8.84 -2.00
N ASN B 189 -3.82 -9.24 -2.84
CA ASN B 189 -4.09 -9.88 -4.12
C ASN B 189 -3.12 -11.06 -4.26
N PRO B 190 -3.61 -12.30 -4.12
CA PRO B 190 -2.72 -13.45 -4.17
C PRO B 190 -2.30 -13.79 -5.60
N TRP B 191 -2.89 -13.13 -6.59
CA TRP B 191 -2.63 -13.40 -8.01
C TRP B 191 -1.69 -12.38 -8.63
N GLU B 192 -0.96 -11.63 -7.81
CA GLU B 192 0.07 -10.75 -8.31
C GLU B 192 1.35 -10.97 -7.53
N LYS B 193 2.48 -10.63 -8.16
CA LYS B 193 3.76 -10.58 -7.47
C LYS B 193 4.36 -9.20 -7.71
N SER B 194 4.57 -8.45 -6.63
N SER B 194 4.56 -8.46 -6.63
CA SER B 194 5.22 -7.15 -6.70
CA SER B 194 5.20 -7.14 -6.67
C SER B 194 6.66 -7.35 -7.08
C SER B 194 6.67 -7.32 -7.04
N ARG B 195 7.17 -6.49 -7.96
CA ARG B 195 8.57 -6.56 -8.40
C ARG B 195 9.20 -5.16 -8.40
N PRO B 196 9.34 -4.57 -7.19
CA PRO B 196 9.88 -3.21 -7.10
C PRO B 196 11.32 -3.11 -7.61
N GLU B 197 12.05 -4.22 -7.62
CA GLU B 197 13.41 -4.24 -8.18
C GLU B 197 13.48 -3.87 -9.67
N PHE B 198 12.35 -4.02 -10.38
CA PHE B 198 12.26 -3.65 -11.79
C PHE B 198 11.59 -2.28 -12.05
N MET B 199 11.55 -1.44 -11.00
N MET B 199 11.52 -1.44 -11.02
CA MET B 199 10.98 -0.09 -11.10
CA MET B 199 10.88 -0.14 -11.17
C MET B 199 11.68 0.73 -12.19
C MET B 199 11.66 0.73 -12.16
N LEU B 200 10.93 1.63 -12.82
CA LEU B 200 11.48 2.47 -13.89
C LEU B 200 10.95 3.90 -13.73
N PRO B 201 11.80 4.90 -14.02
CA PRO B 201 11.41 6.30 -13.89
C PRO B 201 10.59 6.79 -15.07
N VAL B 202 9.57 7.58 -14.77
CA VAL B 202 8.77 8.28 -15.78
C VAL B 202 8.89 9.78 -15.49
N HIS B 203 9.07 10.58 -16.54
CA HIS B 203 9.30 12.02 -16.42
C HIS B 203 8.10 12.85 -16.86
N PHE B 204 7.90 13.98 -16.20
CA PHE B 204 6.81 14.92 -16.51
C PHE B 204 7.30 16.37 -16.43
N TYR B 205 6.60 17.26 -17.12
CA TYR B 205 6.87 18.70 -17.09
C TYR B 205 8.28 19.00 -17.62
N GLY B 206 9.03 19.89 -16.97
CA GLY B 206 10.40 20.18 -17.40
C GLY B 206 10.45 20.99 -18.68
N LYS B 207 11.60 20.93 -19.35
CA LYS B 207 11.85 21.76 -20.53
C LYS B 207 12.90 21.13 -21.43
N VAL B 208 13.01 21.65 -22.65
CA VAL B 208 13.85 21.04 -23.69
C VAL B 208 15.00 21.97 -24.10
N GLU B 209 16.19 21.40 -24.24
CA GLU B 209 17.36 22.10 -24.79
C GLU B 209 17.87 21.29 -25.99
N HIS B 210 18.16 21.97 -27.10
CA HIS B 210 18.60 21.31 -28.32
C HIS B 210 20.11 21.51 -28.43
N THR B 211 20.86 20.62 -27.76
CA THR B 211 22.31 20.79 -27.58
C THR B 211 23.09 20.10 -28.69
N ASN B 212 24.42 20.27 -28.65
CA ASN B 212 25.33 19.67 -29.62
C ASN B 212 25.67 18.19 -29.36
N THR B 213 25.07 17.60 -28.33
CA THR B 213 25.10 16.15 -28.12
C THR B 213 23.70 15.54 -28.18
N GLY B 214 22.75 16.27 -28.77
CA GLY B 214 21.36 15.82 -28.90
C GLY B 214 20.40 16.64 -28.06
N THR B 215 19.11 16.36 -28.20
CA THR B 215 18.07 17.08 -27.47
C THR B 215 17.96 16.51 -26.06
N LYS B 216 17.96 17.40 -25.06
CA LYS B 216 17.87 17.00 -23.66
C LYS B 216 16.59 17.51 -23.02
N TRP B 217 15.83 16.59 -22.43
CA TRP B 217 14.62 16.91 -21.70
C TRP B 217 15.02 16.96 -20.23
N ILE B 218 15.05 18.16 -19.66
CA ILE B 218 15.66 18.42 -18.37
C ILE B 218 14.71 19.06 -17.36
N ASP B 219 15.14 19.10 -16.10
N ASP B 219 15.12 19.09 -16.10
CA ASP B 219 14.36 19.70 -14.99
CA ASP B 219 14.36 19.71 -15.01
C ASP B 219 12.96 19.10 -14.85
C ASP B 219 12.96 19.10 -14.86
N THR B 220 12.85 17.81 -15.14
CA THR B 220 11.57 17.11 -15.08
C THR B 220 11.24 16.70 -13.64
N GLN B 221 9.96 16.45 -13.39
CA GLN B 221 9.53 15.76 -12.17
C GLN B 221 9.52 14.26 -12.49
N VAL B 222 9.96 13.44 -11.54
CA VAL B 222 10.03 12.00 -11.74
C VAL B 222 8.98 11.29 -10.89
N VAL B 223 8.32 10.31 -11.50
CA VAL B 223 7.44 9.38 -10.80
C VAL B 223 7.94 7.98 -11.15
N LEU B 224 8.04 7.10 -10.16
CA LEU B 224 8.51 5.76 -10.37
C LEU B 224 7.35 4.83 -10.72
N ALA B 225 7.60 3.91 -11.64
CA ALA B 225 6.62 2.89 -12.05
C ALA B 225 7.04 1.54 -11.53
N LEU B 226 6.28 1.01 -10.57
CA LEU B 226 6.56 -0.26 -9.92
C LEU B 226 5.65 -1.32 -10.56
N PRO B 227 6.25 -2.36 -11.16
CA PRO B 227 5.47 -3.42 -11.80
C PRO B 227 5.00 -4.52 -10.85
N TYR B 228 3.77 -4.96 -11.10
CA TYR B 228 3.17 -6.11 -10.43
C TYR B 228 2.80 -7.12 -11.50
N ASP B 229 3.22 -8.37 -11.32
CA ASP B 229 3.04 -9.39 -12.35
C ASP B 229 1.97 -10.41 -11.98
N THR B 230 1.04 -10.63 -12.89
CA THR B 230 -0.04 -11.60 -12.72
C THR B 230 0.12 -12.70 -13.78
N PRO B 231 0.04 -13.99 -13.38
CA PRO B 231 0.22 -15.08 -14.34
C PRO B 231 -1.00 -15.25 -15.22
N VAL B 232 -0.76 -15.58 -16.49
CA VAL B 232 -1.80 -15.78 -17.48
C VAL B 232 -1.65 -17.20 -18.05
N PRO B 233 -2.31 -18.18 -17.42
CA PRO B 233 -2.17 -19.57 -17.84
C PRO B 233 -2.92 -19.86 -19.14
N GLY B 234 -2.24 -20.52 -20.07
CA GLY B 234 -2.90 -21.06 -21.24
C GLY B 234 -3.83 -22.18 -20.79
N TYR B 235 -4.86 -22.47 -21.57
CA TYR B 235 -5.73 -23.62 -21.30
C TYR B 235 -4.99 -24.92 -21.65
N MET B 236 -4.73 -25.74 -20.64
CA MET B 236 -4.15 -27.08 -20.81
C MET B 236 -2.95 -27.10 -21.76
N ASN B 237 -1.95 -26.30 -21.41
CA ASN B 237 -0.67 -26.35 -22.10
C ASN B 237 0.43 -25.93 -21.12
N ASN B 238 1.64 -25.71 -21.63
CA ASN B 238 2.78 -25.40 -20.77
C ASN B 238 3.09 -23.91 -20.71
N THR B 239 2.19 -23.08 -21.25
CA THR B 239 2.41 -21.64 -21.31
C THR B 239 1.76 -20.92 -20.14
N VAL B 240 2.55 -20.10 -19.46
CA VAL B 240 2.03 -19.12 -18.51
C VAL B 240 2.71 -17.80 -18.87
N ASN B 241 1.92 -16.92 -19.50
CA ASN B 241 2.36 -15.58 -19.87
C ASN B 241 2.14 -14.62 -18.70
N THR B 242 2.33 -13.32 -18.94
CA THR B 242 2.32 -12.33 -17.87
C THR B 242 1.44 -11.12 -18.22
N MET B 243 0.67 -10.65 -17.24
CA MET B 243 0.10 -9.31 -17.26
C MET B 243 0.91 -8.49 -16.27
N ARG B 244 1.59 -7.47 -16.78
CA ARG B 244 2.45 -6.61 -15.95
C ARG B 244 1.77 -5.25 -15.84
N LEU B 245 1.35 -4.90 -14.62
CA LEU B 245 0.58 -3.69 -14.36
C LEU B 245 1.44 -2.75 -13.52
N TRP B 246 1.54 -1.51 -13.95
CA TRP B 246 2.37 -0.51 -13.26
C TRP B 246 1.62 0.27 -12.18
N SER B 247 2.31 0.52 -11.07
CA SER B 247 1.78 1.30 -9.96
C SER B 247 2.72 2.48 -9.68
N ALA B 248 2.16 3.66 -9.43
CA ALA B 248 2.97 4.90 -9.26
C ALA B 248 3.51 5.09 -7.85
N ARG B 249 4.76 5.52 -7.74
CA ARG B 249 5.41 5.80 -6.44
C ARG B 249 6.28 7.05 -6.55
N ALA B 250 6.37 7.79 -5.45
CA ALA B 250 7.24 8.97 -5.38
C ALA B 250 8.71 8.55 -5.29
N PRO B 251 9.63 9.31 -5.92
CA PRO B 251 11.06 8.99 -5.78
C PRO B 251 11.60 9.40 -4.40
N ASN B 252 12.73 8.82 -3.98
CA ASN B 252 13.27 9.07 -2.64
C ASN B 252 14.51 9.98 -2.60
N ASP B 253 15.31 9.94 -3.67
CA ASP B 253 16.60 10.63 -3.68
C ASP B 253 16.45 12.14 -3.48
N PHE B 254 17.32 12.70 -2.65
CA PHE B 254 17.35 14.15 -2.44
C PHE B 254 17.83 14.85 -3.71
N ASN B 255 17.16 15.93 -4.08
CA ASN B 255 17.56 16.76 -5.21
C ASN B 255 17.97 18.13 -4.71
N LEU B 256 19.14 18.61 -5.14
CA LEU B 256 19.63 19.92 -4.69
C LEU B 256 18.59 21.03 -4.93
N ARG B 257 17.75 20.85 -5.95
CA ARG B 257 16.62 21.75 -6.21
C ARG B 257 15.56 21.75 -5.10
N ASP B 258 15.58 20.74 -4.23
CA ASP B 258 14.73 20.73 -3.04
C ASP B 258 15.24 21.77 -2.04
N GLY B 262 10.63 24.36 3.58
CA GLY B 262 9.28 23.79 3.59
C GLY B 262 9.06 22.83 4.73
N ASP B 263 7.79 22.59 5.05
CA ASP B 263 7.45 21.69 6.14
C ASP B 263 7.80 20.26 5.76
N TYR B 264 8.59 19.59 6.61
CA TYR B 264 8.95 18.19 6.40
C TYR B 264 7.70 17.29 6.29
N ILE B 265 6.77 17.44 7.23
CA ILE B 265 5.57 16.60 7.26
C ILE B 265 4.77 16.77 5.96
N GLN B 266 4.53 18.01 5.56
CA GLN B 266 3.78 18.27 4.32
C GLN B 266 4.46 17.71 3.08
N ALA B 267 5.80 17.79 3.04
CA ALA B 267 6.56 17.24 1.93
C ALA B 267 6.35 15.72 1.81
N VAL B 268 6.34 15.02 2.94
CA VAL B 268 6.09 13.58 2.92
C VAL B 268 4.65 13.28 2.49
N LEU B 269 3.68 14.01 3.03
CA LEU B 269 2.28 13.85 2.63
C LEU B 269 2.09 14.07 1.12
N ASP B 270 2.79 15.07 0.58
CA ASP B 270 2.69 15.43 -0.84
C ASP B 270 3.22 14.36 -1.81
N ARG B 271 3.89 13.32 -1.31
CA ARG B 271 4.19 12.14 -2.11
C ARG B 271 2.91 11.51 -2.70
N ASN B 272 1.78 11.74 -2.04
CA ASN B 272 0.46 11.30 -2.53
C ASN B 272 0.18 11.76 -3.97
N LEU B 273 0.66 12.94 -4.32
CA LEU B 273 0.38 13.55 -5.62
C LEU B 273 0.93 12.70 -6.77
N ALA B 274 2.16 12.20 -6.64
CA ALA B 274 2.75 11.31 -7.64
C ALA B 274 2.04 9.97 -7.64
N GLU B 275 1.72 9.46 -6.46
CA GLU B 275 1.04 8.18 -6.31
C GLU B 275 -0.42 8.21 -6.82
N ASN B 276 -1.02 9.40 -6.90
CA ASN B 276 -2.36 9.55 -7.47
C ASN B 276 -2.49 9.12 -8.93
N ILE B 277 -1.38 9.07 -9.67
CA ILE B 277 -1.44 8.72 -11.08
C ILE B 277 -2.10 7.34 -11.29
N SER B 278 -1.79 6.37 -10.44
CA SER B 278 -2.39 5.03 -10.58
C SER B 278 -3.51 4.78 -9.57
N ARG B 279 -4.11 5.83 -9.02
CA ARG B 279 -5.09 5.67 -7.95
C ARG B 279 -6.41 5.06 -8.41
N VAL B 280 -6.95 5.56 -9.51
CA VAL B 280 -8.30 5.18 -9.91
C VAL B 280 -8.50 5.18 -11.43
N LEU B 281 -9.21 4.15 -11.90
CA LEU B 281 -9.64 4.04 -13.28
C LEU B 281 -10.66 5.13 -13.60
N TYR B 282 -10.43 5.87 -14.70
CA TYR B 282 -11.45 6.78 -15.20
C TYR B 282 -12.66 5.97 -15.69
N PRO B 283 -13.85 6.19 -15.07
CA PRO B 283 -14.99 5.29 -15.25
C PRO B 283 -15.90 5.62 -16.45
N ASN B 284 -15.30 6.09 -17.54
CA ASN B 284 -16.04 6.46 -18.73
C ASN B 284 -15.93 5.39 -19.79
N ASP B 285 -17.08 5.05 -20.38
CA ASP B 285 -17.14 4.09 -21.45
C ASP B 285 -17.54 4.84 -22.72
N ASN B 286 -16.69 4.81 -23.74
CA ASN B 286 -16.99 5.52 -25.00
C ASN B 286 -17.22 7.01 -24.78
N PHE B 287 -16.32 7.64 -24.05
CA PHE B 287 -16.45 9.07 -23.75
C PHE B 287 -15.12 9.65 -23.31
N PHE B 288 -14.70 10.70 -24.02
CA PHE B 288 -13.42 11.37 -23.76
C PHE B 288 -13.59 12.51 -22.76
N GLU B 289 -12.78 12.47 -21.70
CA GLU B 289 -12.69 13.53 -20.72
C GLU B 289 -11.22 13.98 -20.70
N GLY B 290 -10.96 15.22 -21.12
CA GLY B 290 -9.59 15.72 -21.25
C GLY B 290 -8.96 16.20 -19.96
N LYS B 291 -8.96 15.35 -18.94
CA LYS B 291 -8.38 15.72 -17.64
C LYS B 291 -6.87 15.48 -17.64
N GLU B 292 -6.12 16.39 -17.03
CA GLU B 292 -4.67 16.26 -16.97
C GLU B 292 -4.22 14.95 -16.29
N LEU B 293 -4.93 14.53 -15.24
CA LEU B 293 -4.55 13.29 -14.57
C LEU B 293 -4.67 12.08 -15.52
N ARG B 294 -5.68 12.08 -16.38
CA ARG B 294 -5.82 11.02 -17.38
C ARG B 294 -4.67 11.03 -18.38
N LEU B 295 -4.28 12.22 -18.84
CA LEU B 295 -3.11 12.34 -19.70
C LEU B 295 -1.87 11.78 -19.00
N LYS B 296 -1.70 12.10 -17.72
CA LYS B 296 -0.59 11.54 -16.95
C LYS B 296 -0.62 10.02 -16.91
N GLN B 297 -1.81 9.44 -16.73
CA GLN B 297 -1.96 7.97 -16.77
C GLN B 297 -1.51 7.37 -18.10
N GLU B 298 -1.92 8.00 -19.19
CA GLU B 298 -1.58 7.53 -20.53
C GLU B 298 -0.07 7.54 -20.75
N TYR B 299 0.60 8.64 -20.41
CA TYR B 299 2.05 8.68 -20.57
C TYR B 299 2.75 7.71 -19.62
N PHE B 300 2.25 7.62 -18.39
CA PHE B 300 2.84 6.76 -17.35
C PHE B 300 2.96 5.30 -17.84
N VAL B 301 1.85 4.74 -18.29
CA VAL B 301 1.83 3.36 -18.76
C VAL B 301 2.74 3.19 -19.98
N VAL B 302 2.74 4.18 -20.86
CA VAL B 302 3.51 4.14 -22.10
C VAL B 302 5.01 4.19 -21.84
N ALA B 303 5.45 5.12 -20.99
CA ALA B 303 6.87 5.31 -20.74
C ALA B 303 7.49 4.13 -20.00
N ALA B 304 6.79 3.64 -18.98
CA ALA B 304 7.24 2.46 -18.25
C ALA B 304 7.30 1.22 -19.13
N THR B 305 6.23 0.98 -19.90
CA THR B 305 6.15 -0.20 -20.76
C THR B 305 7.27 -0.21 -21.83
N LEU B 306 7.43 0.89 -22.56
N LEU B 306 7.42 0.88 -22.56
CA LEU B 306 8.44 0.95 -23.63
CA LEU B 306 8.43 0.94 -23.64
C LEU B 306 9.84 0.76 -23.05
C LEU B 306 9.86 0.80 -23.08
N GLN B 307 10.10 1.39 -21.92
CA GLN B 307 11.40 1.23 -21.23
C GLN B 307 11.67 -0.24 -20.88
N ASP B 308 10.63 -0.92 -20.39
CA ASP B 308 10.74 -2.33 -20.02
C ASP B 308 10.98 -3.21 -21.25
N ILE B 309 10.25 -2.94 -22.33
CA ILE B 309 10.40 -3.69 -23.59
C ILE B 309 11.84 -3.57 -24.14
N ILE B 310 12.38 -2.37 -24.10
CA ILE B 310 13.72 -2.11 -24.64
C ILE B 310 14.80 -2.76 -23.76
N ARG B 311 14.64 -2.69 -22.45
CA ARG B 311 15.52 -3.38 -21.51
C ARG B 311 15.56 -4.88 -21.82
N ARG B 312 14.40 -5.47 -22.02
CA ARG B 312 14.31 -6.88 -22.32
C ARG B 312 14.97 -7.19 -23.68
N PHE B 313 14.75 -6.31 -24.64
CA PHE B 313 15.33 -6.47 -25.98
C PHE B 313 16.86 -6.42 -25.92
N LYS B 314 17.40 -5.42 -25.23
CA LYS B 314 18.85 -5.24 -25.12
C LYS B 314 19.53 -6.41 -24.40
N ALA B 315 18.81 -7.03 -23.45
CA ALA B 315 19.34 -8.16 -22.70
C ALA B 315 19.20 -9.48 -23.45
N SER B 316 18.43 -9.47 -24.54
CA SER B 316 18.17 -10.69 -25.31
C SER B 316 19.36 -11.01 -26.19
N LYS B 317 19.32 -12.17 -26.82
CA LYS B 317 20.38 -12.60 -27.74
C LYS B 317 20.47 -11.69 -28.97
N PHE B 318 19.34 -11.06 -29.34
CA PHE B 318 19.31 -10.04 -30.41
C PHE B 318 19.80 -8.65 -29.97
N GLY B 319 20.08 -8.48 -28.68
CA GLY B 319 20.65 -7.24 -28.17
C GLY B 319 22.14 -7.08 -28.45
N SER B 320 22.78 -8.17 -28.91
CA SER B 320 24.20 -8.18 -29.22
C SER B 320 24.42 -8.20 -30.74
N THR B 321 25.18 -7.22 -31.24
CA THR B 321 25.52 -7.16 -32.67
C THR B 321 26.89 -6.54 -32.89
N GLY B 325 23.60 -1.12 -38.96
CA GLY B 325 24.54 -1.74 -38.02
C GLY B 325 24.04 -1.75 -36.58
N THR B 326 23.08 -0.87 -36.27
CA THR B 326 22.57 -0.77 -34.90
C THR B 326 21.82 -2.04 -34.49
N VAL B 327 21.89 -2.34 -33.20
CA VAL B 327 21.17 -3.47 -32.64
C VAL B 327 19.66 -3.40 -32.91
N PHE B 328 19.13 -2.19 -33.03
CA PHE B 328 17.68 -2.01 -33.20
C PHE B 328 17.14 -2.33 -34.60
N ASP B 329 18.02 -2.67 -35.55
CA ASP B 329 17.55 -3.10 -36.86
C ASP B 329 16.61 -4.30 -36.75
N ALA B 330 16.88 -5.17 -35.79
CA ALA B 330 16.05 -6.37 -35.57
C ALA B 330 14.84 -6.13 -34.65
N PHE B 331 14.73 -4.92 -34.09
CA PHE B 331 13.67 -4.62 -33.11
C PHE B 331 12.26 -5.02 -33.60
N PRO B 332 11.80 -4.50 -34.76
CA PRO B 332 10.46 -4.92 -35.24
C PRO B 332 10.32 -6.40 -35.67
N ASP B 333 11.43 -7.12 -35.82
CA ASP B 333 11.40 -8.58 -36.01
C ASP B 333 11.27 -9.33 -34.69
N GLN B 334 11.48 -8.60 -33.58
CA GLN B 334 11.45 -9.18 -32.24
C GLN B 334 10.37 -8.58 -31.33
N VAL B 335 9.73 -7.50 -31.78
CA VAL B 335 8.74 -6.79 -30.98
C VAL B 335 7.56 -6.33 -31.84
N ALA B 336 6.35 -6.67 -31.39
CA ALA B 336 5.12 -6.05 -31.88
C ALA B 336 4.44 -5.39 -30.70
N ILE B 337 4.00 -4.14 -30.86
CA ILE B 337 3.22 -3.44 -29.82
C ILE B 337 1.84 -3.07 -30.37
N GLN B 338 0.79 -3.60 -29.76
CA GLN B 338 -0.57 -3.31 -30.18
C GLN B 338 -1.18 -2.23 -29.28
N LEU B 339 -1.71 -1.19 -29.92
CA LEU B 339 -2.31 -0.07 -29.21
C LEU B 339 -3.81 -0.31 -29.12
N ASN B 340 -4.29 -0.51 -27.88
CA ASN B 340 -5.71 -0.74 -27.64
C ASN B 340 -6.43 0.60 -27.60
N ASP B 341 -7.00 0.99 -28.75
CA ASP B 341 -7.58 2.32 -28.94
C ASP B 341 -6.45 3.37 -28.90
N THR B 342 -6.78 4.65 -28.87
CA THR B 342 -5.77 5.71 -28.92
C THR B 342 -5.23 6.07 -27.54
N HIS B 343 -5.71 5.41 -26.49
CA HIS B 343 -5.33 5.78 -25.12
C HIS B 343 -3.81 5.72 -24.89
N PRO B 344 -3.10 4.71 -25.46
CA PRO B 344 -1.63 4.70 -25.42
C PRO B 344 -0.95 5.23 -26.68
N ALA B 345 -1.61 6.13 -27.40
CA ALA B 345 -1.05 6.79 -28.60
C ALA B 345 0.33 7.40 -28.38
N LEU B 346 0.57 7.96 -27.20
CA LEU B 346 1.87 8.55 -26.87
C LEU B 346 3.04 7.57 -26.99
N ALA B 347 2.76 6.26 -27.08
CA ALA B 347 3.79 5.25 -27.31
C ALA B 347 4.57 5.54 -28.59
N ILE B 348 3.90 6.09 -29.60
CA ILE B 348 4.57 6.41 -30.87
C ILE B 348 5.66 7.50 -30.71
N PRO B 349 5.30 8.71 -30.24
CA PRO B 349 6.37 9.70 -29.99
C PRO B 349 7.37 9.30 -28.87
N GLU B 350 6.94 8.50 -27.90
CA GLU B 350 7.87 8.04 -26.87
C GLU B 350 8.94 7.12 -27.46
N LEU B 351 8.57 6.21 -28.36
CA LEU B 351 9.57 5.33 -28.95
C LEU B 351 10.55 6.14 -29.80
N MET B 352 10.02 7.11 -30.54
CA MET B 352 10.87 8.04 -31.29
C MET B 352 11.83 8.80 -30.36
N ARG B 353 11.30 9.30 -29.24
CA ARG B 353 12.13 10.02 -28.27
C ARG B 353 13.28 9.14 -27.79
N ILE B 354 12.98 7.90 -27.41
CA ILE B 354 14.01 6.97 -26.94
C ILE B 354 15.03 6.65 -28.03
N PHE B 355 14.56 6.34 -29.23
CA PHE B 355 15.46 6.00 -30.34
C PHE B 355 16.38 7.16 -30.70
N VAL B 356 15.79 8.35 -30.83
CA VAL B 356 16.53 9.54 -31.27
C VAL B 356 17.36 10.18 -30.16
N ASP B 357 16.74 10.49 -29.02
CA ASP B 357 17.41 11.25 -27.96
C ASP B 357 18.33 10.41 -27.09
N ILE B 358 17.99 9.14 -26.90
CA ILE B 358 18.76 8.27 -26.00
C ILE B 358 19.66 7.33 -26.77
N GLU B 359 19.13 6.63 -27.77
CA GLU B 359 19.89 5.63 -28.52
C GLU B 359 20.63 6.23 -29.72
N LYS B 360 20.35 7.49 -30.02
CA LYS B 360 21.11 8.26 -31.02
C LYS B 360 20.91 7.78 -32.45
N LEU B 361 19.74 7.21 -32.74
CA LEU B 361 19.42 6.81 -34.10
C LEU B 361 18.95 8.03 -34.90
N PRO B 362 19.28 8.07 -36.20
CA PRO B 362 18.73 9.13 -37.05
C PRO B 362 17.21 9.05 -37.10
N TRP B 363 16.56 10.20 -37.24
CA TRP B 363 15.10 10.27 -37.35
C TRP B 363 14.53 9.26 -38.34
N SER B 364 15.07 9.23 -39.56
CA SER B 364 14.55 8.37 -40.62
C SER B 364 14.54 6.90 -40.21
N LYS B 365 15.64 6.44 -39.63
CA LYS B 365 15.75 5.07 -39.15
C LYS B 365 14.76 4.80 -38.00
N ALA B 366 14.74 5.69 -37.03
CA ALA B 366 13.81 5.60 -35.89
C ALA B 366 12.35 5.51 -36.36
N TRP B 367 11.98 6.38 -37.30
CA TRP B 367 10.61 6.42 -37.82
C TRP B 367 10.23 5.14 -38.57
N GLU B 368 11.15 4.61 -39.37
CA GLU B 368 10.99 3.32 -40.02
C GLU B 368 10.70 2.23 -38.99
N LEU B 369 11.55 2.14 -37.98
CA LEU B 369 11.43 1.10 -36.95
C LEU B 369 10.12 1.25 -36.15
N THR B 370 9.77 2.49 -35.85
CA THR B 370 8.54 2.80 -35.12
C THR B 370 7.28 2.30 -35.84
N GLN B 371 7.14 2.62 -37.12
CA GLN B 371 6.00 2.17 -37.90
C GLN B 371 5.87 0.65 -37.96
N LYS B 372 7.01 -0.04 -38.10
CA LYS B 372 7.03 -1.50 -38.17
C LYS B 372 6.73 -2.18 -36.83
N THR B 373 6.88 -1.44 -35.74
CA THR B 373 6.64 -1.93 -34.38
C THR B 373 5.16 -1.84 -34.00
N PHE B 374 4.52 -0.71 -34.32
CA PHE B 374 3.17 -0.40 -33.83
C PHE B 374 2.04 -0.82 -34.77
N ALA B 375 0.95 -1.32 -34.18
CA ALA B 375 -0.33 -1.43 -34.85
C ALA B 375 -1.42 -0.89 -33.93
N TYR B 376 -2.48 -0.35 -34.55
CA TYR B 376 -3.51 0.38 -33.83
C TYR B 376 -4.90 -0.19 -34.09
N THR B 377 -5.63 -0.47 -32.99
CA THR B 377 -7.01 -0.93 -33.06
C THR B 377 -7.97 0.19 -32.68
N ASN B 378 -8.83 0.55 -33.63
CA ASN B 378 -9.89 1.53 -33.44
C ASN B 378 -11.14 0.83 -32.94
N HIS B 379 -11.74 1.34 -31.86
CA HIS B 379 -12.90 0.70 -31.22
C HIS B 379 -14.22 1.48 -31.30
N THR B 380 -14.25 2.65 -31.93
CA THR B 380 -15.51 3.39 -32.01
C THR B 380 -15.46 4.55 -33.00
N VAL B 381 -16.62 4.89 -33.57
CA VAL B 381 -16.75 6.07 -34.42
C VAL B 381 -17.65 7.14 -33.79
N LEU B 382 -18.03 6.97 -32.52
CA LEU B 382 -18.85 7.98 -31.83
C LEU B 382 -17.98 9.20 -31.47
N PRO B 383 -18.36 10.39 -31.96
CA PRO B 383 -17.49 11.58 -31.83
C PRO B 383 -17.15 11.99 -30.38
N GLU B 384 -18.07 11.74 -29.45
CA GLU B 384 -17.84 12.10 -28.04
C GLU B 384 -16.75 11.23 -27.39
N ALA B 385 -16.36 10.13 -28.04
CA ALA B 385 -15.34 9.21 -27.53
C ALA B 385 -13.93 9.54 -28.02
N LEU B 386 -13.82 10.45 -28.99
CA LEU B 386 -12.55 10.68 -29.67
C LEU B 386 -11.58 11.51 -28.84
N GLU B 387 -10.35 11.03 -28.72
CA GLU B 387 -9.36 11.69 -27.90
C GLU B 387 -8.71 12.82 -28.69
N ARG B 388 -8.91 14.04 -28.22
CA ARG B 388 -8.33 15.23 -28.80
C ARG B 388 -7.75 16.07 -27.67
N TRP B 389 -6.44 15.97 -27.45
CA TRP B 389 -5.78 16.66 -26.36
C TRP B 389 -5.38 18.08 -26.75
N PRO B 390 -5.72 19.07 -25.91
CA PRO B 390 -5.28 20.45 -26.15
C PRO B 390 -3.76 20.56 -26.22
N VAL B 391 -3.25 21.27 -27.22
CA VAL B 391 -1.81 21.40 -27.39
C VAL B 391 -1.12 22.06 -26.20
N ASP B 392 -1.76 23.04 -25.57
CA ASP B 392 -1.17 23.74 -24.43
C ASP B 392 -0.96 22.78 -23.23
N LEU B 393 -1.89 21.84 -23.06
CA LEU B 393 -1.78 20.84 -21.99
C LEU B 393 -0.60 19.89 -22.25
N VAL B 394 -0.48 19.43 -23.49
CA VAL B 394 0.64 18.56 -23.88
C VAL B 394 1.96 19.33 -23.85
N GLU B 395 1.95 20.59 -24.25
CA GLU B 395 3.16 21.41 -24.22
C GLU B 395 3.72 21.54 -22.81
N LYS B 396 2.82 21.73 -21.85
CA LYS B 396 3.21 21.87 -20.45
C LYS B 396 3.74 20.57 -19.87
N LEU B 397 3.00 19.47 -20.09
CA LEU B 397 3.32 18.21 -19.44
C LEU B 397 4.42 17.42 -20.15
N LEU B 398 4.41 17.47 -21.48
CA LEU B 398 5.29 16.64 -22.29
C LEU B 398 5.87 17.44 -23.46
N PRO B 399 6.68 18.47 -23.16
CA PRO B 399 7.16 19.38 -24.19
C PRO B 399 7.94 18.70 -25.33
N ARG B 400 8.72 17.67 -25.01
CA ARG B 400 9.50 16.96 -26.04
C ARG B 400 8.60 16.13 -26.94
N HIS B 401 7.54 15.57 -26.37
CA HIS B 401 6.57 14.83 -27.18
C HIS B 401 5.81 15.74 -28.14
N LEU B 402 5.51 16.96 -27.71
CA LEU B 402 4.83 17.88 -28.61
C LEU B 402 5.75 18.19 -29.79
N GLU B 403 7.03 18.47 -29.51
CA GLU B 403 8.01 18.70 -30.59
C GLU B 403 8.02 17.56 -31.60
N ILE B 404 8.08 16.33 -31.08
CA ILE B 404 8.14 15.13 -31.92
C ILE B 404 6.84 14.94 -32.71
N ILE B 405 5.70 15.22 -32.09
CA ILE B 405 4.41 15.15 -32.79
C ILE B 405 4.33 16.21 -33.88
N TYR B 406 4.82 17.42 -33.63
CA TYR B 406 4.85 18.44 -34.68
C TYR B 406 5.72 18.01 -35.86
N GLU B 407 6.86 17.37 -35.58
CA GLU B 407 7.77 16.92 -36.65
C GLU B 407 7.19 15.76 -37.45
N ILE B 408 6.56 14.80 -36.76
CA ILE B 408 5.80 13.75 -37.45
C ILE B 408 4.74 14.37 -38.38
N ASN B 409 4.02 15.37 -37.86
CA ASN B 409 2.99 16.03 -38.65
C ASN B 409 3.57 16.78 -39.87
N GLN B 410 4.68 17.47 -39.67
CA GLN B 410 5.29 18.26 -40.74
C GLN B 410 5.69 17.36 -41.93
N LYS B 411 6.41 16.29 -41.63
CA LYS B 411 6.83 15.33 -42.66
C LYS B 411 5.64 14.61 -43.32
N HIS B 412 4.57 14.42 -42.54
CA HIS B 412 3.31 13.85 -43.01
C HIS B 412 2.66 14.77 -44.03
N LEU B 413 2.46 16.04 -43.65
CA LEU B 413 1.79 17.00 -44.53
C LEU B 413 2.63 17.36 -45.76
N ASP B 414 3.96 17.36 -45.61
CA ASP B 414 4.86 17.57 -46.75
C ASP B 414 4.58 16.53 -47.85
N ARG B 415 4.40 15.27 -47.46
CA ARG B 415 4.07 14.22 -48.41
C ARG B 415 2.71 14.49 -49.07
N ILE B 416 1.74 14.94 -48.29
CA ILE B 416 0.40 15.20 -48.82
C ILE B 416 0.42 16.33 -49.85
N VAL B 417 1.15 17.41 -49.52
CA VAL B 417 1.31 18.55 -50.45
C VAL B 417 2.00 18.12 -51.74
N ALA B 418 2.97 17.21 -51.62
CA ALA B 418 3.69 16.68 -52.78
C ALA B 418 2.78 15.86 -53.70
N LEU B 419 1.80 15.16 -53.13
CA LEU B 419 0.91 14.31 -53.91
C LEU B 419 -0.35 15.05 -54.38
N PHE B 420 -0.77 16.06 -53.63
CA PHE B 420 -1.99 16.81 -53.95
C PHE B 420 -1.78 18.31 -53.77
N PRO B 421 -0.97 18.93 -54.64
CA PRO B 421 -0.60 20.34 -54.49
C PRO B 421 -1.77 21.32 -54.43
N LYS B 422 -2.88 20.99 -55.10
CA LYS B 422 -4.03 21.89 -55.16
C LYS B 422 -5.07 21.66 -54.06
N ASP B 423 -4.91 20.59 -53.28
CA ASP B 423 -5.94 20.19 -52.30
C ASP B 423 -5.61 20.74 -50.91
N VAL B 424 -6.00 22.01 -50.70
CA VAL B 424 -5.71 22.71 -49.44
C VAL B 424 -6.52 22.14 -48.28
N ASP B 425 -7.78 21.81 -48.54
CA ASP B 425 -8.66 21.27 -47.48
C ASP B 425 -8.23 19.86 -47.03
N ARG B 426 -7.56 19.13 -47.90
CA ARG B 426 -7.05 17.80 -47.56
C ARG B 426 -5.96 17.86 -46.48
N LEU B 427 -5.12 18.91 -46.54
CA LEU B 427 -4.13 19.13 -45.48
C LEU B 427 -4.81 19.32 -44.14
N ARG B 428 -5.82 20.19 -44.11
CA ARG B 428 -6.62 20.42 -42.91
C ARG B 428 -7.21 19.12 -42.39
N ARG B 429 -7.79 18.31 -43.29
CA ARG B 429 -8.44 17.07 -42.89
C ARG B 429 -7.48 16.00 -42.35
N MET B 430 -6.25 15.98 -42.87
CA MET B 430 -5.29 14.92 -42.55
C MET B 430 -4.27 15.29 -41.46
N SER B 431 -4.22 16.58 -41.10
CA SER B 431 -3.29 17.03 -40.06
C SER B 431 -3.53 16.31 -38.73
N LEU B 432 -2.45 16.09 -37.98
CA LEU B 432 -2.56 15.59 -36.61
C LEU B 432 -3.06 16.70 -35.69
N ILE B 433 -2.96 17.95 -36.13
CA ILE B 433 -3.39 19.10 -35.36
C ILE B 433 -4.70 19.69 -35.89
N GLU B 434 -5.68 19.86 -34.99
CA GLU B 434 -6.89 20.60 -35.29
C GLU B 434 -6.70 22.04 -34.83
N GLU B 435 -6.82 22.98 -35.77
CA GLU B 435 -6.49 24.39 -35.52
C GLU B 435 -7.66 25.26 -35.08
N GLU B 436 -8.88 24.70 -35.07
CA GLU B 436 -10.10 25.50 -34.89
C GLU B 436 -10.27 26.06 -33.47
N GLY B 437 -9.62 27.19 -33.22
CA GLY B 437 -9.76 27.91 -31.94
C GLY B 437 -8.78 27.40 -30.90
N SER B 438 -9.29 26.55 -30.01
CA SER B 438 -8.42 25.77 -29.13
C SER B 438 -7.79 24.69 -30.00
N LYS B 439 -6.47 24.74 -30.14
CA LYS B 439 -5.76 23.75 -30.94
C LYS B 439 -5.69 22.42 -30.19
N ARG B 440 -5.90 21.32 -30.90
CA ARG B 440 -5.93 19.97 -30.31
C ARG B 440 -5.19 18.96 -31.18
N ILE B 441 -4.68 17.90 -30.55
CA ILE B 441 -4.01 16.82 -31.27
C ILE B 441 -5.02 15.70 -31.50
N ASN B 442 -5.21 15.32 -32.77
CA ASN B 442 -6.06 14.18 -33.11
C ASN B 442 -5.27 12.90 -32.90
N MET B 443 -5.50 12.22 -31.77
CA MET B 443 -4.65 11.07 -31.43
C MET B 443 -4.84 9.89 -32.40
N ALA B 444 -6.04 9.73 -32.95
CA ALA B 444 -6.28 8.68 -33.96
C ALA B 444 -5.38 8.89 -35.19
N HIS B 445 -5.27 10.14 -35.63
CA HIS B 445 -4.40 10.46 -36.76
C HIS B 445 -2.95 10.11 -36.43
N LEU B 446 -2.51 10.44 -35.22
CA LEU B 446 -1.17 10.05 -34.78
C LEU B 446 -0.98 8.54 -34.85
N CYS B 447 -1.96 7.79 -34.35
CA CYS B 447 -1.87 6.32 -34.38
C CYS B 447 -1.83 5.75 -35.80
N ILE B 448 -2.58 6.37 -36.71
CA ILE B 448 -2.61 5.91 -38.10
C ILE B 448 -1.24 6.08 -38.79
N VAL B 449 -0.65 7.26 -38.67
CA VAL B 449 0.62 7.55 -39.37
C VAL B 449 1.81 6.79 -38.74
N GLY B 450 1.74 6.53 -37.44
CA GLY B 450 2.84 5.84 -36.74
C GLY B 450 2.73 4.33 -36.65
N SER B 451 1.70 3.75 -37.28
CA SER B 451 1.46 2.31 -37.25
C SER B 451 1.49 1.72 -38.65
N HIS B 452 1.91 0.47 -38.78
CA HIS B 452 1.91 -0.21 -40.08
C HIS B 452 0.54 -0.84 -40.42
N ALA B 453 -0.28 -1.05 -39.39
CA ALA B 453 -1.61 -1.63 -39.58
C ALA B 453 -2.62 -0.95 -38.67
N VAL B 454 -3.83 -0.74 -39.20
CA VAL B 454 -4.94 -0.15 -38.45
C VAL B 454 -6.10 -1.11 -38.63
N ASN B 455 -6.77 -1.50 -37.54
CA ASN B 455 -7.93 -2.37 -37.68
C ASN B 455 -9.12 -1.91 -36.89
N GLY B 456 -10.30 -2.14 -37.46
CA GLY B 456 -11.57 -2.06 -36.72
C GLY B 456 -11.91 -3.44 -36.19
N VAL B 457 -13.05 -3.53 -35.50
CA VAL B 457 -13.36 -4.70 -34.65
C VAL B 457 -14.58 -5.51 -35.11
N ALA B 458 -15.13 -5.16 -36.26
CA ALA B 458 -16.14 -5.97 -36.94
C ALA B 458 -16.23 -5.45 -38.39
N LYS B 459 -16.72 -6.29 -39.29
CA LYS B 459 -16.69 -5.95 -40.72
C LYS B 459 -17.34 -4.60 -41.02
N ILE B 460 -18.53 -4.38 -40.46
CA ILE B 460 -19.29 -3.15 -40.71
C ILE B 460 -18.51 -1.92 -40.23
N HIS B 461 -17.86 -2.08 -39.07
CA HIS B 461 -17.11 -0.99 -38.45
C HIS B 461 -15.79 -0.72 -39.17
N SER B 462 -15.05 -1.79 -39.47
CA SER B 462 -13.77 -1.66 -40.17
C SER B 462 -13.94 -0.97 -41.54
N ASP B 463 -15.03 -1.30 -42.22
CA ASP B 463 -15.39 -0.64 -43.50
C ASP B 463 -15.67 0.86 -43.34
N ILE B 464 -16.42 1.23 -42.31
CA ILE B 464 -16.71 2.64 -42.02
C ILE B 464 -15.42 3.40 -41.66
N VAL B 465 -14.57 2.75 -40.86
CA VAL B 465 -13.30 3.35 -40.45
C VAL B 465 -12.41 3.64 -41.67
N LYS B 466 -12.32 2.67 -42.57
CA LYS B 466 -11.45 2.75 -43.74
C LYS B 466 -12.00 3.71 -44.81
N THR B 467 -13.26 3.50 -45.20
CA THR B 467 -13.82 4.16 -46.39
C THR B 467 -14.54 5.48 -46.11
N LYS B 468 -14.86 5.76 -44.84
CA LYS B 468 -15.49 7.03 -44.50
C LYS B 468 -14.64 7.85 -43.54
N VAL B 469 -14.49 7.40 -42.31
CA VAL B 469 -13.83 8.22 -41.28
C VAL B 469 -12.38 8.57 -41.64
N PHE B 470 -11.63 7.60 -42.13
CA PHE B 470 -10.22 7.81 -42.49
C PHE B 470 -9.97 7.54 -43.98
N LYS B 471 -10.97 7.86 -44.79
CA LYS B 471 -10.90 7.78 -46.26
C LYS B 471 -9.63 8.39 -46.86
N ASP B 472 -9.30 9.61 -46.43
CA ASP B 472 -8.09 10.28 -46.92
C ASP B 472 -6.82 9.47 -46.67
N PHE B 473 -6.77 8.74 -45.55
CA PHE B 473 -5.61 7.93 -45.20
C PHE B 473 -5.57 6.60 -45.95
N SER B 474 -6.71 5.91 -46.03
CA SER B 474 -6.78 4.63 -46.71
C SER B 474 -6.50 4.76 -48.22
N GLU B 475 -6.95 5.85 -48.83
CA GLU B 475 -6.66 6.10 -50.26
C GLU B 475 -5.15 6.12 -50.53
N LEU B 476 -4.39 6.78 -49.66
CA LEU B 476 -2.94 6.85 -49.79
C LEU B 476 -2.25 5.54 -49.41
N GLU B 477 -2.81 4.82 -48.45
CA GLU B 477 -2.24 3.56 -47.96
C GLU B 477 -3.32 2.50 -47.80
N PRO B 478 -3.78 1.90 -48.92
CA PRO B 478 -4.90 0.97 -48.87
C PRO B 478 -4.66 -0.22 -47.95
N ASP B 479 -3.51 -0.86 -48.10
CA ASP B 479 -3.18 -2.09 -47.38
C ASP B 479 -3.00 -1.93 -45.87
N LYS B 480 -2.93 -0.69 -45.40
CA LYS B 480 -2.77 -0.42 -43.95
C LYS B 480 -4.01 -0.83 -43.15
N PHE B 481 -5.19 -0.66 -43.75
CA PHE B 481 -6.45 -0.81 -43.03
C PHE B 481 -6.98 -2.23 -43.14
N GLN B 482 -7.32 -2.82 -41.99
CA GLN B 482 -7.80 -4.19 -41.90
C GLN B 482 -9.06 -4.29 -41.04
N ASN B 483 -9.69 -5.46 -41.11
CA ASN B 483 -10.68 -5.87 -40.13
C ASN B 483 -10.15 -7.03 -39.29
N LYS B 484 -10.46 -7.00 -37.99
CA LYS B 484 -10.27 -8.17 -37.13
C LYS B 484 -11.51 -8.26 -36.25
N THR B 485 -12.48 -9.07 -36.63
CA THR B 485 -13.73 -9.16 -35.87
C THR B 485 -13.43 -9.67 -34.46
N ASN B 486 -14.06 -9.04 -33.48
CA ASN B 486 -13.82 -9.36 -32.07
C ASN B 486 -14.22 -10.80 -31.76
N GLY B 487 -13.81 -11.25 -30.59
CA GLY B 487 -14.14 -12.58 -30.12
C GLY B 487 -14.12 -12.62 -28.60
N ILE B 488 -14.51 -13.76 -28.05
CA ILE B 488 -14.55 -13.97 -26.61
C ILE B 488 -13.88 -15.30 -26.28
N THR B 489 -13.27 -15.43 -25.12
CA THR B 489 -12.65 -16.70 -24.79
C THR B 489 -13.69 -17.72 -24.33
N PRO B 490 -13.71 -18.91 -24.95
CA PRO B 490 -14.63 -19.96 -24.53
C PRO B 490 -14.21 -20.68 -23.24
N ARG B 491 -13.06 -20.32 -22.66
CA ARG B 491 -12.74 -20.79 -21.33
C ARG B 491 -13.65 -20.07 -20.34
N ARG B 492 -13.41 -18.79 -20.07
CA ARG B 492 -14.27 -18.04 -19.14
C ARG B 492 -15.75 -18.07 -19.55
N TRP B 493 -16.03 -17.91 -20.83
CA TRP B 493 -17.40 -17.68 -21.31
C TRP B 493 -18.13 -18.95 -21.79
N LEU B 494 -17.59 -20.12 -21.48
CA LEU B 494 -18.34 -21.38 -21.63
C LEU B 494 -17.97 -22.40 -20.53
N LEU B 495 -16.72 -22.86 -20.51
CA LEU B 495 -16.32 -23.87 -19.52
C LEU B 495 -16.52 -23.40 -18.09
N LEU B 496 -16.16 -22.15 -17.83
CA LEU B 496 -16.25 -21.59 -16.48
C LEU B 496 -17.69 -21.21 -16.14
N CYS B 497 -18.30 -20.34 -16.94
CA CYS B 497 -19.61 -19.80 -16.61
C CYS B 497 -20.77 -20.81 -16.79
N ASN B 498 -20.58 -21.82 -17.61
CA ASN B 498 -21.67 -22.74 -17.98
C ASN B 498 -21.17 -24.19 -18.12
N PRO B 499 -20.71 -24.77 -16.99
CA PRO B 499 -20.15 -26.11 -17.03
C PRO B 499 -21.12 -27.20 -17.54
N GLY B 500 -22.41 -27.06 -17.25
CA GLY B 500 -23.44 -27.97 -17.79
C GLY B 500 -23.47 -28.01 -19.31
N LEU B 501 -23.42 -26.83 -19.92
CA LEU B 501 -23.42 -26.76 -21.38
C LEU B 501 -22.09 -27.28 -21.96
N ALA B 502 -20.97 -26.91 -21.36
CA ALA B 502 -19.66 -27.40 -21.79
C ALA B 502 -19.58 -28.93 -21.73
N GLU B 503 -20.04 -29.48 -20.62
CA GLU B 503 -20.06 -30.92 -20.40
C GLU B 503 -20.95 -31.62 -21.43
N LEU B 504 -22.13 -31.05 -21.67
CA LEU B 504 -23.08 -31.64 -22.62
C LEU B 504 -22.50 -31.65 -24.02
N ILE B 505 -21.89 -30.55 -24.44
CA ILE B 505 -21.22 -30.50 -25.74
C ILE B 505 -20.08 -31.51 -25.80
N ALA B 506 -19.27 -31.58 -24.75
CA ALA B 506 -18.11 -32.48 -24.71
C ALA B 506 -18.52 -33.95 -24.81
N GLU B 507 -19.61 -34.31 -24.15
CA GLU B 507 -20.13 -35.68 -24.19
C GLU B 507 -20.52 -36.11 -25.61
N LYS B 508 -20.96 -35.15 -26.42
CA LYS B 508 -21.37 -35.44 -27.80
C LYS B 508 -20.21 -35.41 -28.80
N ILE B 509 -19.36 -34.38 -28.74
CA ILE B 509 -18.32 -34.20 -29.78
C ILE B 509 -16.88 -34.15 -29.25
N GLY B 510 -16.68 -34.52 -28.00
CA GLY B 510 -15.37 -34.45 -27.37
C GLY B 510 -14.99 -33.00 -27.06
N GLU B 511 -13.78 -32.80 -26.56
CA GLU B 511 -13.39 -31.48 -26.05
C GLU B 511 -12.42 -30.69 -26.95
N ASP B 512 -12.25 -31.12 -28.20
CA ASP B 512 -11.42 -30.38 -29.15
C ASP B 512 -11.96 -28.97 -29.42
N TYR B 513 -13.26 -28.77 -29.20
CA TYR B 513 -13.89 -27.47 -29.44
C TYR B 513 -13.33 -26.35 -28.52
N VAL B 514 -12.80 -26.70 -27.35
CA VAL B 514 -12.31 -25.69 -26.42
C VAL B 514 -11.17 -24.90 -27.08
N LYS B 515 -10.26 -25.60 -27.76
CA LYS B 515 -9.15 -24.95 -28.46
C LYS B 515 -9.43 -24.61 -29.93
N ASP B 516 -10.51 -25.13 -30.50
CA ASP B 516 -10.94 -24.77 -31.86
C ASP B 516 -12.46 -24.74 -31.89
N LEU B 517 -13.03 -23.57 -31.60
CA LEU B 517 -14.46 -23.46 -31.36
C LEU B 517 -15.28 -23.71 -32.64
N SER B 518 -14.65 -23.60 -33.81
CA SER B 518 -15.31 -23.95 -35.07
C SER B 518 -15.82 -25.39 -35.07
N GLN B 519 -15.28 -26.24 -34.21
CA GLN B 519 -15.76 -27.61 -34.05
C GLN B 519 -17.21 -27.68 -33.59
N LEU B 520 -17.75 -26.58 -33.04
CA LEU B 520 -19.16 -26.54 -32.64
C LEU B 520 -20.12 -26.76 -33.83
N THR B 521 -19.64 -26.58 -35.06
CA THR B 521 -20.45 -26.90 -36.25
C THR B 521 -20.91 -28.36 -36.29
N LYS B 522 -20.15 -29.27 -35.67
CA LYS B 522 -20.54 -30.67 -35.56
C LYS B 522 -21.89 -30.88 -34.86
N LEU B 523 -22.30 -29.92 -34.02
CA LEU B 523 -23.58 -30.01 -33.31
C LEU B 523 -24.78 -29.94 -34.25
N HIS B 524 -24.59 -29.38 -35.45
CA HIS B 524 -25.63 -29.37 -36.50
C HIS B 524 -26.24 -30.73 -36.78
N SER B 525 -25.43 -31.77 -36.65
CA SER B 525 -25.89 -33.13 -36.90
C SER B 525 -26.95 -33.61 -35.89
N PHE B 526 -27.07 -32.92 -34.77
CA PHE B 526 -28.07 -33.23 -33.75
C PHE B 526 -29.39 -32.47 -33.95
N LEU B 527 -29.49 -31.70 -35.03
CA LEU B 527 -30.78 -31.13 -35.42
C LEU B 527 -31.74 -32.30 -35.63
N GLY B 528 -32.95 -32.17 -35.10
CA GLY B 528 -33.94 -33.24 -35.15
C GLY B 528 -33.80 -34.30 -34.08
N ASP B 529 -32.76 -34.22 -33.25
CA ASP B 529 -32.58 -35.17 -32.14
C ASP B 529 -33.31 -34.59 -30.92
N ASP B 530 -34.56 -35.03 -30.70
CA ASP B 530 -35.37 -34.44 -29.64
C ASP B 530 -34.86 -34.79 -28.25
N VAL B 531 -34.15 -35.92 -28.10
CA VAL B 531 -33.53 -36.27 -26.82
C VAL B 531 -32.43 -35.25 -26.47
N PHE B 532 -31.57 -34.94 -27.44
CA PHE B 532 -30.54 -33.92 -27.24
C PHE B 532 -31.11 -32.53 -26.99
N LEU B 533 -32.14 -32.15 -27.74
CA LEU B 533 -32.77 -30.83 -27.55
C LEU B 533 -33.33 -30.69 -26.13
N ARG B 534 -33.90 -31.77 -25.60
CA ARG B 534 -34.38 -31.76 -24.23
C ARG B 534 -33.23 -31.62 -23.23
N GLU B 535 -32.12 -32.29 -23.51
CA GLU B 535 -30.91 -32.17 -22.69
C GLU B 535 -30.41 -30.72 -22.70
N LEU B 536 -30.43 -30.10 -23.87
CA LEU B 536 -30.03 -28.71 -24.04
C LEU B 536 -30.94 -27.80 -23.22
N ALA B 537 -32.24 -28.05 -23.30
CA ALA B 537 -33.22 -27.26 -22.57
C ALA B 537 -33.04 -27.42 -21.07
N LYS B 538 -32.72 -28.63 -20.62
CA LYS B 538 -32.55 -28.88 -19.19
C LYS B 538 -31.37 -28.09 -18.63
N VAL B 539 -30.29 -28.00 -19.38
CA VAL B 539 -29.13 -27.17 -18.96
C VAL B 539 -29.54 -25.71 -18.75
N LYS B 540 -30.29 -25.16 -19.72
CA LYS B 540 -30.79 -23.79 -19.60
C LYS B 540 -31.66 -23.65 -18.36
N GLN B 541 -32.56 -24.60 -18.15
CA GLN B 541 -33.45 -24.58 -17.01
C GLN B 541 -32.72 -24.62 -15.67
N GLU B 542 -31.70 -25.47 -15.56
CA GLU B 542 -30.89 -25.54 -14.35
C GLU B 542 -30.21 -24.19 -14.09
N ASN B 543 -29.66 -23.60 -15.15
CA ASN B 543 -29.05 -22.27 -15.04
C ASN B 543 -30.05 -21.22 -14.56
N LYS B 544 -31.26 -21.26 -15.11
CA LYS B 544 -32.31 -20.32 -14.73
C LYS B 544 -32.74 -20.48 -13.27
N LEU B 545 -32.84 -21.72 -12.80
CA LEU B 545 -33.25 -21.98 -11.42
C LEU B 545 -32.22 -21.42 -10.46
N LYS B 546 -30.94 -21.67 -10.77
CA LYS B 546 -29.84 -21.17 -9.95
CA LYS B 546 -29.83 -21.18 -9.96
C LYS B 546 -29.82 -19.65 -9.93
N PHE B 547 -29.98 -19.02 -11.09
CA PHE B 547 -29.99 -17.56 -11.15
C PHE B 547 -31.24 -16.96 -10.51
N SER B 548 -32.36 -17.69 -10.59
CA SER B 548 -33.59 -17.28 -9.90
C SER B 548 -33.38 -17.21 -8.38
N GLN B 549 -32.58 -18.13 -7.86
CA GLN B 549 -32.24 -18.14 -6.43
C GLN B 549 -31.43 -16.91 -6.06
N PHE B 550 -30.42 -16.59 -6.87
CA PHE B 550 -29.64 -15.35 -6.73
C PHE B 550 -30.57 -14.13 -6.73
N LEU B 551 -31.45 -14.05 -7.73
CA LEU B 551 -32.39 -12.92 -7.84
C LEU B 551 -33.32 -12.80 -6.64
N GLU B 552 -33.85 -13.92 -6.17
CA GLU B 552 -34.75 -13.88 -5.00
C GLU B 552 -33.97 -13.52 -3.72
N THR B 553 -32.73 -13.98 -3.61
CA THR B 553 -31.86 -13.60 -2.49
C THR B 553 -31.53 -12.09 -2.48
N GLU B 554 -31.12 -11.57 -3.64
CA GLU B 554 -30.65 -10.20 -3.75
C GLU B 554 -31.76 -9.15 -3.81
N TYR B 555 -32.89 -9.50 -4.42
CA TYR B 555 -33.96 -8.52 -4.70
C TYR B 555 -35.29 -8.78 -4.01
N LYS B 556 -35.50 -9.99 -3.49
CA LYS B 556 -36.75 -10.29 -2.82
C LYS B 556 -37.93 -9.93 -3.72
N VAL B 557 -37.86 -10.41 -4.96
CA VAL B 557 -38.96 -10.40 -5.91
C VAL B 557 -39.22 -11.87 -6.22
N LYS B 558 -40.48 -12.25 -6.38
CA LYS B 558 -40.80 -13.63 -6.69
C LYS B 558 -40.64 -13.86 -8.20
N ILE B 559 -39.75 -14.79 -8.57
CA ILE B 559 -39.42 -15.05 -9.97
C ILE B 559 -40.24 -16.22 -10.50
N ASN B 560 -40.88 -16.02 -11.66
CA ASN B 560 -41.66 -17.06 -12.33
C ASN B 560 -40.72 -18.00 -13.09
N PRO B 561 -40.61 -19.27 -12.66
CA PRO B 561 -39.66 -20.21 -13.29
C PRO B 561 -39.91 -20.46 -14.77
N SER B 562 -41.15 -20.33 -15.21
CA SER B 562 -41.50 -20.61 -16.61
C SER B 562 -41.41 -19.38 -17.50
N SER B 563 -40.99 -18.25 -16.94
CA SER B 563 -40.92 -17.02 -17.71
C SER B 563 -39.69 -17.00 -18.61
N MET B 564 -39.80 -16.31 -19.73
CA MET B 564 -38.67 -16.03 -20.60
C MET B 564 -37.75 -15.02 -19.89
N PHE B 565 -36.47 -15.37 -19.76
CA PHE B 565 -35.48 -14.44 -19.20
C PHE B 565 -34.94 -13.55 -20.32
N ASP B 566 -35.35 -12.29 -20.27
CA ASP B 566 -35.11 -11.28 -21.28
C ASP B 566 -34.12 -10.28 -20.68
N VAL B 567 -32.90 -10.27 -21.22
CA VAL B 567 -31.76 -9.64 -20.54
C VAL B 567 -31.01 -8.65 -21.42
N GLN B 568 -30.82 -7.43 -20.91
CA GLN B 568 -29.95 -6.43 -21.53
C GLN B 568 -28.94 -5.97 -20.49
N VAL B 569 -27.72 -6.50 -20.56
CA VAL B 569 -26.64 -6.11 -19.66
C VAL B 569 -25.44 -5.61 -20.48
N LYS B 570 -25.00 -4.40 -20.14
CA LYS B 570 -23.98 -3.63 -20.85
C LYS B 570 -23.98 -2.25 -20.19
N ARG B 571 -22.95 -1.44 -20.45
CA ARG B 571 -22.90 -0.10 -19.87
C ARG B 571 -24.11 0.73 -20.30
N ILE B 572 -24.62 1.56 -19.39
CA ILE B 572 -25.80 2.40 -19.70
C ILE B 572 -25.40 3.54 -20.64
N HIS B 573 -26.03 3.59 -21.80
CA HIS B 573 -25.70 4.52 -22.87
C HIS B 573 -26.96 4.88 -23.62
N GLU B 574 -27.03 6.13 -24.10
CA GLU B 574 -28.07 6.48 -25.07
C GLU B 574 -27.96 5.65 -26.36
N TYR B 575 -26.75 5.41 -26.85
CA TYR B 575 -26.60 4.66 -28.11
C TYR B 575 -26.98 3.18 -28.00
N LYS B 576 -26.81 2.60 -26.81
CA LYS B 576 -27.16 1.20 -26.58
C LYS B 576 -28.67 1.01 -26.39
N ARG B 577 -29.36 2.11 -26.11
CA ARG B 577 -30.84 2.16 -26.09
C ARG B 577 -31.53 1.22 -25.09
N GLN B 578 -31.02 1.19 -23.86
CA GLN B 578 -31.78 0.63 -22.74
C GLN B 578 -33.15 1.31 -22.67
N LEU B 579 -33.20 2.60 -23.02
CA LEU B 579 -34.45 3.37 -23.02
C LEU B 579 -35.52 2.72 -23.93
N LEU B 580 -35.11 2.27 -25.11
CA LEU B 580 -36.02 1.60 -26.04
C LEU B 580 -36.59 0.32 -25.40
N ASN B 581 -35.73 -0.48 -24.78
CA ASN B 581 -36.17 -1.65 -24.01
C ASN B 581 -37.23 -1.24 -22.97
N CYS B 582 -36.96 -0.18 -22.23
CA CYS B 582 -37.89 0.31 -21.21
C CYS B 582 -39.26 0.64 -21.81
N LEU B 583 -39.29 1.21 -23.01
CA LEU B 583 -40.56 1.53 -23.69
C LEU B 583 -41.33 0.25 -23.99
N HIS B 584 -40.63 -0.80 -24.39
CA HIS B 584 -41.27 -2.10 -24.59
C HIS B 584 -41.81 -2.70 -23.29
N VAL B 585 -41.06 -2.57 -22.19
CA VAL B 585 -41.52 -3.05 -20.89
C VAL B 585 -42.85 -2.39 -20.50
N ILE B 586 -42.91 -1.07 -20.64
CA ILE B 586 -44.12 -0.31 -20.32
C ILE B 586 -45.26 -0.71 -21.27
N THR B 587 -44.93 -0.95 -22.53
CA THR B 587 -45.90 -1.41 -23.53
C THR B 587 -46.53 -2.74 -23.08
N MET B 588 -45.71 -3.70 -22.66
CA MET B 588 -46.23 -4.98 -22.16
C MET B 588 -47.13 -4.80 -20.94
N TYR B 589 -46.69 -3.98 -20.00
CA TYR B 589 -47.46 -3.68 -18.79
C TYR B 589 -48.87 -3.18 -19.14
N ASN B 590 -48.94 -2.22 -20.06
CA ASN B 590 -50.21 -1.63 -20.47
C ASN B 590 -51.13 -2.62 -21.18
N ARG B 591 -50.55 -3.49 -22.00
CA ARG B 591 -51.32 -4.54 -22.68
C ARG B 591 -51.97 -5.48 -21.66
N ILE B 592 -51.24 -5.82 -20.61
CA ILE B 592 -51.76 -6.69 -19.55
C ILE B 592 -52.90 -6.01 -18.80
N LYS B 593 -52.71 -4.74 -18.45
CA LYS B 593 -53.73 -3.97 -17.73
C LYS B 593 -54.99 -3.73 -18.56
N LYS B 594 -54.83 -3.61 -19.88
CA LYS B 594 -55.95 -3.40 -20.79
C LYS B 594 -56.79 -4.66 -20.99
N ASP B 595 -56.15 -5.83 -21.01
CA ASP B 595 -56.85 -7.10 -21.18
C ASP B 595 -56.20 -8.22 -20.35
N PRO B 596 -56.54 -8.28 -19.05
CA PRO B 596 -55.93 -9.25 -18.12
C PRO B 596 -56.22 -10.72 -18.43
N LYS B 597 -57.30 -11.00 -19.15
CA LYS B 597 -57.65 -12.37 -19.51
C LYS B 597 -56.89 -12.86 -20.74
N LYS B 598 -56.41 -11.92 -21.56
CA LYS B 598 -55.67 -12.25 -22.78
C LYS B 598 -54.43 -13.09 -22.48
N LEU B 599 -54.04 -13.90 -23.46
CA LEU B 599 -52.82 -14.70 -23.35
C LEU B 599 -51.61 -13.75 -23.29
N PHE B 600 -50.74 -13.99 -22.32
CA PHE B 600 -49.48 -13.26 -22.22
C PHE B 600 -48.37 -14.24 -21.88
N VAL B 601 -47.32 -14.29 -22.71
CA VAL B 601 -46.17 -15.13 -22.45
C VAL B 601 -45.32 -14.45 -21.37
N PRO B 602 -45.21 -15.09 -20.19
CA PRO B 602 -44.54 -14.40 -19.10
C PRO B 602 -43.04 -14.16 -19.35
N ARG B 603 -42.55 -13.05 -18.81
CA ARG B 603 -41.15 -12.66 -18.94
C ARG B 603 -40.60 -12.18 -17.60
N THR B 604 -39.31 -12.43 -17.38
CA THR B 604 -38.54 -11.71 -16.38
C THR B 604 -37.59 -10.82 -17.19
N VAL B 605 -37.80 -9.50 -17.09
CA VAL B 605 -36.99 -8.55 -17.85
C VAL B 605 -35.88 -8.02 -16.95
N ILE B 606 -34.65 -8.30 -17.34
CA ILE B 606 -33.48 -7.89 -16.56
C ILE B 606 -32.69 -6.86 -17.36
N ILE B 607 -32.48 -5.70 -16.77
CA ILE B 607 -31.64 -4.68 -17.36
C ILE B 607 -30.61 -4.26 -16.35
N GLY B 608 -29.33 -4.27 -16.74
CA GLY B 608 -28.26 -3.87 -15.84
C GLY B 608 -27.06 -3.25 -16.53
N GLY B 609 -26.28 -2.51 -15.75
CA GLY B 609 -25.09 -1.85 -16.25
C GLY B 609 -24.79 -0.61 -15.45
N LYS B 610 -23.53 -0.19 -15.49
CA LYS B 610 -23.12 1.02 -14.80
C LYS B 610 -23.22 2.25 -15.71
N ALA B 611 -23.56 3.39 -15.12
CA ALA B 611 -23.50 4.68 -15.79
C ALA B 611 -22.22 5.38 -15.37
N ALA B 612 -21.54 6.01 -16.31
CA ALA B 612 -20.41 6.86 -15.95
C ALA B 612 -20.94 7.92 -14.98
N PRO B 613 -20.22 8.18 -13.88
CA PRO B 613 -20.74 9.10 -12.84
C PRO B 613 -21.16 10.49 -13.32
N GLY B 614 -20.48 11.06 -14.32
CA GLY B 614 -20.84 12.38 -14.84
C GLY B 614 -21.89 12.37 -15.95
N TYR B 615 -22.41 11.19 -16.28
CA TYR B 615 -23.31 11.02 -17.42
C TYR B 615 -24.78 11.16 -16.97
N HIS B 616 -25.30 12.38 -17.01
CA HIS B 616 -26.63 12.68 -16.44
C HIS B 616 -27.73 11.83 -17.05
N MET B 617 -27.77 11.73 -18.38
CA MET B 617 -28.88 11.04 -19.03
C MET B 617 -28.88 9.54 -18.70
N ALA B 618 -27.68 8.94 -18.57
CA ALA B 618 -27.58 7.53 -18.20
C ALA B 618 -28.17 7.32 -16.81
N LYS B 619 -27.87 8.23 -15.90
CA LYS B 619 -28.40 8.17 -14.54
C LYS B 619 -29.92 8.34 -14.48
N MET B 620 -30.46 9.21 -15.34
CA MET B 620 -31.91 9.36 -15.47
C MET B 620 -32.57 8.08 -16.00
N ILE B 621 -31.90 7.43 -16.95
CA ILE B 621 -32.40 6.17 -17.51
C ILE B 621 -32.44 5.06 -16.46
N ILE B 622 -31.39 4.94 -15.64
CA ILE B 622 -31.42 3.99 -14.52
C ILE B 622 -32.63 4.26 -13.61
N LYS B 623 -32.86 5.52 -13.27
CA LYS B 623 -33.98 5.88 -12.39
C LYS B 623 -35.33 5.55 -13.03
N LEU B 624 -35.44 5.73 -14.35
CA LEU B 624 -36.67 5.36 -15.06
C LEU B 624 -36.92 3.87 -14.96
N ILE B 625 -35.88 3.07 -15.15
CA ILE B 625 -36.00 1.61 -15.11
C ILE B 625 -36.44 1.13 -13.72
N THR B 626 -35.78 1.62 -12.68
CA THR B 626 -36.12 1.24 -11.31
C THR B 626 -37.54 1.72 -10.93
N SER B 627 -37.94 2.88 -11.45
CA SER B 627 -39.30 3.40 -11.24
C SER B 627 -40.36 2.53 -11.90
N VAL B 628 -40.11 2.14 -13.16
CA VAL B 628 -41.00 1.23 -13.89
C VAL B 628 -41.07 -0.12 -13.19
N ALA B 629 -39.93 -0.64 -12.76
CA ALA B 629 -39.87 -1.92 -12.05
C ALA B 629 -40.76 -1.91 -10.81
N ASP B 630 -40.66 -0.84 -10.02
CA ASP B 630 -41.42 -0.69 -8.79
C ASP B 630 -42.93 -0.79 -9.04
N VAL B 631 -43.41 -0.17 -10.12
CA VAL B 631 -44.82 -0.22 -10.48
C VAL B 631 -45.21 -1.61 -10.99
N VAL B 632 -44.45 -2.13 -11.96
CA VAL B 632 -44.75 -3.41 -12.59
C VAL B 632 -44.73 -4.57 -11.58
N ASN B 633 -43.69 -4.63 -10.75
CA ASN B 633 -43.50 -5.72 -9.80
C ASN B 633 -44.56 -5.76 -8.69
N ASN B 634 -45.14 -4.62 -8.37
CA ASN B 634 -46.09 -4.52 -7.25
C ASN B 634 -47.56 -4.36 -7.66
N ASP B 635 -47.84 -4.43 -8.96
CA ASP B 635 -49.22 -4.38 -9.45
C ASP B 635 -49.81 -5.78 -9.38
N PRO B 636 -50.86 -5.98 -8.56
CA PRO B 636 -51.43 -7.32 -8.37
C PRO B 636 -52.14 -7.86 -9.62
N MET B 637 -52.53 -6.96 -10.51
N MET B 637 -52.53 -6.98 -10.53
CA MET B 637 -53.15 -7.30 -11.79
CA MET B 637 -53.16 -7.41 -11.78
C MET B 637 -52.14 -7.92 -12.77
C MET B 637 -52.13 -7.97 -12.76
N VAL B 638 -50.85 -7.61 -12.57
CA VAL B 638 -49.77 -8.14 -13.41
C VAL B 638 -49.28 -9.48 -12.87
N GLY B 639 -48.86 -9.48 -11.60
CA GLY B 639 -48.43 -10.70 -10.93
C GLY B 639 -47.28 -11.38 -11.64
N SER B 640 -47.35 -12.71 -11.73
CA SER B 640 -46.26 -13.50 -12.28
C SER B 640 -46.12 -13.44 -13.81
N LYS B 641 -46.97 -12.65 -14.48
CA LYS B 641 -46.85 -12.45 -15.92
C LYS B 641 -45.59 -11.66 -16.27
N LEU B 642 -45.21 -10.71 -15.42
CA LEU B 642 -44.11 -9.79 -15.74
C LEU B 642 -43.43 -9.26 -14.50
N LYS B 643 -42.11 -9.49 -14.41
CA LYS B 643 -41.26 -8.93 -13.36
C LYS B 643 -40.06 -8.25 -14.00
N VAL B 644 -39.60 -7.15 -13.40
CA VAL B 644 -38.52 -6.34 -13.94
C VAL B 644 -37.46 -6.15 -12.86
N ILE B 645 -36.20 -6.42 -13.20
CA ILE B 645 -35.09 -6.26 -12.27
C ILE B 645 -34.05 -5.31 -12.86
N PHE B 646 -33.67 -4.28 -12.11
CA PHE B 646 -32.44 -3.57 -12.44
C PHE B 646 -31.30 -4.29 -11.73
N LEU B 647 -30.50 -4.98 -12.53
CA LEU B 647 -29.44 -5.82 -12.04
C LEU B 647 -28.24 -4.96 -11.63
N GLU B 648 -27.98 -4.92 -10.32
CA GLU B 648 -27.04 -3.99 -9.73
C GLU B 648 -25.60 -4.50 -9.82
N ASN B 649 -24.67 -3.56 -9.96
CA ASN B 649 -23.22 -3.82 -9.94
C ASN B 649 -22.76 -4.78 -11.03
N TYR B 650 -23.31 -4.63 -12.23
CA TYR B 650 -22.92 -5.46 -13.35
C TYR B 650 -21.41 -5.37 -13.60
N ARG B 651 -20.79 -6.54 -13.69
CA ARG B 651 -19.35 -6.71 -13.77
C ARG B 651 -19.05 -8.12 -14.26
N VAL B 652 -17.77 -8.43 -14.48
CA VAL B 652 -17.42 -9.70 -15.13
C VAL B 652 -17.99 -10.92 -14.38
N SER B 653 -17.79 -10.97 -13.06
CA SER B 653 -18.28 -12.14 -12.29
C SER B 653 -19.81 -12.29 -12.33
N LEU B 654 -20.53 -11.17 -12.39
CA LEU B 654 -22.00 -11.21 -12.45
C LEU B 654 -22.47 -11.58 -13.87
N ALA B 655 -21.74 -11.09 -14.88
CA ALA B 655 -22.00 -11.50 -16.27
C ALA B 655 -21.95 -13.04 -16.41
N GLU B 656 -20.98 -13.67 -15.76
CA GLU B 656 -20.86 -15.13 -15.74
C GLU B 656 -22.08 -15.85 -15.14
N LYS B 657 -22.80 -15.17 -14.24
CA LYS B 657 -24.00 -15.73 -13.62
C LYS B 657 -25.25 -15.53 -14.48
N VAL B 658 -25.46 -14.32 -14.98
CA VAL B 658 -26.70 -14.03 -15.71
C VAL B 658 -26.72 -14.57 -17.14
N ILE B 659 -25.59 -14.50 -17.84
CA ILE B 659 -25.56 -14.88 -19.25
C ILE B 659 -26.03 -16.32 -19.51
N PRO B 660 -25.49 -17.31 -18.77
CA PRO B 660 -25.98 -18.70 -18.94
C PRO B 660 -27.47 -18.93 -18.64
N ALA B 661 -28.07 -18.02 -17.88
CA ALA B 661 -29.48 -18.13 -17.49
C ALA B 661 -30.43 -17.44 -18.46
N THR B 662 -29.90 -16.88 -19.55
CA THR B 662 -30.66 -16.00 -20.43
C THR B 662 -31.30 -16.75 -21.59
N ASP B 663 -32.56 -16.39 -21.87
CA ASP B 663 -33.29 -16.89 -23.04
C ASP B 663 -33.21 -15.93 -24.22
N LEU B 664 -33.41 -14.64 -23.96
CA LEU B 664 -33.39 -13.59 -24.99
C LEU B 664 -32.35 -12.52 -24.65
N SER B 665 -31.41 -12.34 -25.57
CA SER B 665 -30.34 -11.36 -25.46
C SER B 665 -30.69 -10.10 -26.24
N GLU B 666 -30.70 -8.96 -25.54
CA GLU B 666 -31.02 -7.65 -26.14
C GLU B 666 -29.75 -6.95 -26.65
N GLN B 667 -29.69 -6.71 -27.95
CA GLN B 667 -28.55 -6.10 -28.61
C GLN B 667 -29.07 -5.07 -29.62
N ILE B 668 -29.50 -3.93 -29.09
CA ILE B 668 -30.45 -3.07 -29.80
C ILE B 668 -29.93 -1.66 -30.05
N SER B 669 -28.62 -1.54 -30.20
CA SER B 669 -28.01 -0.26 -30.54
C SER B 669 -28.49 0.24 -31.90
N THR B 670 -28.49 1.55 -32.07
CA THR B 670 -28.85 2.14 -33.36
C THR B 670 -27.83 1.72 -34.40
N ALA B 671 -28.30 1.31 -35.58
CA ALA B 671 -27.40 0.84 -36.63
C ALA B 671 -26.29 1.87 -36.88
N GLY B 672 -25.04 1.41 -36.85
CA GLY B 672 -23.87 2.26 -37.05
C GLY B 672 -23.16 2.74 -35.79
N THR B 673 -23.67 2.38 -34.61
CA THR B 673 -23.15 2.95 -33.36
C THR B 673 -22.31 1.97 -32.51
N GLU B 674 -22.67 0.69 -32.50
CA GLU B 674 -21.89 -0.32 -31.76
C GLU B 674 -20.83 -0.89 -32.70
N ALA B 675 -19.56 -0.58 -32.44
CA ALA B 675 -18.46 -1.01 -33.32
C ALA B 675 -18.48 -2.52 -33.55
N SER B 676 -18.62 -3.28 -32.48
CA SER B 676 -18.75 -4.73 -32.60
C SER B 676 -19.75 -5.28 -31.61
N GLY B 677 -19.48 -5.06 -30.33
CA GLY B 677 -20.17 -5.75 -29.27
C GLY B 677 -19.44 -7.04 -29.01
N THR B 678 -19.43 -7.47 -27.75
CA THR B 678 -18.94 -8.79 -27.38
C THR B 678 -19.91 -9.53 -26.44
N GLY B 679 -20.72 -8.80 -25.68
CA GLY B 679 -21.81 -9.42 -24.91
C GLY B 679 -22.68 -10.28 -25.82
N ASN B 680 -23.02 -9.72 -26.98
CA ASN B 680 -23.78 -10.45 -28.00
C ASN B 680 -23.22 -11.86 -28.24
N MET B 681 -21.91 -11.98 -28.34
CA MET B 681 -21.25 -13.27 -28.60
C MET B 681 -21.37 -14.22 -27.40
N LYS B 682 -21.22 -13.67 -26.20
CA LYS B 682 -21.35 -14.44 -24.96
C LYS B 682 -22.73 -15.10 -24.86
N PHE B 683 -23.78 -14.34 -25.14
CA PHE B 683 -25.15 -14.86 -25.09
C PHE B 683 -25.39 -15.96 -26.14
N MET B 684 -24.91 -15.73 -27.35
CA MET B 684 -25.00 -16.70 -28.45
C MET B 684 -24.33 -18.04 -28.09
N LEU B 685 -23.14 -17.97 -27.49
CA LEU B 685 -22.42 -19.18 -27.08
C LEU B 685 -23.14 -19.94 -25.97
N ASN B 686 -23.94 -19.24 -25.17
CA ASN B 686 -24.57 -19.82 -23.99
C ASN B 686 -26.06 -20.17 -24.11
N GLY B 687 -26.60 -20.16 -25.33
CA GLY B 687 -27.92 -20.74 -25.56
C GLY B 687 -29.08 -19.77 -25.46
N ALA B 688 -28.78 -18.50 -25.67
CA ALA B 688 -29.80 -17.46 -25.78
C ALA B 688 -30.04 -17.14 -27.24
N LEU B 689 -31.27 -16.76 -27.56
CA LEU B 689 -31.57 -16.18 -28.87
C LEU B 689 -31.39 -14.66 -28.78
N THR B 690 -31.11 -14.03 -29.92
CA THR B 690 -30.79 -12.61 -29.96
C THR B 690 -31.87 -11.78 -30.66
N ILE B 691 -32.38 -10.75 -29.98
CA ILE B 691 -33.15 -9.69 -30.62
C ILE B 691 -32.22 -8.49 -30.82
N GLY B 692 -32.07 -8.05 -32.06
CA GLY B 692 -31.16 -6.95 -32.32
C GLY B 692 -31.23 -6.30 -33.68
N THR B 693 -30.48 -5.20 -33.78
CA THR B 693 -30.33 -4.47 -35.02
C THR B 693 -29.20 -5.09 -35.85
N MET B 694 -29.15 -4.72 -37.13
CA MET B 694 -28.00 -5.04 -37.98
C MET B 694 -26.87 -4.05 -37.67
N ASP B 695 -26.20 -4.27 -36.53
CA ASP B 695 -25.13 -3.39 -36.06
C ASP B 695 -23.97 -4.23 -35.52
N GLY B 696 -22.76 -3.68 -35.66
CA GLY B 696 -21.54 -4.35 -35.23
C GLY B 696 -21.48 -5.81 -35.64
N ALA B 697 -21.05 -6.65 -34.71
CA ALA B 697 -20.95 -8.09 -34.97
C ALA B 697 -22.29 -8.82 -35.04
N ASN B 698 -23.41 -8.16 -34.66
CA ASN B 698 -24.74 -8.77 -34.84
C ASN B 698 -24.89 -9.22 -36.30
N VAL B 699 -24.38 -8.41 -37.22
CA VAL B 699 -24.44 -8.72 -38.66
C VAL B 699 -23.74 -10.03 -39.00
N GLU B 700 -22.57 -10.23 -38.40
CA GLU B 700 -21.79 -11.45 -38.61
C GLU B 700 -22.40 -12.66 -37.87
N MET B 701 -23.02 -12.43 -36.71
CA MET B 701 -23.76 -13.50 -36.04
C MET B 701 -24.88 -14.02 -36.96
N ALA B 702 -25.57 -13.10 -37.64
CA ALA B 702 -26.60 -13.47 -38.62
C ALA B 702 -26.02 -14.20 -39.83
N GLU B 703 -24.86 -13.77 -40.30
CA GLU B 703 -24.15 -14.45 -41.41
C GLU B 703 -23.81 -15.89 -41.05
N GLU B 704 -23.35 -16.10 -39.82
CA GLU B 704 -22.92 -17.42 -39.39
C GLU B 704 -24.09 -18.37 -39.12
N ALA B 705 -25.09 -17.89 -38.38
CA ALA B 705 -26.21 -18.71 -37.93
C ALA B 705 -27.38 -18.74 -38.92
N GLY B 706 -27.42 -17.79 -39.85
CA GLY B 706 -28.59 -17.57 -40.70
C GLY B 706 -29.48 -16.48 -40.12
N GLU B 707 -29.81 -15.50 -40.95
CA GLU B 707 -30.55 -14.34 -40.49
C GLU B 707 -31.90 -14.71 -39.86
N GLU B 708 -32.55 -15.73 -40.39
N GLU B 708 -32.56 -15.73 -40.40
CA GLU B 708 -33.83 -16.20 -39.88
CA GLU B 708 -33.83 -16.20 -39.88
C GLU B 708 -33.76 -16.78 -38.46
C GLU B 708 -33.76 -16.71 -38.43
N ASN B 709 -32.54 -17.07 -38.00
CA ASN B 709 -32.33 -17.64 -36.66
C ASN B 709 -31.95 -16.61 -35.58
N LEU B 710 -31.96 -15.34 -35.98
CA LEU B 710 -31.91 -14.22 -35.04
C LEU B 710 -33.19 -13.42 -35.23
N PHE B 711 -33.54 -12.65 -34.21
CA PHE B 711 -34.67 -11.73 -34.29
C PHE B 711 -34.17 -10.33 -34.68
N ILE B 712 -33.88 -10.17 -35.96
CA ILE B 712 -33.36 -8.91 -36.48
C ILE B 712 -34.53 -7.96 -36.78
N PHE B 713 -34.35 -6.68 -36.44
CA PHE B 713 -35.37 -5.66 -36.64
C PHE B 713 -34.75 -4.31 -36.90
N GLY B 714 -35.57 -3.37 -37.36
CA GLY B 714 -35.24 -1.96 -37.32
C GLY B 714 -34.47 -1.41 -38.50
N MET B 715 -34.12 -0.13 -38.39
CA MET B 715 -33.37 0.54 -39.43
C MET B 715 -31.99 -0.06 -39.60
N ARG B 716 -31.59 -0.19 -40.87
N ARG B 716 -31.55 -0.16 -40.85
CA ARG B 716 -30.21 -0.54 -41.23
CA ARG B 716 -30.18 -0.53 -41.13
C ARG B 716 -29.40 0.74 -41.30
C ARG B 716 -29.40 0.74 -41.38
N ILE B 717 -28.08 0.61 -41.52
CA ILE B 717 -27.21 1.78 -41.56
C ILE B 717 -27.59 2.78 -42.67
N ASP B 718 -28.04 2.27 -43.81
CA ASP B 718 -28.51 3.12 -44.92
C ASP B 718 -29.84 3.81 -44.60
N ASP B 719 -30.69 3.14 -43.81
CA ASP B 719 -31.96 3.73 -43.39
C ASP B 719 -31.76 4.86 -42.40
N VAL B 720 -30.78 4.71 -41.51
CA VAL B 720 -30.42 5.78 -40.58
C VAL B 720 -29.90 7.00 -41.34
N ALA B 721 -29.09 6.77 -42.36
CA ALA B 721 -28.56 7.85 -43.20
C ALA B 721 -29.67 8.59 -43.94
N ALA B 722 -30.66 7.85 -44.43
CA ALA B 722 -31.80 8.43 -45.16
C ALA B 722 -32.65 9.31 -44.25
N LEU B 723 -32.84 8.88 -43.00
CA LEU B 723 -33.63 9.65 -42.03
C LEU B 723 -32.87 10.91 -41.56
N ASP B 724 -31.54 10.81 -41.48
CA ASP B 724 -30.69 11.96 -41.20
C ASP B 724 -30.79 13.02 -42.31
N LYS B 725 -30.81 12.55 -43.55
CA LYS B 725 -30.93 13.44 -44.72
C LYS B 725 -32.27 14.14 -44.70
N LYS B 726 -33.33 13.35 -44.59
CA LYS B 726 -34.69 13.87 -44.49
C LYS B 726 -34.85 14.79 -43.27
N GLY B 727 -34.30 14.38 -42.14
CA GLY B 727 -34.45 15.08 -40.87
C GLY B 727 -35.35 14.28 -39.94
N TYR B 728 -34.90 14.07 -38.71
CA TYR B 728 -35.64 13.23 -37.75
C TYR B 728 -36.56 14.08 -36.88
N GLU B 729 -37.86 13.85 -37.04
CA GLU B 729 -38.89 14.53 -36.24
C GLU B 729 -39.59 13.48 -35.39
N ALA B 730 -39.15 13.32 -34.15
CA ALA B 730 -39.67 12.29 -33.25
C ALA B 730 -41.16 12.39 -32.99
N LYS B 731 -41.67 13.62 -32.93
CA LYS B 731 -43.10 13.88 -32.70
C LYS B 731 -44.03 13.09 -33.62
N GLU B 732 -43.60 12.87 -34.86
CA GLU B 732 -44.39 12.17 -35.86
C GLU B 732 -44.70 10.72 -35.48
N TYR B 733 -43.74 10.07 -34.84
CA TYR B 733 -43.92 8.68 -34.39
C TYR B 733 -44.84 8.64 -33.18
N TYR B 734 -44.63 9.57 -32.26
CA TYR B 734 -45.48 9.73 -31.08
C TYR B 734 -46.96 9.93 -31.43
N GLU B 735 -47.22 10.74 -32.46
CA GLU B 735 -48.59 11.02 -32.89
C GLU B 735 -49.21 9.89 -33.71
N ALA B 736 -48.39 9.11 -34.40
CA ALA B 736 -48.89 8.03 -35.28
C ALA B 736 -49.06 6.67 -34.59
N LEU B 737 -48.40 6.47 -33.44
CA LEU B 737 -48.42 5.18 -32.75
C LEU B 737 -49.07 5.32 -31.38
N PRO B 738 -50.35 4.91 -31.26
CA PRO B 738 -51.10 5.04 -30.00
C PRO B 738 -50.41 4.43 -28.78
N GLU B 739 -49.79 3.27 -28.94
CA GLU B 739 -49.13 2.60 -27.81
C GLU B 739 -47.91 3.38 -27.31
N LEU B 740 -47.16 3.97 -28.24
CA LEU B 740 -46.04 4.83 -27.87
C LEU B 740 -46.53 6.05 -27.10
N LYS B 741 -47.59 6.69 -27.62
CA LYS B 741 -48.15 7.89 -26.98
C LYS B 741 -48.50 7.64 -25.52
N LEU B 742 -49.17 6.51 -25.25
CA LEU B 742 -49.54 6.16 -23.89
C LEU B 742 -48.29 6.03 -23.01
N VAL B 743 -47.31 5.27 -23.48
CA VAL B 743 -46.05 5.08 -22.75
C VAL B 743 -45.40 6.42 -22.42
N ILE B 744 -45.26 7.26 -23.43
CA ILE B 744 -44.58 8.55 -23.29
C ILE B 744 -45.36 9.49 -22.35
N ASP B 745 -46.68 9.53 -22.50
CA ASP B 745 -47.52 10.38 -21.64
C ASP B 745 -47.42 9.95 -20.18
N GLN B 746 -47.39 8.64 -19.94
CA GLN B 746 -47.24 8.09 -18.58
C GLN B 746 -45.92 8.53 -17.96
N ILE B 747 -44.83 8.37 -18.70
CA ILE B 747 -43.51 8.82 -18.26
C ILE B 747 -43.56 10.34 -18.01
N ASP B 748 -44.12 11.05 -18.98
CA ASP B 748 -44.12 12.51 -18.98
C ASP B 748 -44.97 13.13 -17.87
N ASN B 749 -46.05 12.46 -17.48
CA ASN B 749 -47.05 13.03 -16.57
C ASN B 749 -47.03 12.48 -15.14
N GLY B 750 -46.09 11.58 -14.86
CA GLY B 750 -45.85 11.14 -13.50
C GLY B 750 -46.43 9.80 -13.10
N PHE B 751 -46.91 9.00 -14.07
CA PHE B 751 -47.45 7.66 -13.77
C PHE B 751 -46.43 6.80 -13.02
N PHE B 752 -45.15 6.93 -13.39
CA PHE B 752 -44.07 6.17 -12.76
C PHE B 752 -43.27 6.99 -11.75
N SER B 753 -43.74 8.21 -11.46
CA SER B 753 -43.11 9.04 -10.44
C SER B 753 -44.14 10.00 -9.80
N PRO B 754 -45.18 9.44 -9.16
CA PRO B 754 -46.30 10.24 -8.64
C PRO B 754 -45.89 11.33 -7.64
N LYS B 755 -44.85 11.10 -6.86
CA LYS B 755 -44.36 12.11 -5.92
C LYS B 755 -43.47 13.15 -6.61
N GLN B 756 -43.09 12.90 -7.86
CA GLN B 756 -42.24 13.81 -8.64
C GLN B 756 -42.66 13.77 -10.11
N PRO B 757 -43.86 14.30 -10.42
CA PRO B 757 -44.44 14.18 -11.75
C PRO B 757 -43.55 14.57 -12.93
N ASP B 758 -42.67 15.56 -12.73
CA ASP B 758 -41.80 16.06 -13.81
CA ASP B 758 -41.80 16.07 -13.80
C ASP B 758 -40.37 15.51 -13.71
N LEU B 759 -40.18 14.45 -12.90
CA LEU B 759 -38.85 13.87 -12.71
C LEU B 759 -38.15 13.56 -14.03
N PHE B 760 -38.90 13.03 -15.00
CA PHE B 760 -38.31 12.54 -16.25
C PHE B 760 -38.33 13.56 -17.40
N LYS B 761 -38.45 14.84 -17.06
CA LYS B 761 -38.53 15.92 -18.07
C LYS B 761 -37.34 15.94 -19.02
N ASP B 762 -36.15 15.70 -18.49
CA ASP B 762 -34.93 15.67 -19.30
C ASP B 762 -34.95 14.56 -20.34
N ILE B 763 -35.49 13.41 -19.97
CA ILE B 763 -35.57 12.27 -20.89
C ILE B 763 -36.56 12.60 -22.01
N ILE B 764 -37.71 13.14 -21.63
CA ILE B 764 -38.75 13.52 -22.59
C ILE B 764 -38.24 14.56 -23.59
N ASN B 765 -37.67 15.65 -23.08
CA ASN B 765 -37.07 16.67 -23.93
C ASN B 765 -36.06 16.08 -24.93
N MET B 766 -35.19 15.19 -24.45
CA MET B 766 -34.21 14.53 -25.31
C MET B 766 -34.88 13.72 -26.41
N LEU B 767 -35.87 12.92 -26.04
CA LEU B 767 -36.53 12.02 -26.99
C LEU B 767 -37.20 12.78 -28.14
N PHE B 768 -37.78 13.94 -27.83
CA PHE B 768 -38.50 14.73 -28.83
C PHE B 768 -37.60 15.66 -29.64
N TYR B 769 -36.58 16.25 -29.02
CA TYR B 769 -35.82 17.34 -29.65
C TYR B 769 -34.31 17.12 -29.84
N HIS B 770 -33.73 16.11 -29.18
CA HIS B 770 -32.27 15.92 -29.25
C HIS B 770 -31.84 14.45 -29.19
N ASP B 771 -32.62 13.56 -29.80
CA ASP B 771 -32.32 12.13 -29.77
C ASP B 771 -31.51 11.70 -30.98
N ARG B 772 -30.18 11.67 -30.80
CA ARG B 772 -29.26 11.30 -31.86
C ARG B 772 -29.35 9.83 -32.26
N PHE B 773 -30.03 9.02 -31.45
CA PHE B 773 -30.09 7.57 -31.66
C PHE B 773 -31.50 7.06 -32.00
N LYS B 774 -32.41 8.00 -32.24
CA LYS B 774 -33.67 7.71 -32.93
C LYS B 774 -34.49 6.59 -32.30
N VAL B 775 -34.71 6.71 -30.99
CA VAL B 775 -35.44 5.69 -30.24
C VAL B 775 -36.83 5.43 -30.84
N PHE B 776 -37.61 6.50 -31.04
CA PHE B 776 -38.97 6.34 -31.56
C PHE B 776 -38.98 5.73 -32.97
N ALA B 777 -37.96 6.01 -33.77
CA ALA B 777 -37.91 5.53 -35.15
C ALA B 777 -37.83 4.00 -35.27
N ASP B 778 -37.34 3.33 -34.22
CA ASP B 778 -37.27 1.86 -34.21
C ASP B 778 -38.31 1.22 -33.28
N TYR B 779 -39.10 2.01 -32.58
CA TYR B 779 -40.05 1.48 -31.60
C TYR B 779 -41.04 0.48 -32.22
N GLU B 780 -41.65 0.84 -33.34
CA GLU B 780 -42.67 -0.02 -33.96
C GLU B 780 -42.11 -1.37 -34.40
N ALA B 781 -41.02 -1.35 -35.15
CA ALA B 781 -40.36 -2.58 -35.60
C ALA B 781 -39.90 -3.41 -34.40
N TYR B 782 -39.42 -2.73 -33.37
CA TYR B 782 -38.93 -3.40 -32.16
C TYR B 782 -40.05 -4.20 -31.49
N VAL B 783 -41.18 -3.53 -31.23
CA VAL B 783 -42.31 -4.19 -30.55
C VAL B 783 -42.89 -5.33 -31.39
N LYS B 784 -43.02 -5.14 -32.70
CA LYS B 784 -43.49 -6.21 -33.58
C LYS B 784 -42.54 -7.41 -33.57
N CYS B 785 -41.24 -7.12 -33.52
CA CYS B 785 -40.22 -8.17 -33.42
C CYS B 785 -40.36 -8.94 -32.10
N GLN B 786 -40.50 -8.19 -31.01
CA GLN B 786 -40.72 -8.79 -29.68
C GLN B 786 -41.94 -9.71 -29.62
N ASP B 787 -43.00 -9.34 -30.34
CA ASP B 787 -44.19 -10.19 -30.43
C ASP B 787 -43.84 -11.54 -31.04
N LYS B 788 -42.96 -11.56 -32.04
CA LYS B 788 -42.54 -12.81 -32.68
C LYS B 788 -41.72 -13.69 -31.75
N VAL B 789 -40.89 -13.07 -30.92
CA VAL B 789 -40.11 -13.80 -29.92
C VAL B 789 -41.04 -14.57 -28.99
N SER B 790 -42.09 -13.88 -28.51
CA SER B 790 -43.05 -14.49 -27.60
C SER B 790 -43.75 -15.69 -28.24
N GLN B 791 -44.14 -15.55 -29.50
CA GLN B 791 -44.74 -16.65 -30.26
C GLN B 791 -43.84 -17.87 -30.27
N LEU B 792 -42.56 -17.68 -30.58
CA LEU B 792 -41.62 -18.79 -30.68
C LEU B 792 -41.39 -19.45 -29.33
N TYR B 793 -41.34 -18.65 -28.26
CA TYR B 793 -41.08 -19.19 -26.93
C TYR B 793 -42.16 -20.18 -26.47
N MET B 794 -43.37 -20.05 -27.01
CA MET B 794 -44.46 -21.00 -26.73
C MET B 794 -44.29 -22.37 -27.41
N ASN B 795 -43.29 -22.50 -28.28
CA ASN B 795 -43.01 -23.74 -29.00
C ASN B 795 -41.60 -24.22 -28.65
N PRO B 796 -41.45 -24.92 -27.51
CA PRO B 796 -40.12 -25.35 -27.05
C PRO B 796 -39.26 -26.08 -28.09
N LYS B 797 -39.86 -26.97 -28.89
CA LYS B 797 -39.08 -27.64 -29.93
C LYS B 797 -38.48 -26.65 -30.93
N ALA B 798 -39.30 -25.70 -31.38
CA ALA B 798 -38.86 -24.71 -32.37
C ALA B 798 -37.84 -23.74 -31.76
N TRP B 799 -38.11 -23.34 -30.52
CA TRP B 799 -37.19 -22.44 -29.81
C TRP B 799 -35.82 -23.10 -29.67
N ASN B 800 -35.80 -24.32 -29.12
CA ASN B 800 -34.53 -25.00 -28.89
C ASN B 800 -33.82 -25.44 -30.16
N THR B 801 -34.59 -25.66 -31.22
CA THR B 801 -34.01 -25.87 -32.55
C THR B 801 -33.22 -24.65 -33.00
N MET B 802 -33.82 -23.47 -32.88
CA MET B 802 -33.15 -22.23 -33.24
C MET B 802 -31.93 -21.99 -32.33
N VAL B 803 -32.07 -22.31 -31.05
CA VAL B 803 -30.93 -22.16 -30.12
C VAL B 803 -29.76 -23.01 -30.58
N LEU B 804 -30.03 -24.27 -30.92
CA LEU B 804 -28.97 -25.16 -31.37
C LEU B 804 -28.25 -24.61 -32.60
N LYS B 805 -29.00 -24.03 -33.54
CA LYS B 805 -28.42 -23.42 -34.73
C LYS B 805 -27.52 -22.23 -34.39
N ASN B 806 -27.86 -21.50 -33.32
CA ASN B 806 -27.01 -20.40 -32.84
C ASN B 806 -25.72 -20.91 -32.20
N ILE B 807 -25.83 -21.84 -31.25
CA ILE B 807 -24.66 -22.41 -30.58
C ILE B 807 -23.73 -23.07 -31.60
N ALA B 808 -24.29 -23.86 -32.52
CA ALA B 808 -23.50 -24.57 -33.53
C ALA B 808 -22.80 -23.62 -34.53
N ALA B 809 -23.27 -22.38 -34.63
CA ALA B 809 -22.67 -21.37 -35.52
C ALA B 809 -21.87 -20.29 -34.78
N SER B 810 -21.56 -20.52 -33.51
CA SER B 810 -20.88 -19.51 -32.68
C SER B 810 -19.34 -19.59 -32.75
N GLY B 811 -18.81 -20.64 -33.39
CA GLY B 811 -17.37 -20.90 -33.43
C GLY B 811 -16.53 -19.73 -33.90
N LYS B 812 -17.01 -18.98 -34.89
CA LYS B 812 -16.25 -17.82 -35.39
C LYS B 812 -15.88 -16.83 -34.28
N PHE B 813 -16.71 -16.76 -33.25
CA PHE B 813 -16.59 -15.71 -32.24
C PHE B 813 -15.68 -16.05 -31.06
N SER B 814 -14.91 -17.12 -31.20
CA SER B 814 -13.83 -17.41 -30.26
C SER B 814 -12.70 -16.40 -30.47
N SER B 815 -12.20 -15.83 -29.38
CA SER B 815 -11.05 -14.94 -29.48
C SER B 815 -9.78 -15.67 -29.95
N ASP B 816 -9.79 -17.01 -29.94
CA ASP B 816 -8.67 -17.78 -30.51
C ASP B 816 -8.60 -17.54 -32.02
N ARG B 817 -9.76 -17.52 -32.67
CA ARG B 817 -9.84 -17.16 -34.09
C ARG B 817 -9.35 -15.75 -34.30
N THR B 818 -9.85 -14.81 -33.50
CA THR B 818 -9.42 -13.41 -33.59
C THR B 818 -7.89 -13.27 -33.46
N ILE B 819 -7.32 -13.89 -32.43
CA ILE B 819 -5.87 -13.80 -32.19
C ILE B 819 -5.06 -14.43 -33.33
N LYS B 820 -5.51 -15.57 -33.84
CA LYS B 820 -4.84 -16.19 -35.00
C LYS B 820 -4.73 -15.24 -36.20
N GLU B 821 -5.75 -14.42 -36.43
CA GLU B 821 -5.76 -13.44 -37.52
C GLU B 821 -4.84 -12.25 -37.24
N TYR B 822 -4.85 -11.72 -36.02
CA TYR B 822 -3.87 -10.69 -35.63
C TYR B 822 -2.44 -11.21 -35.81
N ALA B 823 -2.20 -12.44 -35.36
CA ALA B 823 -0.88 -13.07 -35.44
C ALA B 823 -0.39 -13.18 -36.89
N GLN B 824 -1.26 -13.67 -37.75
CA GLN B 824 -0.90 -13.92 -39.16
C GLN B 824 -0.74 -12.63 -39.95
N ASN B 825 -1.68 -11.70 -39.77
CA ASN B 825 -1.82 -10.55 -40.64
C ASN B 825 -1.31 -9.22 -40.07
N ILE B 826 -0.99 -9.18 -38.77
CA ILE B 826 -0.50 -7.95 -38.16
C ILE B 826 0.84 -8.16 -37.42
N TRP B 827 0.91 -9.10 -36.48
CA TRP B 827 2.11 -9.28 -35.65
C TRP B 827 3.22 -10.11 -36.31
N ASN B 828 2.85 -10.97 -37.26
CA ASN B 828 3.80 -11.90 -37.89
C ASN B 828 4.44 -12.85 -36.88
N VAL B 829 3.58 -13.52 -36.12
CA VAL B 829 4.00 -14.53 -35.14
C VAL B 829 3.17 -15.80 -35.34
N GLU B 830 3.74 -16.94 -34.94
CA GLU B 830 3.11 -18.24 -35.14
C GLU B 830 2.66 -18.85 -33.81
N PRO B 831 1.40 -19.29 -33.72
CA PRO B 831 0.98 -20.10 -32.56
C PRO B 831 1.90 -21.29 -32.31
N SER B 832 2.09 -21.64 -31.04
CA SER B 832 3.05 -22.69 -30.65
C SER B 832 2.51 -23.49 -29.46
C1 NBG C . 13.56 10.09 26.75
C2 NBG C . 14.70 10.66 27.62
C3 NBG C . 15.80 9.64 27.87
C4 NBG C . 15.22 8.28 28.30
C5 NBG C . 14.17 7.83 27.28
C6 NBG C . 13.60 6.47 27.65
C7 NBG C . 11.66 11.28 25.72
C8 NBG C . 10.48 12.17 26.03
N1 NBG C . 12.43 11.01 26.78
O3 NBG C . 16.66 10.10 28.90
O2 NBG C . 15.24 11.82 26.98
O4 NBG C . 16.23 7.29 28.43
O5 NBG C . 13.13 8.81 27.21
O6 NBG C . 13.03 6.49 28.95
O7 NBG C . 11.86 10.85 24.60
P PO4 D . 26.24 -28.94 17.18
O1 PO4 D . 27.72 -29.28 17.19
O2 PO4 D . 26.07 -27.48 17.55
O3 PO4 D . 25.68 -29.18 15.80
O4 PO4 D . 25.51 -29.80 18.18
N1 PLP E . 18.91 6.33 19.09
C2 PLP E . 19.26 5.03 18.79
C2A PLP E . 19.30 4.58 17.36
C3 PLP E . 19.57 4.13 19.82
O3 PLP E . 19.92 2.84 19.51
C4 PLP E . 19.54 4.56 21.16
C4A PLP E . 19.83 3.58 22.25
C5 PLP E . 19.17 5.87 21.45
C6 PLP E . 18.86 6.75 20.42
C5A PLP E . 19.12 6.40 22.88
O4P PLP E . 20.39 6.97 23.13
P PLP E . 20.68 8.03 24.32
O1P PLP E . 22.17 8.30 24.26
O2P PLP E . 20.35 7.41 25.66
O3P PLP E . 19.91 9.30 24.06
N1 CFF F . 13.41 23.42 19.57
C2 CFF F . 13.93 22.43 20.44
C10 CFF F . 13.57 24.84 19.93
C6 CFF F . 12.75 23.03 18.38
N3 CFF F . 13.79 21.13 20.13
O11 CFF F . 14.51 22.77 21.50
C12 CFF F . 14.32 20.08 21.02
C4 CFF F . 13.14 20.77 18.94
C5 CFF F . 12.63 21.68 18.08
N9 CFF F . 12.95 19.47 18.53
O13 CFF F . 12.28 23.88 17.59
N7 CFF F . 12.07 20.98 17.09
C8 CFF F . 12.26 19.65 17.36
C14 CFF F . 11.42 21.71 15.98
N 26B G . -7.26 -14.67 18.79
CA 26B G . -7.39 -13.33 18.24
C 26B G . -6.90 -12.34 19.27
O 26B G . -6.69 -12.71 20.45
OXT 26B G . -6.72 -11.15 18.88
C1 26B G . -9.27 -13.91 16.77
C2 26B G . -8.82 -12.96 17.85
O3 26B G . -9.70 -13.13 18.96
C4 26B G . -10.50 -11.99 19.26
C5 26B G . -11.22 -11.45 18.04
C6 26B G . -11.52 -12.41 20.28
C7 26B G . -9.64 -10.90 19.89
C8 26B G . -6.08 -15.33 18.58
O9 26B G . -5.04 -14.76 18.30
C10 26B G . -6.10 -16.82 18.68
C11 26B G . -6.89 -17.44 19.64
C12 26B G . -6.90 -18.82 19.72
C13 26B G . -7.68 -19.45 20.68
C14 26B G . -7.69 -20.83 20.75
C15 26B G . -6.94 -21.58 19.88
C16 26B G . -6.16 -20.96 18.93
C17 26B G . -6.14 -19.57 18.85
C18 26B G . -5.37 -18.95 17.90
C19 26B G . -5.34 -17.57 17.80
N20 26B G . -4.53 -16.90 16.84
C21 26B G . -4.19 -17.38 15.58
O22 26B G . -4.41 -18.52 15.17
N23 26B G . -3.53 -16.43 14.80
C24 26B G . -3.14 -15.20 15.36
C25 26B G . -4.06 -14.17 15.36
C26 26B G . -5.42 -14.37 14.78
C27 26B G . -3.72 -12.96 15.90
C28 26B G . -2.47 -12.77 16.44
C29 26B G . -2.12 -11.44 17.04
C30 26B G . -1.55 -13.80 16.43
C31 26B G . -1.88 -15.02 15.90
C32 26B G . -0.88 -16.11 15.89
C1 MPD H . -21.41 4.01 19.37
C2 MPD H . -21.58 4.55 17.96
O2 MPD H . -21.39 3.43 17.05
CM MPD H . -23.00 5.08 17.76
C3 MPD H . -20.54 5.62 17.59
C4 MPD H . -20.23 6.62 18.71
O4 MPD H . -19.70 5.95 19.83
C5 MPD H . -19.21 7.66 18.24
C1 NBG I . -15.95 -0.47 -27.55
C2 NBG I . -17.15 -0.58 -28.48
C3 NBG I . -17.71 -2.02 -28.60
C4 NBG I . -16.57 -3.00 -28.86
C5 NBG I . -15.48 -2.81 -27.81
C6 NBG I . -14.32 -3.78 -28.05
C7 NBG I . -14.80 1.57 -26.71
C8 NBG I . -14.16 2.87 -27.13
N1 NBG I . -15.34 0.85 -27.70
O3 NBG I . -18.63 -2.11 -29.69
O2 NBG I . -18.13 0.31 -27.99
O4 NBG I . -17.02 -4.35 -28.87
O5 NBG I . -14.97 -1.47 -27.85
O6 NBG I . -13.83 -3.58 -29.36
O7 NBG I . -14.81 1.20 -25.55
N1 PLP J . -19.22 -5.38 -19.40
C2 PLP J . -18.99 -6.64 -18.94
C2A PLP J . -18.88 -6.86 -17.45
C3 PLP J . -18.85 -7.71 -19.83
O3 PLP J . -18.63 -8.96 -19.34
C4 PLP J . -18.97 -7.49 -21.21
C4A PLP J . -18.62 -8.60 -22.15
C5 PLP J . -19.20 -6.18 -21.67
C6 PLP J . -19.33 -5.14 -20.75
C5A PLP J . -19.35 -5.83 -23.13
O4P PLP J . -20.74 -5.93 -23.42
P PLP J . -21.42 -5.30 -24.74
O1P PLP J . -22.87 -5.70 -24.69
O2P PLP J . -20.80 -5.88 -25.98
O3P PLP J . -21.30 -3.80 -24.68
N1 CFF K . -22.10 12.21 -22.01
C2 CFF K . -22.08 10.99 -22.74
C10 CFF K . -22.86 13.36 -22.52
C6 CFF K . -21.39 12.31 -20.79
N3 CFF K . -21.39 9.94 -22.28
O11 CFF K . -22.71 10.89 -23.81
C12 CFF K . -21.35 8.66 -23.01
C4 CFF K . -20.69 10.06 -21.06
C5 CFF K . -20.67 11.21 -20.34
N9 CFF K . -19.96 9.04 -20.50
O13 CFF K . -21.38 13.37 -20.13
N7 CFF K . -19.91 10.97 -19.28
C8 CFF K . -19.47 9.66 -19.36
C14 CFF K . -19.70 12.04 -18.28
O1 MES L . -30.63 -4.78 -3.45
C2 MES L . -30.30 -3.71 -2.55
C3 MES L . -30.59 -2.36 -3.22
N4 MES L . -31.92 -2.38 -3.81
C5 MES L . -32.52 -3.58 -4.41
C6 MES L . -32.03 -4.83 -3.69
C7 MES L . -32.70 -1.14 -3.79
C8 MES L . -33.25 -0.84 -5.18
S MES L . -34.26 0.48 -5.12
O1S MES L . -34.80 0.75 -6.47
O2S MES L . -35.37 0.20 -4.19
O3S MES L . -33.52 1.67 -4.61
N 26B M . 13.50 -12.16 -17.05
CA 26B M . 13.02 -10.82 -16.69
C 26B M . 12.21 -10.30 -17.86
O 26B M . 12.21 -10.88 -18.97
OXT 26B M . 11.53 -9.27 -17.66
C1 26B M . 14.88 -10.33 -15.17
C2 26B M . 14.12 -9.82 -16.37
O3 26B M . 15.04 -9.72 -17.47
C4 26B M . 15.29 -8.39 -17.94
C5 26B M . 15.79 -7.50 -16.83
C6 26B M . 16.33 -8.46 -19.02
C7 26B M . 14.05 -7.82 -18.57
C8 26B M . 12.72 -13.24 -16.68
O9 26B M . 11.53 -13.16 -16.44
C10 26B M . 13.40 -14.56 -16.58
C11 26B M . 14.43 -14.86 -17.45
C12 26B M . 15.08 -16.08 -17.37
C13 26B M . 16.10 -16.36 -18.24
C14 26B M . 16.75 -17.58 -18.17
C15 26B M . 16.38 -18.50 -17.21
C16 26B M . 15.35 -18.21 -16.33
C17 26B M . 14.70 -16.99 -16.42
C18 26B M . 13.67 -16.70 -15.54
C19 26B M . 13.01 -15.48 -15.61
N20 26B M . 11.94 -15.15 -14.74
C21 26B M . 11.79 -15.54 -13.43
O22 26B M . 12.44 -16.42 -12.87
N23 26B M . 10.77 -14.85 -12.75
C24 26B M . 9.94 -13.96 -13.45
C25 26B M . 10.31 -12.64 -13.62
C26 26B M . 11.61 -12.13 -13.08
C27 26B M . 9.50 -11.78 -14.32
C28 26B M . 8.29 -12.23 -14.83
C29 26B M . 7.41 -11.30 -15.58
C30 26B M . 7.92 -13.53 -14.65
C31 26B M . 8.73 -14.40 -13.96
C32 26B M . 8.31 -15.82 -13.78
N 26B N . -43.66 -29.85 -25.80
CA 26B N . -45.11 -29.89 -25.85
C 26B N . -45.50 -31.01 -26.77
O 26B N . -44.65 -31.63 -27.46
OXT 26B N . -46.73 -31.27 -26.82
C1 26B N . -45.33 -27.51 -25.36
C2 26B N . -45.69 -28.59 -26.36
O3 26B N . -45.10 -28.29 -27.64
C4 26B N . -46.01 -27.71 -28.57
C5 26B N . -46.44 -26.34 -28.09
C6 26B N . -45.27 -27.56 -29.89
C7 26B N . -47.21 -28.60 -28.80
C8 26B N . -43.00 -30.04 -24.60
O9 26B N . -43.53 -30.35 -23.54
C10 26B N . -41.54 -29.81 -24.66
C11 26B N . -40.85 -30.20 -25.79
C12 26B N . -39.49 -30.00 -25.86
C13 26B N . -38.80 -30.38 -26.99
C14 26B N . -37.43 -30.17 -27.06
C15 26B N . -36.78 -29.58 -26.00
C16 26B N . -37.47 -29.19 -24.87
C17 26B N . -38.83 -29.39 -24.80
C18 26B N . -39.52 -29.01 -23.68
C19 26B N . -40.88 -29.21 -23.60
N20 26B N . -41.62 -28.85 -22.48
C21 26B N . -41.46 -27.67 -21.78
O22 26B N . -40.72 -26.75 -22.08
N23 26B N . -42.26 -27.65 -20.66
C24 26B N . -43.61 -28.04 -20.74
C25 26B N . -44.51 -27.27 -21.43
C26 26B N . -44.09 -26.01 -22.10
C27 26B N . -45.83 -27.67 -21.51
C28 26B N . -46.22 -28.84 -20.89
C29 26B N . -47.65 -29.27 -20.97
C30 26B N . -45.32 -29.61 -20.20
C31 26B N . -44.00 -29.21 -20.13
C32 26B N . -43.04 -30.06 -19.37
#